data_7XRL
#
_entry.id   7XRL
#
_cell.length_a   73.718
_cell.length_b   117.246
_cell.length_c   201.550
_cell.angle_alpha   90.000
_cell.angle_beta   90.000
_cell.angle_gamma   90.000
#
_symmetry.space_group_name_H-M   'P 21 21 21'
#
loop_
_entity.id
_entity.type
_entity.pdbx_description
1 polymer 'Diol dehydrase alpha subunit'
2 polymer 'Diol dehydrase beta subunit'
3 polymer 'Diol dehydrase gamma subunit'
4 non-polymer S-1,2-PROPANEDIOL
5 non-polymer 'CALCIUM ION'
6 non-polymer 'POTASSIUM ION'
7 non-polymer 'AMMONIUM ION'
8 non-polymer (2~{R},3~{R},4~{S},5~{R})-2-(6-aminopurin-9-yl)-5-ethyl-oxolane-3,4-diol
9 non-polymer COBALAMIN
10 water water
#
loop_
_entity_poly.entity_id
_entity_poly.type
_entity_poly.pdbx_seq_one_letter_code
_entity_poly.pdbx_strand_id
1 'polypeptide(L)'
;MRSKRFEALAKRPVNQDGFVKEWIEEGFIAMESPNDPKPSIKIVNGAVTELDGKPVSDFDLIDHFIARYGINLNRAEEVM
AMDSVKLANMLCDPNVKRSEIVPLTTAMTPAKIVEVVSHMNVVEMMMAMQKMRARRTPSQQAHVTNVKDNPVQIAADAAE
GAWRGFDEQETTVAVARYAPFNAIALLVGSQVGRPGVLTQCSLEEATELKLGMLGHTCYAETISVYGTEPVFTDGDDTPW
SKGFLASSYASRGLKMRFTSGSGSEVQMGYAEGKSMLYLEARCIYITKAAGVQGLQNGSVSCIGVPSAVPSGIRAVLAEN
LICSSLDLECASSNDQTFTHSDMRRTARLLMQFLPGTDFISSGYSAVPNYDNMFAGSNEDAEDFDDYNVIQRDLKVDGGL
RPVREEDVIAIRNKAARALQAVFAGMGLPPITDEEVEAATYAHGSKDMPERNIVEDIKFAQEIINKNRNGLEVVKALAQG
GFTDVAQDMLNIQKAKLTGDYLHTSAIIVGDGQVLSAVNDVNDYAGPATGYRLQGERWEEIKNIPGALDPNEID
;
A,D
2 'polypeptide(L)'
;MSSHHHHHHSAALEVLFQGPGGFLTEVGEARQGTQQDEVIIAVGPAFGLAQTVNIVGIPHKSILREVIAGIEEEGIKARV
IRCFKSSDVAFVAVEGNRLSGSGISIGIQSKGTTVIHQQGLPPLSNLELFPQAPLLTLETYRQIGKNAARYAKRESPQPV
PTLNDQMARPKYQAKSAILHIKETKYVVTGKNPQELRVAL
;
B,E
3 'polypeptide(L)'
;MARVSDYPLANKHPEWVKTATNKTLDDFTLENVLSNKVTAQDMRITPETLRLQASIAKDAGRDRLAMNFERAAELTAVPD
DRILEIYNALRPYRSTKEELLAIADDLESRYQAKICAAFVREAATLYVERKKLKGDD
;
C,F
#
loop_
_chem_comp.id
_chem_comp.type
_chem_comp.name
_chem_comp.formula
B12 non-polymer COBALAMIN 'C62 H89 Co N13 O14 P 2'
CA non-polymer 'CALCIUM ION' 'Ca 2'
FWK non-polymer (2~{R},3~{R},4~{S},5~{R})-2-(6-aminopurin-9-yl)-5-ethyl-oxolane-3,4-diol 'C11 H15 N5 O3'
K non-polymer 'POTASSIUM ION' 'K 1'
NH4 non-polymer 'AMMONIUM ION' 'H4 N 1'
PGO non-polymer S-1,2-PROPANEDIOL 'C3 H8 O2'
#
# COMPACT_ATOMS: atom_id res chain seq x y z
N MET A 1 -30.76 -18.72 6.66
CA MET A 1 -30.61 -17.32 7.06
C MET A 1 -29.26 -16.76 6.64
N ARG A 2 -28.89 -15.59 7.18
CA ARG A 2 -27.67 -14.90 6.78
C ARG A 2 -26.49 -15.33 7.63
N SER A 3 -25.33 -15.45 6.97
CA SER A 3 -24.08 -15.61 7.70
C SER A 3 -23.68 -14.30 8.36
N LYS A 4 -23.40 -14.34 9.66
CA LYS A 4 -22.97 -13.15 10.36
C LYS A 4 -21.58 -12.70 9.91
N ARG A 5 -20.76 -13.65 9.42
CA ARG A 5 -19.50 -13.27 8.80
C ARG A 5 -19.75 -12.37 7.59
N PHE A 6 -20.75 -12.72 6.77
CA PHE A 6 -20.99 -11.94 5.56
C PHE A 6 -21.73 -10.64 5.87
N GLU A 7 -22.55 -10.63 6.93
CA GLU A 7 -23.12 -9.37 7.39
C GLU A 7 -22.02 -8.43 7.90
N ALA A 8 -20.99 -8.97 8.56
CA ALA A 8 -19.89 -8.13 8.99
C ALA A 8 -19.15 -7.55 7.79
N LEU A 9 -18.88 -8.38 6.78
CA LEU A 9 -18.24 -7.90 5.56
C LEU A 9 -19.11 -6.91 4.80
N ALA A 10 -20.43 -7.08 4.83
CA ALA A 10 -21.32 -6.16 4.13
C ALA A 10 -21.21 -4.75 4.68
N LYS A 11 -20.87 -4.61 5.96
CA LYS A 11 -20.72 -3.31 6.61
C LYS A 11 -19.43 -2.59 6.24
N ARG A 12 -18.48 -3.27 5.61
CA ARG A 12 -17.15 -2.69 5.44
C ARG A 12 -17.22 -1.55 4.43
N PRO A 13 -16.49 -0.46 4.66
CA PRO A 13 -16.52 0.68 3.73
C PRO A 13 -16.25 0.32 2.28
N VAL A 14 -15.36 -0.66 2.02
CA VAL A 14 -15.02 -0.98 0.64
C VAL A 14 -16.25 -1.43 -0.14
N ASN A 15 -17.24 -2.02 0.54
CA ASN A 15 -18.41 -2.50 -0.17
C ASN A 15 -19.40 -1.40 -0.50
N GLN A 16 -19.07 -0.15 -0.19
CA GLN A 16 -19.79 1.00 -0.70
C GLN A 16 -19.21 1.52 -2.00
N ASP A 17 -18.05 1.03 -2.41
CA ASP A 17 -17.41 1.47 -3.65
C ASP A 17 -18.20 0.96 -4.87
N GLY A 18 -17.97 1.59 -6.02
CA GLY A 18 -18.63 1.17 -7.24
C GLY A 18 -17.77 0.20 -8.02
N PHE A 19 -18.35 -0.94 -8.37
CA PHE A 19 -17.65 -1.98 -9.11
C PHE A 19 -18.52 -2.42 -10.28
N VAL A 20 -17.90 -2.70 -11.42
CA VAL A 20 -18.63 -3.18 -12.59
CA VAL A 20 -18.59 -3.12 -12.62
C VAL A 20 -17.81 -4.27 -13.26
N LYS A 21 -18.53 -5.19 -13.91
CA LYS A 21 -17.85 -6.19 -14.74
C LYS A 21 -17.45 -5.56 -16.07
N GLU A 22 -16.45 -6.14 -16.70
CA GLU A 22 -15.95 -5.60 -17.96
C GLU A 22 -16.99 -5.72 -19.06
N TRP A 23 -16.98 -4.72 -19.96
CA TRP A 23 -17.84 -4.70 -21.15
C TRP A 23 -16.92 -4.37 -22.31
N ILE A 24 -16.33 -5.42 -22.90
CA ILE A 24 -15.23 -5.22 -23.86
C ILE A 24 -15.71 -4.44 -25.09
N GLU A 25 -16.89 -4.78 -25.60
CA GLU A 25 -17.44 -4.15 -26.81
C GLU A 25 -17.52 -2.63 -26.71
N GLU A 26 -17.77 -2.09 -25.51
CA GLU A 26 -17.95 -0.67 -25.32
C GLU A 26 -16.72 0.01 -24.77
N GLY A 27 -15.60 -0.71 -24.67
CA GLY A 27 -14.41 -0.13 -24.10
C GLY A 27 -14.40 -0.04 -22.60
N PHE A 28 -15.32 -0.72 -21.91
CA PHE A 28 -15.33 -0.69 -20.44
C PHE A 28 -14.43 -1.80 -19.94
N ILE A 29 -13.13 -1.54 -20.07
CA ILE A 29 -12.07 -2.48 -19.75
C ILE A 29 -10.80 -1.63 -19.63
N ALA A 30 -10.08 -1.84 -18.53
CA ALA A 30 -8.99 -0.92 -18.20
C ALA A 30 -7.84 -1.06 -19.19
N MET A 31 -7.49 -2.28 -19.57
CA MET A 31 -6.35 -2.54 -20.43
C MET A 31 -6.46 -3.96 -20.96
N GLU A 32 -5.59 -4.30 -21.91
CA GLU A 32 -5.46 -5.67 -22.41
C GLU A 32 -6.76 -6.16 -23.04
N SER A 33 -7.33 -5.31 -23.89
CA SER A 33 -8.55 -5.62 -24.63
C SER A 33 -8.23 -6.28 -25.96
N PRO A 34 -8.95 -7.34 -26.31
CA PRO A 34 -8.80 -7.93 -27.65
C PRO A 34 -9.18 -6.97 -28.77
N ASN A 35 -9.88 -5.87 -28.46
CA ASN A 35 -10.25 -4.88 -29.47
C ASN A 35 -9.16 -3.85 -29.76
N ASP A 36 -8.16 -3.74 -28.91
CA ASP A 36 -7.13 -2.73 -29.15
C ASP A 36 -6.35 -3.07 -30.41
N PRO A 37 -5.93 -2.06 -31.18
CA PRO A 37 -5.25 -2.34 -32.44
C PRO A 37 -3.89 -2.97 -32.22
N LYS A 38 -3.52 -3.83 -33.15
CA LYS A 38 -2.18 -4.41 -33.15
C LYS A 38 -1.18 -3.33 -33.58
N PRO A 39 -0.03 -3.24 -32.91
CA PRO A 39 0.93 -2.18 -33.24
C PRO A 39 1.46 -2.32 -34.66
N SER A 40 1.58 -1.20 -35.36
CA SER A 40 2.18 -1.20 -36.69
C SER A 40 2.52 0.23 -37.07
N ILE A 41 3.45 0.38 -38.00
CA ILE A 41 3.72 1.68 -38.60
C ILE A 41 4.32 1.45 -39.98
N LYS A 42 3.86 2.23 -40.94
CA LYS A 42 4.47 2.27 -42.26
C LYS A 42 4.79 3.71 -42.58
N ILE A 43 5.94 3.93 -43.19
CA ILE A 43 6.45 5.28 -43.47
C ILE A 43 6.93 5.28 -44.92
N VAL A 44 6.55 6.31 -45.67
CA VAL A 44 7.01 6.49 -47.05
C VAL A 44 7.50 7.92 -47.18
N ASN A 45 8.77 8.09 -47.56
CA ASN A 45 9.38 9.42 -47.73
C ASN A 45 9.10 10.31 -46.52
N GLY A 46 9.25 9.75 -45.32
CA GLY A 46 9.13 10.53 -44.10
C GLY A 46 7.71 10.81 -43.63
N ALA A 47 6.69 10.29 -44.30
CA ALA A 47 5.31 10.45 -43.90
C ALA A 47 4.72 9.12 -43.49
N VAL A 48 3.95 9.12 -42.40
CA VAL A 48 3.32 7.90 -41.90
C VAL A 48 2.12 7.59 -42.79
N THR A 49 2.11 6.40 -43.37
CA THR A 49 1.01 5.93 -44.21
C THR A 49 0.11 4.95 -43.48
N GLU A 50 0.55 4.42 -42.35
CA GLU A 50 -0.25 3.50 -41.56
C GLU A 50 0.19 3.59 -40.11
N LEU A 51 -0.77 3.65 -39.20
CA LEU A 51 -0.49 3.78 -37.78
C LEU A 51 -1.37 2.79 -37.02
N ASP A 52 -0.75 1.75 -36.47
CA ASP A 52 -1.45 0.74 -35.66
C ASP A 52 -2.66 0.18 -36.41
N GLY A 53 -2.38 -0.33 -37.61
CA GLY A 53 -3.37 -0.97 -38.44
C GLY A 53 -4.25 -0.04 -39.25
N LYS A 54 -4.20 1.27 -38.98
CA LYS A 54 -5.10 2.21 -39.65
C LYS A 54 -4.39 2.88 -40.81
N PRO A 55 -4.96 2.87 -42.01
CA PRO A 55 -4.35 3.60 -43.12
C PRO A 55 -4.53 5.10 -42.96
N VAL A 56 -3.60 5.86 -43.54
CA VAL A 56 -3.67 7.32 -43.39
C VAL A 56 -4.98 7.88 -43.94
N SER A 57 -5.58 7.20 -44.91
CA SER A 57 -6.87 7.66 -45.45
C SER A 57 -7.95 7.72 -44.37
N ASP A 58 -7.81 6.92 -43.31
CA ASP A 58 -8.80 6.85 -42.24
C ASP A 58 -8.37 7.57 -40.96
N PHE A 59 -7.29 8.36 -41.00
CA PHE A 59 -6.84 9.03 -39.79
C PHE A 59 -7.89 10.03 -39.31
N ASP A 60 -8.12 10.07 -38.00
CA ASP A 60 -8.84 11.20 -37.43
C ASP A 60 -7.82 12.27 -37.02
N LEU A 61 -8.31 13.38 -36.45
CA LEU A 61 -7.39 14.46 -36.10
C LEU A 61 -6.32 13.99 -35.12
N ILE A 62 -6.67 13.05 -34.24
CA ILE A 62 -5.69 12.55 -33.28
C ILE A 62 -4.62 11.72 -33.97
N ASP A 63 -5.03 10.82 -34.89
CA ASP A 63 -4.04 10.07 -35.64
C ASP A 63 -3.11 11.00 -36.42
N HIS A 64 -3.68 11.98 -37.13
CA HIS A 64 -2.87 12.94 -37.87
C HIS A 64 -1.87 13.65 -36.95
N PHE A 65 -2.33 14.13 -35.80
CA PHE A 65 -1.46 14.88 -34.89
C PHE A 65 -0.34 14.00 -34.34
N ILE A 66 -0.68 12.78 -33.92
CA ILE A 66 0.31 11.85 -33.39
C ILE A 66 1.29 11.41 -34.48
N ALA A 67 0.76 11.06 -35.67
CA ALA A 67 1.65 10.57 -36.71
C ALA A 67 2.59 11.67 -37.21
N ARG A 68 2.14 12.92 -37.22
CA ARG A 68 2.98 13.99 -37.75
C ARG A 68 3.96 14.53 -36.73
N TYR A 69 3.60 14.51 -35.44
CA TYR A 69 4.37 15.20 -34.42
C TYR A 69 4.72 14.35 -33.21
N GLY A 70 4.05 13.22 -32.98
CA GLY A 70 4.18 12.55 -31.71
C GLY A 70 5.09 11.36 -31.66
N ILE A 71 5.66 10.94 -32.79
CA ILE A 71 6.46 9.73 -32.88
C ILE A 71 7.77 10.08 -33.55
N ASN A 72 8.88 9.69 -32.94
CA ASN A 72 10.19 9.87 -33.57
C ASN A 72 10.32 8.87 -34.72
N LEU A 73 10.21 9.35 -35.95
CA LEU A 73 10.23 8.46 -37.09
C LEU A 73 11.62 7.95 -37.42
N ASN A 74 12.67 8.44 -36.74
CA ASN A 74 14.01 7.96 -37.07
C ASN A 74 14.21 6.51 -36.67
N ARG A 75 13.56 6.06 -35.59
CA ARG A 75 13.74 4.69 -35.14
C ARG A 75 12.41 3.95 -34.97
N ALA A 76 11.31 4.50 -35.50
CA ALA A 76 10.01 3.87 -35.30
C ALA A 76 9.95 2.48 -35.90
N GLU A 77 10.46 2.31 -37.12
CA GLU A 77 10.42 0.99 -37.74
C GLU A 77 11.31 0.02 -36.98
N GLU A 78 12.46 0.50 -36.51
CA GLU A 78 13.36 -0.34 -35.73
C GLU A 78 12.69 -0.84 -34.45
N VAL A 79 12.08 0.06 -33.67
CA VAL A 79 11.51 -0.34 -32.40
C VAL A 79 10.25 -1.16 -32.60
N MET A 80 9.47 -0.87 -33.66
CA MET A 80 8.30 -1.69 -33.96
C MET A 80 8.68 -3.16 -34.13
N ALA A 81 9.84 -3.42 -34.71
CA ALA A 81 10.29 -4.79 -34.97
C ALA A 81 10.85 -5.48 -33.73
N MET A 82 11.11 -4.75 -32.66
CA MET A 82 11.61 -5.37 -31.44
C MET A 82 10.50 -6.09 -30.69
N ASP A 83 10.88 -7.17 -30.01
CA ASP A 83 9.97 -7.92 -29.18
C ASP A 83 9.48 -7.05 -28.02
N SER A 84 8.16 -6.94 -27.88
CA SER A 84 7.59 -6.06 -26.85
C SER A 84 7.91 -6.54 -25.43
N VAL A 85 8.09 -7.84 -25.23
CA VAL A 85 8.50 -8.33 -23.91
C VAL A 85 9.92 -7.90 -23.61
N LYS A 86 10.82 -8.02 -24.60
CA LYS A 86 12.19 -7.55 -24.40
C LYS A 86 12.22 -6.06 -24.06
N LEU A 87 11.37 -5.28 -24.71
CA LEU A 87 11.30 -3.85 -24.40
C LEU A 87 10.79 -3.61 -22.98
N ALA A 88 9.76 -4.34 -22.56
CA ALA A 88 9.29 -4.25 -21.17
C ALA A 88 10.38 -4.67 -20.20
N ASN A 89 11.12 -5.72 -20.55
CA ASN A 89 12.27 -6.13 -19.75
C ASN A 89 13.27 -4.99 -19.63
N MET A 90 13.59 -4.32 -20.75
CA MET A 90 14.51 -3.19 -20.71
C MET A 90 14.01 -2.09 -19.77
N LEU A 91 12.70 -1.88 -19.73
CA LEU A 91 12.15 -0.81 -18.89
C LEU A 91 12.46 -1.04 -17.42
N CYS A 92 12.33 -2.27 -16.94
CA CYS A 92 12.56 -2.53 -15.52
C CYS A 92 13.95 -3.08 -15.23
N ASP A 93 14.77 -3.31 -16.24
CA ASP A 93 16.17 -3.75 -16.03
C ASP A 93 16.99 -2.60 -15.48
N PRO A 94 17.61 -2.74 -14.29
CA PRO A 94 18.35 -1.59 -13.73
C PRO A 94 19.55 -1.17 -14.56
N ASN A 95 20.03 -2.03 -15.46
CA ASN A 95 21.27 -1.77 -16.17
C ASN A 95 21.06 -1.25 -17.57
N VAL A 96 19.83 -0.97 -17.97
CA VAL A 96 19.56 -0.32 -19.25
C VAL A 96 19.19 1.13 -18.93
N LYS A 97 20.07 2.06 -19.31
CA LYS A 97 19.93 3.45 -18.90
C LYS A 97 18.66 4.09 -19.48
N ARG A 98 18.04 4.97 -18.68
CA ARG A 98 16.95 5.79 -19.18
C ARG A 98 17.30 6.45 -20.52
N SER A 99 18.51 7.00 -20.62
CA SER A 99 18.92 7.68 -21.84
C SER A 99 19.03 6.74 -23.05
N GLU A 100 19.21 5.44 -22.83
CA GLU A 100 19.19 4.48 -23.93
C GLU A 100 17.78 4.09 -24.34
N ILE A 101 16.83 4.17 -23.41
CA ILE A 101 15.45 3.75 -23.64
C ILE A 101 14.65 4.84 -24.34
N VAL A 102 14.83 6.08 -23.93
CA VAL A 102 14.01 7.21 -24.39
C VAL A 102 13.99 7.31 -25.91
N PRO A 103 15.12 7.15 -26.63
CA PRO A 103 15.04 7.19 -28.10
C PRO A 103 14.21 6.07 -28.69
N LEU A 104 14.08 4.95 -27.97
CA LEU A 104 13.24 3.86 -28.44
C LEU A 104 11.77 4.07 -28.09
N THR A 105 11.48 4.39 -26.82
CA THR A 105 10.08 4.58 -26.43
C THR A 105 9.46 5.77 -27.17
N THR A 106 10.21 6.85 -27.38
CA THR A 106 9.62 7.97 -28.10
C THR A 106 9.46 7.68 -29.59
N ALA A 107 9.95 6.54 -30.05
CA ALA A 107 9.73 6.09 -31.42
C ALA A 107 8.63 5.04 -31.52
N MET A 108 8.06 4.62 -30.41
CA MET A 108 6.97 3.65 -30.40
C MET A 108 5.65 4.31 -30.78
N THR A 109 4.79 3.55 -31.47
CA THR A 109 3.41 3.99 -31.66
C THR A 109 2.63 3.85 -30.36
N PRO A 110 1.46 4.51 -30.25
CA PRO A 110 0.62 4.33 -29.05
C PRO A 110 0.29 2.87 -28.75
N ALA A 111 -0.10 2.08 -29.74
CA ALA A 111 -0.38 0.67 -29.46
C ALA A 111 0.88 -0.07 -29.03
N LYS A 112 2.04 0.29 -29.59
CA LYS A 112 3.27 -0.42 -29.28
C LYS A 112 3.63 -0.25 -27.80
N ILE A 113 3.61 0.98 -27.29
CA ILE A 113 4.05 1.19 -25.92
C ILE A 113 3.05 0.61 -24.93
N VAL A 114 1.76 0.62 -25.28
CA VAL A 114 0.75 -0.04 -24.44
C VAL A 114 1.03 -1.54 -24.38
N GLU A 115 1.31 -2.14 -25.53
CA GLU A 115 1.62 -3.57 -25.55
C GLU A 115 2.83 -3.88 -24.67
N VAL A 116 3.83 -3.01 -24.70
CA VAL A 116 5.06 -3.18 -23.91
C VAL A 116 4.73 -3.18 -22.41
N VAL A 117 4.12 -2.10 -21.92
CA VAL A 117 3.88 -2.02 -20.48
C VAL A 117 2.83 -3.04 -20.03
N SER A 118 1.94 -3.48 -20.92
CA SER A 118 0.94 -4.48 -20.53
C SER A 118 1.54 -5.84 -20.22
N HIS A 119 2.80 -6.08 -20.60
CA HIS A 119 3.49 -7.30 -20.17
C HIS A 119 3.96 -7.26 -18.70
N MET A 120 3.76 -6.15 -17.99
CA MET A 120 4.39 -5.93 -16.69
C MET A 120 3.39 -6.04 -15.54
N ASN A 121 3.84 -6.60 -14.41
CA ASN A 121 3.08 -6.53 -13.18
C ASN A 121 3.45 -5.22 -12.47
N VAL A 122 2.78 -4.92 -11.35
CA VAL A 122 2.96 -3.58 -10.78
C VAL A 122 4.33 -3.43 -10.14
N VAL A 123 4.93 -4.53 -9.67
CA VAL A 123 6.29 -4.44 -9.14
C VAL A 123 7.26 -4.05 -10.25
N GLU A 124 7.14 -4.69 -11.41
CA GLU A 124 7.99 -4.34 -12.54
C GLU A 124 7.73 -2.90 -13.00
N MET A 125 6.47 -2.48 -13.02
CA MET A 125 6.17 -1.10 -13.40
C MET A 125 6.82 -0.11 -12.45
N MET A 126 6.80 -0.40 -11.15
CA MET A 126 7.44 0.51 -10.20
C MET A 126 8.96 0.49 -10.34
N MET A 127 9.51 -0.70 -10.58
CA MET A 127 10.94 -0.80 -10.84
C MET A 127 11.35 0.04 -12.04
N ALA A 128 10.49 0.10 -13.06
CA ALA A 128 10.75 0.93 -14.23
C ALA A 128 10.51 2.41 -13.93
N MET A 129 9.44 2.73 -13.19
CA MET A 129 9.10 4.14 -12.98
C MET A 129 10.21 4.88 -12.23
N GLN A 130 10.85 4.21 -11.26
CA GLN A 130 11.92 4.87 -10.53
C GLN A 130 13.07 5.24 -11.45
N LYS A 131 13.19 4.56 -12.60
CA LYS A 131 14.20 4.87 -13.60
C LYS A 131 13.69 5.85 -14.66
N MET A 132 12.43 5.69 -15.09
CA MET A 132 11.95 6.50 -16.20
C MET A 132 11.45 7.88 -15.79
N ARG A 133 11.14 8.08 -14.50
CA ARG A 133 10.80 9.43 -14.03
C ARG A 133 11.84 10.43 -14.51
N ALA A 134 11.37 11.54 -15.06
CA ALA A 134 12.28 12.48 -15.71
C ALA A 134 13.15 13.23 -14.72
N ARG A 135 12.56 13.78 -13.66
CA ARG A 135 13.34 14.50 -12.67
C ARG A 135 13.94 13.50 -11.70
N ARG A 136 15.24 13.63 -11.41
CA ARG A 136 15.88 12.71 -10.47
C ARG A 136 15.21 12.78 -9.09
N THR A 137 14.85 13.98 -8.66
CA THR A 137 14.24 14.19 -7.34
C THR A 137 12.73 14.07 -7.47
N PRO A 138 12.07 13.18 -6.73
CA PRO A 138 10.61 13.16 -6.71
C PRO A 138 10.07 14.37 -5.96
N SER A 139 8.83 14.73 -6.26
CA SER A 139 8.21 15.87 -5.59
C SER A 139 6.71 15.60 -5.39
N GLN A 140 5.97 16.66 -5.05
CA GLN A 140 4.60 16.58 -4.60
C GLN A 140 3.87 17.89 -4.93
N GLN A 141 2.59 17.77 -5.29
CA GLN A 141 1.73 18.91 -5.58
C GLN A 141 0.48 18.83 -4.70
N ALA A 142 0.07 19.99 -4.15
CA ALA A 142 -1.06 20.06 -3.24
C ALA A 142 -2.21 20.88 -3.80
N HIS A 143 -3.43 20.51 -3.40
CA HIS A 143 -4.59 21.39 -3.50
C HIS A 143 -4.63 22.32 -2.30
N VAL A 144 -4.94 23.60 -2.53
CA VAL A 144 -5.17 24.55 -1.46
C VAL A 144 -6.46 25.30 -1.80
N THR A 145 -7.55 24.93 -1.15
CA THR A 145 -8.86 25.48 -1.43
C THR A 145 -9.64 25.57 -0.12
N ASN A 146 -10.78 26.25 -0.17
CA ASN A 146 -11.76 26.07 0.90
C ASN A 146 -13.12 26.49 0.37
N VAL A 147 -14.19 25.98 1.01
CA VAL A 147 -15.52 26.12 0.43
C VAL A 147 -16.04 27.54 0.46
N LYS A 148 -15.39 28.44 1.21
CA LYS A 148 -15.79 29.85 1.25
C LYS A 148 -14.94 30.73 0.34
N ASP A 149 -13.96 30.15 -0.37
CA ASP A 149 -12.96 30.95 -1.08
C ASP A 149 -12.33 31.99 -0.15
N ASN A 150 -12.18 31.65 1.12
CA ASN A 150 -11.62 32.59 2.08
C ASN A 150 -10.15 32.84 1.76
N PRO A 151 -9.75 34.06 1.39
CA PRO A 151 -8.36 34.28 0.96
C PRO A 151 -7.37 34.22 2.11
N VAL A 152 -7.76 34.62 3.31
CA VAL A 152 -6.84 34.55 4.45
C VAL A 152 -6.49 33.10 4.72
N GLN A 153 -7.50 32.22 4.69
CA GLN A 153 -7.26 30.80 4.93
C GLN A 153 -6.45 30.18 3.81
N ILE A 154 -6.72 30.56 2.55
CA ILE A 154 -5.93 30.05 1.45
C ILE A 154 -4.46 30.40 1.63
N ALA A 155 -4.18 31.65 2.01
CA ALA A 155 -2.78 32.06 2.21
C ALA A 155 -2.13 31.24 3.32
N ALA A 156 -2.84 31.03 4.42
CA ALA A 156 -2.26 30.31 5.55
C ALA A 156 -2.06 28.84 5.21
N ASP A 157 -3.06 28.21 4.58
CA ASP A 157 -2.92 26.81 4.19
C ASP A 157 -1.81 26.63 3.16
N ALA A 158 -1.67 27.58 2.25
CA ALA A 158 -0.61 27.48 1.25
C ALA A 158 0.77 27.58 1.90
N ALA A 159 0.92 28.45 2.89
CA ALA A 159 2.20 28.55 3.61
C ALA A 159 2.52 27.24 4.32
N GLU A 160 1.53 26.65 4.99
CA GLU A 160 1.79 25.38 5.66
C GLU A 160 2.14 24.29 4.65
N GLY A 161 1.40 24.21 3.53
CA GLY A 161 1.73 23.22 2.52
C GLY A 161 3.13 23.38 1.96
N ALA A 162 3.52 24.63 1.67
CA ALA A 162 4.88 24.88 1.23
C ALA A 162 5.89 24.49 2.31
N TRP A 163 5.56 24.77 3.58
CA TRP A 163 6.44 24.41 4.68
C TRP A 163 6.59 22.89 4.81
N ARG A 164 5.51 22.16 4.55
CA ARG A 164 5.57 20.70 4.64
C ARG A 164 6.31 20.07 3.46
N GLY A 165 6.44 20.78 2.33
CA GLY A 165 7.25 20.25 1.25
C GLY A 165 6.67 20.29 -0.15
N PHE A 166 5.42 20.71 -0.33
CA PHE A 166 4.86 20.76 -1.67
C PHE A 166 5.62 21.79 -2.52
N ASP A 167 5.96 21.40 -3.74
CA ASP A 167 6.70 22.27 -4.64
C ASP A 167 5.83 22.90 -5.71
N GLU A 168 4.63 22.36 -5.92
CA GLU A 168 3.57 22.99 -6.70
C GLU A 168 2.33 23.00 -5.84
N GLN A 169 1.56 24.09 -5.89
CA GLN A 169 0.27 24.12 -5.22
C GLN A 169 -0.79 24.71 -6.15
N GLU A 170 -2.02 24.24 -5.96
CA GLU A 170 -3.12 24.49 -6.87
C GLU A 170 -4.37 24.90 -6.11
N THR A 171 -4.99 25.97 -6.55
CA THR A 171 -6.28 26.38 -6.00
C THR A 171 -7.33 26.39 -7.11
N THR A 172 -8.58 26.52 -6.68
CA THR A 172 -9.71 26.80 -7.58
C THR A 172 -10.80 27.43 -6.71
N VAL A 173 -11.95 27.70 -7.31
CA VAL A 173 -12.96 28.52 -6.66
C VAL A 173 -14.25 27.73 -6.44
N ALA A 174 -14.91 28.07 -5.32
CA ALA A 174 -16.32 27.72 -5.15
C ALA A 174 -17.20 28.68 -5.91
N VAL A 175 -16.82 29.96 -5.93
CA VAL A 175 -17.55 31.02 -6.62
C VAL A 175 -16.61 31.62 -7.66
N ALA A 176 -17.02 31.57 -8.94
CA ALA A 176 -16.10 31.87 -10.03
C ALA A 176 -15.42 33.22 -9.89
N ARG A 177 -16.17 34.26 -9.49
CA ARG A 177 -15.61 35.61 -9.49
C ARG A 177 -14.63 35.84 -8.35
N TYR A 178 -14.49 34.90 -7.41
CA TYR A 178 -13.45 35.00 -6.39
C TYR A 178 -12.05 34.76 -6.93
N ALA A 179 -11.93 34.21 -8.14
CA ALA A 179 -10.66 33.60 -8.58
C ALA A 179 -9.44 34.49 -8.40
N PRO A 180 -9.46 35.79 -8.76
CA PRO A 180 -8.24 36.60 -8.58
C PRO A 180 -7.75 36.66 -7.14
N PHE A 181 -8.67 36.67 -6.17
CA PHE A 181 -8.28 36.61 -4.76
C PHE A 181 -7.65 35.26 -4.43
N ASN A 182 -8.26 34.15 -4.86
CA ASN A 182 -7.67 32.84 -4.58
C ASN A 182 -6.26 32.75 -5.12
N ALA A 183 -6.05 33.25 -6.34
CA ALA A 183 -4.75 33.11 -6.99
C ALA A 183 -3.70 33.91 -6.24
N ILE A 184 -4.00 35.17 -5.93
CA ILE A 184 -3.06 36.00 -5.20
C ILE A 184 -2.78 35.41 -3.82
N ALA A 185 -3.84 34.98 -3.13
CA ALA A 185 -3.64 34.41 -1.79
C ALA A 185 -2.76 33.16 -1.84
N LEU A 186 -2.97 32.32 -2.86
CA LEU A 186 -2.16 31.11 -2.99
C LEU A 186 -0.70 31.45 -3.26
N LEU A 187 -0.46 32.45 -4.13
CA LEU A 187 0.91 32.78 -4.49
C LEU A 187 1.63 33.41 -3.31
N VAL A 188 1.00 34.38 -2.64
CA VAL A 188 1.60 35.01 -1.46
C VAL A 188 1.88 33.98 -0.38
N GLY A 189 0.86 33.21 0.00
CA GLY A 189 1.06 32.21 1.04
C GLY A 189 2.15 31.22 0.69
N SER A 190 2.17 30.75 -0.56
CA SER A 190 3.20 29.78 -0.96
C SER A 190 4.59 30.37 -0.82
N GLN A 191 4.77 31.65 -1.18
CA GLN A 191 6.11 32.20 -1.10
C GLN A 191 6.53 32.45 0.34
N VAL A 192 5.57 32.70 1.23
CA VAL A 192 5.89 32.81 2.65
C VAL A 192 6.37 31.46 3.18
N GLY A 193 5.70 30.37 2.80
CA GLY A 193 6.08 29.06 3.32
C GLY A 193 7.40 28.56 2.78
N ARG A 194 7.65 28.75 1.47
CA ARG A 194 8.93 28.43 0.85
C ARG A 194 9.06 29.17 -0.48
N PRO A 195 9.88 30.19 -0.55
CA PRO A 195 10.11 30.89 -1.82
C PRO A 195 10.52 29.92 -2.92
N GLY A 196 9.81 30.00 -4.05
CA GLY A 196 10.03 29.12 -5.17
C GLY A 196 8.87 28.18 -5.46
N VAL A 197 7.98 27.96 -4.50
CA VAL A 197 6.83 27.11 -4.77
C VAL A 197 6.01 27.72 -5.90
N LEU A 198 5.63 26.88 -6.87
CA LEU A 198 4.87 27.30 -8.04
C LEU A 198 3.38 27.13 -7.80
N THR A 199 2.58 28.09 -8.29
CA THR A 199 1.16 28.10 -8.01
C THR A 199 0.35 28.19 -9.30
N GLN A 200 -0.85 27.62 -9.24
CA GLN A 200 -1.80 27.67 -10.34
C GLN A 200 -3.19 27.87 -9.78
N CYS A 201 -4.06 28.44 -10.59
CA CYS A 201 -5.47 28.61 -10.23
C CYS A 201 -6.30 28.06 -11.38
N SER A 202 -6.89 26.90 -11.17
CA SER A 202 -7.52 26.14 -12.25
C SER A 202 -8.95 26.61 -12.49
N LEU A 203 -9.22 27.07 -13.71
CA LEU A 203 -10.47 27.73 -14.06
C LEU A 203 -10.81 27.44 -15.51
N GLU A 204 -11.91 28.03 -15.98
CA GLU A 204 -12.17 28.08 -17.42
C GLU A 204 -10.94 28.65 -18.13
N GLU A 205 -10.67 28.14 -19.34
CA GLU A 205 -9.37 28.34 -19.97
C GLU A 205 -9.03 29.81 -20.17
N ALA A 206 -10.01 30.61 -20.61
CA ALA A 206 -9.72 32.02 -20.89
C ALA A 206 -9.43 32.80 -19.62
N THR A 207 -10.19 32.56 -18.55
CA THR A 207 -9.94 33.30 -17.31
C THR A 207 -8.61 32.93 -16.71
N GLU A 208 -8.24 31.64 -16.77
CA GLU A 208 -6.98 31.20 -16.20
C GLU A 208 -5.78 31.82 -16.93
N LEU A 209 -5.84 31.86 -18.26
CA LEU A 209 -4.76 32.49 -19.00
C LEU A 209 -4.64 33.97 -18.66
N LYS A 210 -5.78 34.65 -18.48
CA LYS A 210 -5.76 36.07 -18.14
C LYS A 210 -5.04 36.32 -16.80
N LEU A 211 -5.35 35.50 -15.79
CA LEU A 211 -4.67 35.64 -14.50
C LEU A 211 -3.18 35.37 -14.65
N GLY A 212 -2.81 34.41 -15.51
CA GLY A 212 -1.40 34.23 -15.81
C GLY A 212 -0.79 35.47 -16.44
N MET A 213 -1.46 36.01 -17.44
CA MET A 213 -0.95 37.22 -18.09
C MET A 213 -0.79 38.36 -17.09
N LEU A 214 -1.66 38.43 -16.08
CA LEU A 214 -1.57 39.48 -15.07
C LEU A 214 -0.53 39.21 -14.00
N GLY A 215 0.09 38.02 -13.97
CA GLY A 215 1.13 37.73 -13.02
C GLY A 215 0.69 37.14 -11.70
N HIS A 216 -0.54 36.62 -11.62
CA HIS A 216 -1.07 36.10 -10.37
C HIS A 216 -1.04 34.58 -10.29
N THR A 217 -0.51 33.92 -11.33
CA THR A 217 -0.23 32.49 -11.27
C THR A 217 1.17 32.25 -11.83
N CYS A 218 1.68 31.03 -11.63
CA CYS A 218 2.97 30.63 -12.17
C CYS A 218 2.90 29.56 -13.26
N TYR A 219 1.84 28.75 -13.27
CA TYR A 219 1.72 27.69 -14.26
C TYR A 219 0.25 27.35 -14.40
N ALA A 220 -0.05 26.50 -15.37
CA ALA A 220 -1.39 25.97 -15.59
C ALA A 220 -1.30 24.49 -15.90
N GLU A 221 -2.37 23.76 -15.60
CA GLU A 221 -2.33 22.30 -15.66
C GLU A 221 -3.58 21.66 -16.23
N THR A 222 -4.75 22.22 -15.92
CA THR A 222 -6.02 21.53 -16.18
C THR A 222 -6.53 21.73 -17.60
N ILE A 223 -5.62 21.92 -18.55
CA ILE A 223 -5.95 21.99 -19.97
C ILE A 223 -6.06 20.56 -20.49
N SER A 224 -7.28 20.13 -20.80
CA SER A 224 -7.56 18.71 -21.00
C SER A 224 -7.27 18.27 -22.43
N VAL A 225 -6.89 16.99 -22.56
CA VAL A 225 -6.90 16.32 -23.86
C VAL A 225 -7.64 15.01 -23.71
N TYR A 226 -8.09 14.46 -24.84
CA TYR A 226 -8.92 13.28 -24.87
C TYR A 226 -8.45 12.34 -25.98
N GLY A 227 -8.82 11.06 -25.86
CA GLY A 227 -8.27 9.99 -26.68
C GLY A 227 -9.09 9.51 -27.85
N THR A 228 -10.27 10.07 -28.08
CA THR A 228 -10.99 9.84 -29.32
C THR A 228 -11.48 11.18 -29.85
N GLU A 229 -11.60 11.26 -31.17
CA GLU A 229 -12.04 12.51 -31.78
C GLU A 229 -13.42 12.98 -31.31
N PRO A 230 -14.45 12.11 -31.22
CA PRO A 230 -15.76 12.60 -30.72
C PRO A 230 -15.68 13.22 -29.33
N VAL A 231 -14.94 12.61 -28.41
CA VAL A 231 -14.85 13.18 -27.07
C VAL A 231 -14.08 14.50 -27.10
N PHE A 232 -12.97 14.53 -27.84
CA PHE A 232 -12.22 15.76 -28.00
C PHE A 232 -13.10 16.87 -28.54
N THR A 233 -13.85 16.57 -29.62
CA THR A 233 -14.74 17.55 -30.24
C THR A 233 -15.84 18.00 -29.28
N ASP A 234 -16.39 17.06 -28.51
CA ASP A 234 -17.43 17.40 -27.55
C ASP A 234 -16.91 18.24 -26.40
N GLY A 235 -15.59 18.27 -26.17
CA GLY A 235 -14.99 19.22 -25.28
C GLY A 235 -14.71 20.58 -25.90
N ASP A 236 -15.06 20.74 -27.18
CA ASP A 236 -14.93 22.00 -27.94
C ASP A 236 -13.48 22.33 -28.27
N ASP A 237 -12.66 21.32 -28.57
CA ASP A 237 -11.28 21.58 -28.95
C ASP A 237 -10.82 20.54 -29.97
N THR A 238 -9.63 20.79 -30.52
CA THR A 238 -8.90 19.84 -31.35
C THR A 238 -7.47 19.78 -30.82
N PRO A 239 -6.66 18.82 -31.26
CA PRO A 239 -5.23 18.86 -30.89
C PRO A 239 -4.55 20.18 -31.28
N TRP A 240 -5.00 20.84 -32.36
CA TRP A 240 -4.39 22.10 -32.78
C TRP A 240 -4.77 23.27 -31.89
N SER A 241 -6.03 23.34 -31.45
CA SER A 241 -6.39 24.41 -30.52
C SER A 241 -5.63 24.25 -29.21
N LYS A 242 -5.49 23.01 -28.73
CA LYS A 242 -4.75 22.78 -27.48
C LYS A 242 -3.27 23.07 -27.66
N GLY A 243 -2.69 22.67 -28.78
CA GLY A 243 -1.28 23.00 -29.01
C GLY A 243 -1.05 24.50 -29.09
N PHE A 244 -1.97 25.21 -29.74
CA PHE A 244 -1.83 26.67 -29.79
C PHE A 244 -1.92 27.29 -28.40
N LEU A 245 -2.86 26.83 -27.58
CA LEU A 245 -2.96 27.32 -26.20
C LEU A 245 -1.69 27.01 -25.42
N ALA A 246 -1.11 25.82 -25.62
CA ALA A 246 0.11 25.47 -24.91
C ALA A 246 1.24 26.45 -25.24
N SER A 247 1.42 26.75 -26.53
CA SER A 247 2.47 27.67 -26.93
C SER A 247 2.17 29.08 -26.45
N SER A 248 0.89 29.42 -26.31
CA SER A 248 0.51 30.73 -25.81
C SER A 248 0.99 30.94 -24.38
N TYR A 249 0.81 29.93 -23.52
CA TYR A 249 1.34 30.01 -22.16
C TYR A 249 2.85 30.20 -22.17
N ALA A 250 3.57 29.39 -22.94
CA ALA A 250 5.02 29.52 -22.99
C ALA A 250 5.45 30.90 -23.47
N SER A 251 4.68 31.50 -24.39
CA SER A 251 5.02 32.81 -24.92
C SER A 251 4.92 33.90 -23.86
N ARG A 252 4.23 33.63 -22.76
CA ARG A 252 4.15 34.52 -21.61
C ARG A 252 5.06 34.06 -20.48
N GLY A 253 5.92 33.08 -20.75
CA GLY A 253 6.85 32.62 -19.73
C GLY A 253 6.24 31.77 -18.64
N LEU A 254 5.04 31.21 -18.89
CA LEU A 254 4.34 30.40 -17.91
C LEU A 254 4.51 28.91 -18.22
N LYS A 255 4.96 28.14 -17.22
CA LYS A 255 5.01 26.69 -17.34
C LYS A 255 3.60 26.15 -17.51
N MET A 256 3.45 25.07 -18.30
CA MET A 256 2.14 24.43 -18.29
C MET A 256 2.28 22.95 -18.64
N ARG A 257 1.21 22.23 -18.34
CA ARG A 257 1.03 20.84 -18.73
C ARG A 257 -0.42 20.63 -19.14
N PHE A 258 -0.69 19.54 -19.86
CA PHE A 258 -2.05 19.09 -20.12
C PHE A 258 -2.55 18.22 -18.95
N THR A 259 -3.86 17.94 -18.96
CA THR A 259 -4.47 16.94 -18.09
C THR A 259 -5.17 15.89 -18.94
N SER A 260 -5.04 14.62 -18.55
CA SER A 260 -5.78 13.53 -19.17
C SER A 260 -6.04 12.47 -18.11
N GLY A 261 -6.24 11.23 -18.53
CA GLY A 261 -6.43 10.17 -17.54
C GLY A 261 -7.39 9.10 -18.05
N SER A 262 -7.11 7.86 -17.65
CA SER A 262 -7.89 6.73 -18.17
C SER A 262 -9.37 6.84 -17.81
N GLY A 263 -10.22 6.44 -18.76
CA GLY A 263 -11.64 6.30 -18.55
C GLY A 263 -12.48 7.44 -19.07
N SER A 264 -11.85 8.55 -19.48
CA SER A 264 -12.63 9.72 -19.87
C SER A 264 -13.50 9.42 -21.08
N GLU A 265 -13.01 8.61 -22.01
CA GLU A 265 -13.74 8.42 -23.26
C GLU A 265 -14.91 7.45 -23.08
N VAL A 266 -14.71 6.34 -22.37
CA VAL A 266 -15.82 5.42 -22.15
C VAL A 266 -16.85 6.07 -21.22
N GLN A 267 -16.39 6.92 -20.31
CA GLN A 267 -17.32 7.65 -19.45
C GLN A 267 -18.30 8.47 -20.28
N MET A 268 -17.81 9.11 -21.35
CA MET A 268 -18.67 9.84 -22.27
C MET A 268 -19.38 8.96 -23.28
N GLY A 269 -19.07 7.67 -23.30
CA GLY A 269 -19.73 6.76 -24.21
C GLY A 269 -19.16 6.69 -25.61
N TYR A 270 -17.95 7.20 -25.85
CA TYR A 270 -17.36 7.21 -27.19
C TYR A 270 -15.93 6.67 -27.11
N ALA A 271 -15.81 5.44 -26.62
CA ALA A 271 -14.52 4.79 -26.53
C ALA A 271 -14.10 4.11 -27.83
N GLU A 272 -14.95 4.10 -28.86
CA GLU A 272 -14.63 3.43 -30.13
C GLU A 272 -14.17 1.99 -29.89
N GLY A 273 -14.70 1.39 -28.83
CA GLY A 273 -14.47 0.00 -28.53
C GLY A 273 -13.12 -0.36 -27.96
N LYS A 274 -12.31 0.62 -27.56
CA LYS A 274 -10.92 0.43 -27.15
C LYS A 274 -10.77 0.49 -25.63
N SER A 275 -9.69 -0.11 -25.13
CA SER A 275 -9.44 -0.06 -23.69
C SER A 275 -9.12 1.35 -23.23
N MET A 276 -9.29 1.57 -21.93
CA MET A 276 -8.97 2.87 -21.35
C MET A 276 -7.49 3.17 -21.49
N LEU A 277 -6.64 2.16 -21.31
CA LEU A 277 -5.21 2.42 -21.37
C LEU A 277 -4.75 2.77 -22.78
N TYR A 278 -5.33 2.12 -23.80
CA TYR A 278 -4.94 2.46 -25.16
C TYR A 278 -5.36 3.89 -25.50
N LEU A 279 -6.57 4.29 -25.12
CA LEU A 279 -7.01 5.65 -25.39
C LEU A 279 -6.22 6.66 -24.58
N GLU A 280 -5.85 6.31 -23.34
CA GLU A 280 -5.00 7.21 -22.58
C GLU A 280 -3.63 7.36 -23.24
N ALA A 281 -3.10 6.28 -23.82
CA ALA A 281 -1.85 6.40 -24.58
C ALA A 281 -1.99 7.42 -25.70
N ARG A 282 -3.13 7.43 -26.40
CA ARG A 282 -3.33 8.47 -27.42
C ARG A 282 -3.29 9.87 -26.79
N CYS A 283 -3.86 10.02 -25.60
CA CYS A 283 -3.81 11.30 -24.89
C CYS A 283 -2.37 11.69 -24.57
N ILE A 284 -1.58 10.71 -24.12
CA ILE A 284 -0.18 10.97 -23.79
C ILE A 284 0.58 11.39 -25.05
N TYR A 285 0.33 10.72 -26.18
CA TYR A 285 1.03 11.09 -27.41
C TYR A 285 0.58 12.46 -27.94
N ILE A 286 -0.69 12.82 -27.76
CA ILE A 286 -1.11 14.18 -28.12
C ILE A 286 -0.30 15.19 -27.35
N THR A 287 -0.08 14.92 -26.05
CA THR A 287 0.70 15.82 -25.21
C THR A 287 2.11 15.93 -25.72
N LYS A 288 2.72 14.78 -26.02
CA LYS A 288 4.06 14.75 -26.60
C LYS A 288 4.09 15.53 -27.91
N ALA A 289 3.11 15.27 -28.78
CA ALA A 289 3.07 15.84 -30.11
C ALA A 289 2.92 17.36 -30.06
N ALA A 290 2.17 17.88 -29.09
CA ALA A 290 2.02 19.32 -28.94
C ALA A 290 3.29 20.00 -28.46
N GLY A 291 4.29 19.25 -28.00
CA GLY A 291 5.47 19.85 -27.43
C GLY A 291 5.28 20.30 -26.00
N VAL A 292 4.23 19.82 -25.33
CA VAL A 292 3.98 20.13 -23.93
C VAL A 292 4.92 19.31 -23.05
N GLN A 293 5.46 19.93 -22.00
CA GLN A 293 6.56 19.30 -21.29
C GLN A 293 6.11 18.19 -20.36
N GLY A 294 4.85 18.20 -19.93
CA GLY A 294 4.41 17.27 -18.92
C GLY A 294 2.92 17.06 -18.99
N LEU A 295 2.43 16.22 -18.07
CA LEU A 295 1.06 15.74 -18.13
C LEU A 295 0.59 15.34 -16.74
N GLN A 296 -0.62 15.79 -16.37
CA GLN A 296 -1.31 15.27 -15.20
C GLN A 296 -2.20 14.11 -15.67
N ASN A 297 -1.86 12.88 -15.26
CA ASN A 297 -2.69 11.73 -15.64
C ASN A 297 -2.61 10.67 -14.53
N GLY A 298 -3.20 9.51 -14.78
CA GLY A 298 -3.49 8.56 -13.72
C GLY A 298 -4.96 8.61 -13.36
N SER A 299 -5.79 8.68 -14.41
CA SER A 299 -7.26 8.79 -14.39
C SER A 299 -7.78 10.12 -13.87
N VAL A 300 -7.18 10.67 -12.81
CA VAL A 300 -7.57 11.97 -12.25
C VAL A 300 -9.05 11.92 -11.85
N SER A 301 -9.90 12.77 -12.46
CA SER A 301 -11.29 12.84 -12.00
C SER A 301 -12.14 11.68 -12.50
N CYS A 302 -11.64 10.88 -13.44
CA CYS A 302 -12.37 9.76 -13.99
C CYS A 302 -12.09 8.47 -13.22
N ILE A 303 -11.48 8.58 -12.04
CA ILE A 303 -10.88 7.42 -11.37
C ILE A 303 -11.93 6.36 -11.01
N GLY A 304 -13.17 6.77 -10.78
CA GLY A 304 -14.23 5.80 -10.53
C GLY A 304 -14.48 4.85 -11.69
N VAL A 305 -13.93 5.15 -12.87
CA VAL A 305 -14.16 4.33 -14.06
C VAL A 305 -13.14 3.20 -14.13
N PRO A 306 -11.81 3.46 -14.20
CA PRO A 306 -10.89 2.30 -14.16
C PRO A 306 -10.96 1.55 -12.84
N SER A 307 -11.16 2.23 -11.71
CA SER A 307 -11.15 1.52 -10.43
C SER A 307 -12.30 0.54 -10.32
N ALA A 308 -13.35 0.71 -11.12
CA ALA A 308 -14.51 -0.19 -11.03
C ALA A 308 -14.23 -1.55 -11.64
N VAL A 309 -13.24 -1.64 -12.53
CA VAL A 309 -13.03 -2.83 -13.34
C VAL A 309 -11.71 -3.51 -12.98
N PRO A 310 -11.51 -4.76 -13.40
CA PRO A 310 -10.26 -5.46 -13.05
C PRO A 310 -9.03 -4.76 -13.63
N SER A 311 -7.97 -4.79 -12.83
CA SER A 311 -6.65 -4.28 -13.21
C SER A 311 -6.69 -2.78 -13.49
N GLY A 312 -7.66 -2.07 -12.91
CA GLY A 312 -7.80 -0.63 -13.16
C GLY A 312 -6.75 0.21 -12.47
N ILE A 313 -6.40 -0.13 -11.22
CA ILE A 313 -5.35 0.61 -10.53
C ILE A 313 -3.98 0.28 -11.14
N ARG A 314 -3.81 -0.96 -11.62
CA ARG A 314 -2.59 -1.29 -12.38
C ARG A 314 -2.53 -0.50 -13.69
N ALA A 315 -3.66 -0.36 -14.39
CA ALA A 315 -3.70 0.47 -15.59
C ALA A 315 -3.32 1.92 -15.28
N VAL A 316 -3.70 2.41 -14.11
CA VAL A 316 -3.39 3.78 -13.71
C VAL A 316 -1.89 3.96 -13.53
N LEU A 317 -1.24 3.01 -12.86
CA LEU A 317 0.22 3.03 -12.81
C LEU A 317 0.81 2.91 -14.21
N ALA A 318 0.22 2.06 -15.06
CA ALA A 318 0.76 1.89 -16.41
C ALA A 318 0.71 3.20 -17.20
N GLU A 319 -0.40 3.94 -17.11
CA GLU A 319 -0.47 5.18 -17.89
C GLU A 319 0.50 6.23 -17.36
N ASN A 320 0.78 6.22 -16.05
CA ASN A 320 1.84 7.07 -15.52
C ASN A 320 3.20 6.64 -16.08
N LEU A 321 3.44 5.32 -16.13
CA LEU A 321 4.71 4.83 -16.65
C LEU A 321 4.87 5.18 -18.13
N ILE A 322 3.80 5.09 -18.91
CA ILE A 322 3.91 5.46 -20.32
C ILE A 322 4.31 6.92 -20.46
N CYS A 323 3.68 7.78 -19.65
CA CYS A 323 4.00 9.21 -19.65
C CYS A 323 5.50 9.44 -19.40
N SER A 324 6.01 8.89 -18.31
CA SER A 324 7.43 9.07 -18.01
C SER A 324 8.31 8.41 -19.06
N SER A 325 7.90 7.24 -19.57
CA SER A 325 8.72 6.58 -20.59
C SER A 325 8.74 7.36 -21.89
N LEU A 326 7.70 8.15 -22.17
CA LEU A 326 7.71 9.02 -23.33
C LEU A 326 8.43 10.33 -23.06
N ASP A 327 9.18 10.42 -21.96
CA ASP A 327 10.03 11.56 -21.64
C ASP A 327 9.21 12.84 -21.38
N LEU A 328 8.06 12.66 -20.74
CA LEU A 328 7.22 13.75 -20.24
C LEU A 328 7.28 13.75 -18.72
N GLU A 329 7.25 14.94 -18.13
CA GLU A 329 6.99 15.06 -16.71
C GLU A 329 5.63 14.43 -16.37
N CYS A 330 5.55 13.73 -15.25
CA CYS A 330 4.30 13.08 -14.85
C CYS A 330 3.84 13.59 -13.50
N ALA A 331 2.71 14.27 -13.49
CA ALA A 331 2.02 14.68 -12.28
C ALA A 331 0.94 13.62 -12.05
N SER A 332 1.25 12.64 -11.20
CA SER A 332 0.60 11.33 -11.26
C SER A 332 -0.63 11.23 -10.35
N SER A 333 -1.58 12.15 -10.53
CA SER A 333 -2.91 12.04 -9.94
C SER A 333 -2.89 11.80 -8.42
N ASN A 334 -3.49 10.71 -7.92
CA ASN A 334 -3.66 10.55 -6.47
C ASN A 334 -4.31 11.80 -5.87
N ASP A 335 -5.23 12.39 -6.63
CA ASP A 335 -5.73 13.71 -6.32
C ASP A 335 -7.26 13.74 -6.28
N GLN A 336 -7.91 12.58 -6.33
CA GLN A 336 -9.36 12.51 -6.43
C GLN A 336 -9.81 11.29 -5.66
N THR A 337 -10.85 11.46 -4.83
CA THR A 337 -11.35 10.34 -4.05
CA THR A 337 -11.36 10.34 -4.04
C THR A 337 -11.96 9.29 -4.95
N PHE A 338 -11.73 8.03 -4.61
CA PHE A 338 -12.37 6.97 -5.39
C PHE A 338 -12.91 5.84 -4.53
N THR A 339 -12.57 5.78 -3.24
CA THR A 339 -12.92 4.64 -2.41
C THR A 339 -13.24 5.12 -1.00
N HIS A 340 -14.13 4.38 -0.34
CA HIS A 340 -14.42 4.59 1.08
C HIS A 340 -13.39 3.93 2.00
N SER A 341 -12.49 3.11 1.44
CA SER A 341 -11.60 2.25 2.22
C SER A 341 -10.19 2.83 2.31
N ASP A 342 -9.69 3.02 3.55
CA ASP A 342 -8.31 3.46 3.75
C ASP A 342 -7.32 2.44 3.18
N MET A 343 -7.60 1.14 3.36
CA MET A 343 -6.72 0.14 2.76
C MET A 343 -6.62 0.32 1.25
N ARG A 344 -7.76 0.42 0.58
CA ARG A 344 -7.75 0.48 -0.87
C ARG A 344 -7.04 1.73 -1.40
N ARG A 345 -7.29 2.89 -0.77
CA ARG A 345 -6.69 4.11 -1.30
C ARG A 345 -5.20 4.19 -1.01
N THR A 346 -4.74 3.50 0.03
CA THR A 346 -3.30 3.42 0.28
C THR A 346 -2.62 2.60 -0.80
N ALA A 347 -3.19 1.44 -1.14
CA ALA A 347 -2.62 0.62 -2.21
C ALA A 347 -2.55 1.41 -3.51
N ARG A 348 -3.59 2.21 -3.80
CA ARG A 348 -3.60 3.01 -5.03
C ARG A 348 -2.49 4.06 -5.00
N LEU A 349 -2.30 4.72 -3.86
CA LEU A 349 -1.26 5.74 -3.71
C LEU A 349 0.15 5.13 -3.81
N LEU A 350 0.36 3.96 -3.21
CA LEU A 350 1.72 3.43 -3.12
C LEU A 350 2.31 3.12 -4.48
N MET A 351 1.49 2.85 -5.49
CA MET A 351 2.02 2.57 -6.83
C MET A 351 2.91 3.71 -7.33
N GLN A 352 2.55 4.96 -7.03
CA GLN A 352 3.39 6.08 -7.44
C GLN A 352 4.34 6.53 -6.35
N PHE A 353 3.92 6.42 -5.09
CA PHE A 353 4.72 6.88 -3.95
C PHE A 353 6.00 6.06 -3.81
N LEU A 354 5.92 4.73 -3.98
CA LEU A 354 7.09 3.89 -3.71
C LEU A 354 8.22 4.15 -4.69
N PRO A 355 8.00 4.19 -6.02
CA PRO A 355 9.11 4.53 -6.92
C PRO A 355 9.42 6.01 -6.98
N GLY A 356 8.42 6.86 -6.74
CA GLY A 356 8.52 8.30 -6.97
C GLY A 356 8.19 8.68 -8.40
N THR A 357 7.41 9.76 -8.56
CA THR A 357 7.18 10.40 -9.86
C THR A 357 7.53 11.87 -9.72
N ASP A 358 7.43 12.62 -10.84
CA ASP A 358 7.74 14.05 -10.77
C ASP A 358 6.88 14.76 -9.74
N PHE A 359 5.60 14.42 -9.67
CA PHE A 359 4.75 14.82 -8.56
C PHE A 359 3.93 13.60 -8.17
N ILE A 360 4.27 13.03 -7.02
CA ILE A 360 3.67 11.77 -6.59
C ILE A 360 2.14 11.87 -6.59
N SER A 361 1.63 12.96 -6.05
CA SER A 361 0.24 13.37 -6.24
C SER A 361 0.23 14.66 -7.02
N SER A 362 -0.71 14.79 -7.94
CA SER A 362 -1.00 16.06 -8.58
C SER A 362 -2.17 16.74 -7.88
N GLY A 363 -2.08 16.83 -6.55
CA GLY A 363 -3.18 17.36 -5.78
C GLY A 363 -3.50 16.57 -4.52
N TYR A 364 -2.48 16.28 -3.72
CA TYR A 364 -2.68 15.97 -2.32
C TYR A 364 -3.44 17.13 -1.67
N SER A 365 -4.54 16.85 -0.95
CA SER A 365 -5.29 17.97 -0.35
C SER A 365 -4.56 18.47 0.90
N ALA A 366 -4.04 19.69 0.83
CA ALA A 366 -3.38 20.28 2.00
C ALA A 366 -4.39 20.92 2.95
N VAL A 367 -5.67 20.73 2.69
CA VAL A 367 -6.75 21.07 3.62
C VAL A 367 -7.56 19.80 3.87
N PRO A 368 -8.31 19.74 4.97
CA PRO A 368 -9.23 18.60 5.13
C PRO A 368 -10.17 18.54 3.95
N ASN A 369 -10.57 17.31 3.58
CA ASN A 369 -11.29 17.16 2.32
C ASN A 369 -12.62 17.93 2.29
N TYR A 370 -13.20 18.24 3.45
CA TYR A 370 -14.44 19.02 3.41
C TYR A 370 -14.22 20.37 2.75
N ASP A 371 -12.99 20.88 2.79
CA ASP A 371 -12.62 22.14 2.15
C ASP A 371 -12.05 21.97 0.74
N ASN A 372 -12.01 20.74 0.23
CA ASN A 372 -11.38 20.49 -1.05
C ASN A 372 -12.34 20.82 -2.18
N MET A 373 -11.98 21.81 -3.00
CA MET A 373 -12.90 22.27 -4.03
C MET A 373 -12.71 21.53 -5.35
N PHE A 374 -11.89 20.47 -5.37
CA PHE A 374 -11.93 19.49 -6.44
C PHE A 374 -12.75 18.27 -6.06
N ALA A 375 -13.60 18.41 -5.03
CA ALA A 375 -14.55 17.40 -4.55
C ALA A 375 -13.85 16.27 -3.82
N GLY A 376 -12.66 16.52 -3.30
CA GLY A 376 -11.95 15.58 -2.43
C GLY A 376 -10.80 14.87 -3.11
N SER A 377 -9.68 14.75 -2.41
CA SER A 377 -8.50 14.12 -2.95
C SER A 377 -8.30 12.73 -2.33
N ASN A 378 -7.45 11.92 -2.96
CA ASN A 378 -7.11 10.60 -2.41
C ASN A 378 -6.41 10.70 -1.05
N GLU A 379 -5.78 11.84 -0.76
CA GLU A 379 -5.20 12.08 0.56
C GLU A 379 -5.56 13.49 0.99
N ASP A 380 -5.69 13.73 2.29
CA ASP A 380 -5.93 15.10 2.73
C ASP A 380 -5.10 15.41 3.97
N ALA A 381 -5.32 16.61 4.53
CA ALA A 381 -4.46 17.10 5.59
C ALA A 381 -4.47 16.19 6.80
N GLU A 382 -5.58 15.50 7.03
CA GLU A 382 -5.63 14.61 8.20
C GLU A 382 -4.79 13.36 7.99
N ASP A 383 -4.29 13.13 6.78
CA ASP A 383 -3.37 12.04 6.48
C ASP A 383 -1.90 12.44 6.60
N PHE A 384 -1.59 13.72 6.91
CA PHE A 384 -0.20 14.17 6.88
C PHE A 384 0.71 13.31 7.76
N ASP A 385 0.23 12.94 8.95
CA ASP A 385 1.10 12.21 9.87
C ASP A 385 1.30 10.76 9.43
N ASP A 386 0.26 10.13 8.86
CA ASP A 386 0.42 8.80 8.28
C ASP A 386 1.40 8.79 7.11
N TYR A 387 1.28 9.79 6.23
CA TYR A 387 2.21 9.90 5.11
C TYR A 387 3.65 9.96 5.61
N ASN A 388 3.91 10.80 6.61
CA ASN A 388 5.26 10.91 7.15
C ASN A 388 5.70 9.62 7.82
N VAL A 389 4.77 8.93 8.49
CA VAL A 389 5.14 7.67 9.15
C VAL A 389 5.57 6.63 8.12
N ILE A 390 4.88 6.56 6.97
CA ILE A 390 5.20 5.57 5.96
C ILE A 390 6.53 5.89 5.26
N GLN A 391 6.78 7.19 4.97
CA GLN A 391 8.11 7.60 4.53
C GLN A 391 9.20 7.06 5.45
N ARG A 392 9.00 7.23 6.76
CA ARG A 392 9.99 6.81 7.75
C ARG A 392 10.07 5.29 7.83
N ASP A 393 8.92 4.60 7.76
CA ASP A 393 8.87 3.15 7.82
C ASP A 393 9.65 2.51 6.69
N LEU A 394 9.49 3.04 5.47
CA LEU A 394 9.99 2.41 4.27
C LEU A 394 11.27 3.06 3.75
N LYS A 395 11.72 4.13 4.39
CA LYS A 395 12.83 4.94 3.89
C LYS A 395 12.58 5.36 2.45
N VAL A 396 11.41 5.95 2.21
CA VAL A 396 11.00 6.43 0.89
C VAL A 396 10.78 7.94 0.99
N ASP A 397 11.39 8.70 0.07
CA ASP A 397 11.17 10.15 0.04
C ASP A 397 9.89 10.41 -0.76
N GLY A 398 8.79 10.66 -0.06
CA GLY A 398 7.55 11.03 -0.68
C GLY A 398 7.36 12.52 -0.84
N GLY A 399 8.42 13.31 -0.63
CA GLY A 399 8.41 14.74 -0.93
C GLY A 399 7.97 15.63 0.21
N LEU A 400 7.51 15.07 1.32
CA LEU A 400 6.99 15.84 2.46
C LEU A 400 7.85 15.55 3.69
N ARG A 401 7.54 16.22 4.79
CA ARG A 401 8.35 16.08 5.99
C ARG A 401 7.47 16.35 7.20
N PRO A 402 7.82 15.80 8.36
CA PRO A 402 7.22 16.26 9.62
C PRO A 402 7.62 17.70 9.92
N VAL A 403 6.71 18.42 10.59
CA VAL A 403 6.93 19.82 10.93
C VAL A 403 6.46 20.10 12.35
N ARG A 404 7.09 21.09 13.00
CA ARG A 404 6.70 21.49 14.35
C ARG A 404 5.45 22.35 14.32
N GLU A 405 4.55 22.11 15.27
CA GLU A 405 3.34 22.92 15.38
C GLU A 405 3.67 24.40 15.53
N GLU A 406 4.70 24.73 16.31
CA GLU A 406 5.04 26.13 16.52
C GLU A 406 5.57 26.78 15.25
N ASP A 407 6.29 26.02 14.40
CA ASP A 407 6.71 26.56 13.12
C ASP A 407 5.53 26.80 12.20
N VAL A 408 4.57 25.87 12.18
CA VAL A 408 3.40 26.00 11.32
C VAL A 408 2.58 27.21 11.75
N ILE A 409 2.34 27.35 13.05
CA ILE A 409 1.63 28.53 13.57
C ILE A 409 2.31 29.81 13.10
N ALA A 410 3.63 29.89 13.26
CA ALA A 410 4.36 31.09 12.87
C ALA A 410 4.28 31.34 11.36
N ILE A 411 4.39 30.29 10.54
CA ILE A 411 4.38 30.52 9.10
C ILE A 411 2.96 30.84 8.64
N ARG A 412 1.95 30.18 9.21
CA ARG A 412 0.57 30.53 8.85
C ARG A 412 0.26 31.96 9.26
N ASN A 413 0.75 32.38 10.43
CA ASN A 413 0.53 33.75 10.89
C ASN A 413 1.20 34.75 9.97
N LYS A 414 2.44 34.48 9.55
CA LYS A 414 3.14 35.39 8.66
C LYS A 414 2.42 35.52 7.33
N ALA A 415 1.96 34.39 6.77
CA ALA A 415 1.24 34.41 5.50
C ALA A 415 -0.03 35.25 5.61
N ALA A 416 -0.78 35.03 6.69
CA ALA A 416 -2.02 35.80 6.88
C ALA A 416 -1.71 37.28 7.07
N ARG A 417 -0.65 37.61 7.82
CA ARG A 417 -0.28 39.02 7.99
C ARG A 417 0.21 39.63 6.69
N ALA A 418 0.95 38.85 5.89
CA ALA A 418 1.39 39.35 4.59
C ALA A 418 0.20 39.64 3.69
N LEU A 419 -0.77 38.73 3.65
CA LEU A 419 -1.94 38.96 2.82
C LEU A 419 -2.76 40.13 3.34
N GLN A 420 -2.84 40.29 4.66
CA GLN A 420 -3.49 41.47 5.24
C GLN A 420 -2.86 42.75 4.73
N ALA A 421 -1.52 42.79 4.66
CA ALA A 421 -0.84 43.97 4.13
C ALA A 421 -1.09 44.15 2.63
N VAL A 422 -1.15 43.04 1.88
CA VAL A 422 -1.49 43.14 0.46
C VAL A 422 -2.85 43.79 0.29
N PHE A 423 -3.85 43.30 1.02
CA PHE A 423 -5.20 43.81 0.83
C PHE A 423 -5.28 45.26 1.25
N ALA A 424 -4.58 45.64 2.32
CA ALA A 424 -4.59 47.05 2.72
C ALA A 424 -3.92 47.92 1.66
N GLY A 425 -2.74 47.51 1.20
CA GLY A 425 -2.01 48.30 0.23
C GLY A 425 -2.71 48.42 -1.10
N MET A 426 -3.47 47.41 -1.49
CA MET A 426 -4.20 47.44 -2.75
C MET A 426 -5.62 47.97 -2.62
N GLY A 427 -6.06 48.38 -1.43
CA GLY A 427 -7.41 48.92 -1.33
C GLY A 427 -8.50 47.91 -1.54
N LEU A 428 -8.25 46.65 -1.17
CA LEU A 428 -9.21 45.55 -1.20
C LEU A 428 -9.94 45.45 0.13
N PRO A 429 -11.07 44.74 0.19
CA PRO A 429 -11.82 44.65 1.45
C PRO A 429 -10.92 44.11 2.56
N PRO A 430 -10.95 44.73 3.73
CA PRO A 430 -9.89 44.49 4.71
C PRO A 430 -9.87 43.06 5.23
N ILE A 431 -8.68 42.66 5.67
CA ILE A 431 -8.49 41.46 6.46
C ILE A 431 -8.25 41.91 7.89
N THR A 432 -9.14 41.52 8.81
CA THR A 432 -9.02 42.01 10.18
C THR A 432 -8.00 41.19 10.98
N ASP A 433 -7.60 41.75 12.12
CA ASP A 433 -6.69 41.02 13.00
C ASP A 433 -7.31 39.70 13.46
N GLU A 434 -8.63 39.69 13.68
CA GLU A 434 -9.33 38.47 14.09
C GLU A 434 -9.25 37.41 13.00
N GLU A 435 -9.28 37.83 11.74
CA GLU A 435 -9.14 36.89 10.64
C GLU A 435 -7.73 36.34 10.56
N VAL A 436 -6.73 37.19 10.78
CA VAL A 436 -5.35 36.70 10.83
C VAL A 436 -5.20 35.66 11.92
N GLU A 437 -5.78 35.91 13.09
CA GLU A 437 -5.70 34.96 14.19
C GLU A 437 -6.39 33.65 13.83
N ALA A 438 -7.63 33.73 13.31
CA ALA A 438 -8.37 32.53 12.94
C ALA A 438 -7.60 31.69 11.91
N ALA A 439 -7.09 32.34 10.85
CA ALA A 439 -6.33 31.60 9.86
C ALA A 439 -5.05 30.99 10.46
N THR A 440 -4.48 31.62 11.48
CA THR A 440 -3.27 31.08 12.07
C THR A 440 -3.51 29.70 12.66
N TYR A 441 -4.64 29.52 13.35
CA TYR A 441 -4.92 28.32 14.13
C TYR A 441 -5.97 27.42 13.50
N ALA A 442 -6.44 27.75 12.30
CA ALA A 442 -7.52 27.01 11.68
C ALA A 442 -7.09 25.61 11.25
N HIS A 443 -8.05 24.69 11.27
CA HIS A 443 -7.93 23.45 10.52
C HIS A 443 -8.60 23.58 9.16
N GLY A 444 -9.72 24.28 9.10
CA GLY A 444 -10.39 24.55 7.84
C GLY A 444 -11.34 25.71 7.99
N SER A 445 -12.18 25.90 6.97
CA SER A 445 -13.06 27.06 6.94
C SER A 445 -14.13 27.02 8.01
N LYS A 446 -14.37 25.87 8.65
CA LYS A 446 -15.25 25.88 9.82
C LYS A 446 -14.71 26.78 10.91
N ASP A 447 -13.42 27.08 10.89
CA ASP A 447 -12.75 27.85 11.93
C ASP A 447 -12.58 29.31 11.55
N MET A 448 -13.07 29.71 10.40
CA MET A 448 -12.85 31.05 9.87
C MET A 448 -14.11 31.90 9.99
N PRO A 449 -13.97 33.17 10.40
CA PRO A 449 -15.12 34.09 10.34
C PRO A 449 -15.56 34.33 8.91
N GLU A 450 -16.87 34.52 8.74
CA GLU A 450 -17.41 34.73 7.42
C GLU A 450 -17.05 36.12 6.91
N ARG A 451 -16.69 36.20 5.63
CA ARG A 451 -16.36 37.48 5.01
C ARG A 451 -17.57 38.01 4.27
N ASN A 452 -17.50 39.30 3.95
CA ASN A 452 -18.52 39.95 3.12
C ASN A 452 -18.24 39.55 1.68
N ILE A 453 -18.97 38.56 1.19
CA ILE A 453 -18.67 37.97 -0.11
C ILE A 453 -18.98 38.94 -1.24
N VAL A 454 -20.02 39.73 -1.08
CA VAL A 454 -20.38 40.72 -2.10
C VAL A 454 -19.21 41.67 -2.35
N GLU A 455 -18.62 42.20 -1.28
CA GLU A 455 -17.49 43.12 -1.42
C GLU A 455 -16.29 42.42 -2.04
N ASP A 456 -15.94 41.23 -1.54
CA ASP A 456 -14.78 40.52 -2.08
C ASP A 456 -14.94 40.30 -3.59
N ILE A 457 -16.12 39.87 -4.01
CA ILE A 457 -16.34 39.54 -5.41
C ILE A 457 -16.26 40.79 -6.28
N LYS A 458 -16.78 41.92 -5.79
CA LYS A 458 -16.69 43.16 -6.56
C LYS A 458 -15.22 43.54 -6.79
N PHE A 459 -14.41 43.54 -5.73
CA PHE A 459 -13.02 43.94 -5.87
C PHE A 459 -12.16 42.89 -6.56
N ALA A 460 -12.47 41.61 -6.37
CA ALA A 460 -11.77 40.57 -7.10
C ALA A 460 -11.99 40.71 -8.59
N GLN A 461 -13.24 41.00 -8.99
CA GLN A 461 -13.55 41.22 -10.40
CA GLN A 461 -13.52 41.20 -10.40
C GLN A 461 -12.82 42.45 -10.94
N GLU A 462 -12.68 43.48 -10.11
CA GLU A 462 -12.00 44.67 -10.58
C GLU A 462 -10.51 44.43 -10.81
N ILE A 463 -9.92 43.43 -10.15
CA ILE A 463 -8.52 43.10 -10.47
C ILE A 463 -8.41 42.70 -11.93
N ILE A 464 -9.39 41.93 -12.40
CA ILE A 464 -9.44 41.55 -13.81
C ILE A 464 -9.78 42.75 -14.68
N ASN A 465 -10.86 43.46 -14.33
CA ASN A 465 -11.37 44.53 -15.18
C ASN A 465 -10.35 45.66 -15.31
N LYS A 466 -9.62 45.95 -14.26
CA LYS A 466 -8.64 47.01 -14.25
C LYS A 466 -7.23 46.54 -14.57
N ASN A 467 -7.05 45.26 -14.91
CA ASN A 467 -5.75 44.68 -15.25
C ASN A 467 -4.72 44.95 -14.15
N ARG A 468 -5.12 44.73 -12.91
CA ARG A 468 -4.22 44.92 -11.78
C ARG A 468 -3.27 43.73 -11.72
N ASN A 469 -1.97 44.01 -11.76
CA ASN A 469 -0.97 43.01 -12.06
C ASN A 469 -0.14 42.69 -10.82
N GLY A 470 0.76 41.72 -10.97
CA GLY A 470 1.52 41.21 -9.84
C GLY A 470 2.53 42.17 -9.25
N LEU A 471 2.95 43.19 -10.01
CA LEU A 471 3.84 44.19 -9.44
C LEU A 471 3.11 45.04 -8.40
N GLU A 472 1.80 45.16 -8.51
CA GLU A 472 1.05 45.90 -7.49
C GLU A 472 1.03 45.14 -6.17
N VAL A 473 1.04 43.80 -6.23
CA VAL A 473 1.14 42.98 -5.03
C VAL A 473 2.53 43.13 -4.41
N VAL A 474 3.57 43.15 -5.25
CA VAL A 474 4.93 43.37 -4.76
C VAL A 474 5.02 44.71 -4.05
N LYS A 475 4.45 45.75 -4.66
CA LYS A 475 4.47 47.08 -4.06
C LYS A 475 3.75 47.10 -2.73
N ALA A 476 2.58 46.44 -2.66
CA ALA A 476 1.81 46.45 -1.42
C ALA A 476 2.59 45.76 -0.29
N LEU A 477 3.26 44.66 -0.60
CA LEU A 477 4.09 44.00 0.39
C LEU A 477 5.26 44.87 0.81
N ALA A 478 5.97 45.46 -0.16
CA ALA A 478 7.17 46.22 0.16
C ALA A 478 6.86 47.47 0.98
N GLN A 479 5.69 48.08 0.77
CA GLN A 479 5.31 49.26 1.54
C GLN A 479 4.50 48.92 2.78
N GLY A 480 4.20 47.64 3.03
CA GLY A 480 3.40 47.29 4.19
C GLY A 480 4.10 46.46 5.27
N GLY A 481 5.43 46.51 5.32
CA GLY A 481 6.17 45.74 6.32
C GLY A 481 6.65 44.38 5.87
N PHE A 482 6.67 44.11 4.57
CA PHE A 482 7.04 42.80 4.06
C PHE A 482 7.93 42.92 2.83
N THR A 483 9.03 43.68 2.95
CA THR A 483 9.97 43.74 1.83
C THR A 483 10.62 42.40 1.58
N ASP A 484 10.70 41.54 2.62
CA ASP A 484 11.24 40.21 2.41
C ASP A 484 10.33 39.38 1.51
N VAL A 485 9.03 39.33 1.83
CA VAL A 485 8.10 38.60 0.97
C VAL A 485 7.98 39.28 -0.39
N ALA A 486 8.02 40.62 -0.40
CA ALA A 486 8.00 41.36 -1.67
C ALA A 486 9.11 40.88 -2.62
N GLN A 487 10.32 40.72 -2.08
CA GLN A 487 11.45 40.26 -2.89
C GLN A 487 11.23 38.85 -3.40
N ASP A 488 10.69 37.97 -2.57
CA ASP A 488 10.38 36.61 -3.02
C ASP A 488 9.33 36.62 -4.12
N MET A 489 8.31 37.47 -3.99
CA MET A 489 7.30 37.60 -5.04
C MET A 489 7.93 38.13 -6.32
N LEU A 490 8.75 39.18 -6.21
CA LEU A 490 9.44 39.67 -7.39
C LEU A 490 10.30 38.58 -8.02
N ASN A 491 10.94 37.73 -7.18
CA ASN A 491 11.82 36.70 -7.71
C ASN A 491 11.04 35.63 -8.48
N ILE A 492 9.83 35.32 -8.04
CA ILE A 492 8.98 34.42 -8.81
C ILE A 492 8.64 35.03 -10.16
N GLN A 493 8.35 36.33 -10.19
CA GLN A 493 8.05 36.96 -11.47
C GLN A 493 9.27 36.97 -12.38
N LYS A 494 10.46 37.19 -11.82
CA LYS A 494 11.65 37.22 -12.67
C LYS A 494 11.92 35.86 -13.30
N ALA A 495 11.48 34.77 -12.65
CA ALA A 495 11.68 33.44 -13.21
C ALA A 495 10.95 33.28 -14.54
N LYS A 496 9.85 34.03 -14.73
CA LYS A 496 9.13 33.97 -16.00
C LYS A 496 9.89 34.62 -17.13
N LEU A 497 10.91 35.41 -16.81
CA LEU A 497 11.68 36.10 -17.83
C LEU A 497 12.74 35.21 -18.46
N THR A 498 13.20 34.18 -17.74
CA THR A 498 14.34 33.40 -18.17
C THR A 498 13.94 32.18 -19.00
N GLY A 499 12.70 31.71 -18.90
CA GLY A 499 12.28 30.47 -19.52
C GLY A 499 12.78 29.19 -18.87
N ASP A 500 13.59 29.30 -17.80
CA ASP A 500 14.19 28.08 -17.24
C ASP A 500 13.14 27.12 -16.70
N TYR A 501 12.10 27.63 -16.05
CA TYR A 501 11.15 26.71 -15.45
C TYR A 501 10.04 26.28 -16.41
N LEU A 502 10.18 26.60 -17.71
CA LEU A 502 9.30 26.02 -18.72
C LEU A 502 9.64 24.57 -19.02
N HIS A 503 10.85 24.11 -18.67
CA HIS A 503 11.30 22.80 -19.06
C HIS A 503 10.67 21.69 -18.22
N THR A 504 10.63 20.51 -18.82
CA THR A 504 10.25 19.24 -18.22
C THR A 504 10.54 19.16 -16.73
N SER A 505 9.47 19.04 -15.92
CA SER A 505 9.54 18.76 -14.49
C SER A 505 10.01 19.93 -13.63
N ALA A 506 10.17 21.12 -14.20
CA ALA A 506 10.83 22.19 -13.48
C ALA A 506 10.10 22.55 -12.19
N ILE A 507 10.86 22.63 -11.10
CA ILE A 507 10.45 23.30 -9.87
C ILE A 507 11.57 24.27 -9.52
N ILE A 508 11.35 25.07 -8.47
CA ILE A 508 12.34 26.04 -8.00
C ILE A 508 12.60 25.76 -6.53
N VAL A 509 13.84 25.39 -6.20
CA VAL A 509 14.19 24.98 -4.84
C VAL A 509 15.32 25.87 -4.31
N GLY A 510 15.54 25.78 -3.00
CA GLY A 510 16.67 26.48 -2.41
C GLY A 510 16.59 27.97 -2.64
N ASP A 511 17.70 28.58 -3.06
CA ASP A 511 17.73 30.02 -3.31
C ASP A 511 17.51 30.30 -4.80
N GLY A 512 16.28 30.07 -5.23
CA GLY A 512 15.89 30.39 -6.59
C GLY A 512 16.51 29.48 -7.62
N GLN A 513 16.87 28.27 -7.24
CA GLN A 513 17.52 27.31 -8.14
C GLN A 513 16.48 26.49 -8.88
N VAL A 514 16.39 26.67 -10.20
CA VAL A 514 15.49 25.82 -10.98
C VAL A 514 16.04 24.39 -10.98
N LEU A 515 15.14 23.44 -10.79
CA LEU A 515 15.49 22.01 -10.73
C LEU A 515 14.54 21.30 -11.69
N SER A 516 15.03 20.92 -12.87
CA SER A 516 14.19 20.29 -13.88
C SER A 516 14.88 19.02 -14.39
N ALA A 517 14.24 18.34 -15.32
CA ALA A 517 14.88 17.15 -15.90
C ALA A 517 16.14 17.49 -16.70
N VAL A 518 16.35 18.77 -17.04
CA VAL A 518 17.55 19.15 -17.79
C VAL A 518 18.79 19.12 -16.91
N ASN A 519 18.70 19.67 -15.69
CA ASN A 519 19.86 19.73 -14.80
C ASN A 519 19.75 18.81 -13.59
N ASP A 520 18.59 18.19 -13.37
CA ASP A 520 18.45 17.13 -12.37
C ASP A 520 18.10 15.84 -13.10
N VAL A 521 19.03 15.38 -13.93
CA VAL A 521 18.79 14.23 -14.81
C VAL A 521 18.72 12.96 -13.98
N ASN A 522 17.68 12.16 -14.21
CA ASN A 522 17.54 10.90 -13.48
C ASN A 522 18.55 9.89 -14.01
N ASP A 523 19.48 9.46 -13.16
CA ASP A 523 20.57 8.58 -13.57
C ASP A 523 20.51 7.21 -12.89
N TYR A 524 19.30 6.73 -12.61
CA TYR A 524 19.12 5.44 -11.92
C TYR A 524 19.87 4.31 -12.61
N ALA A 525 20.56 3.49 -11.82
CA ALA A 525 21.30 2.36 -12.38
C ALA A 525 21.32 1.20 -11.39
N GLY A 526 20.22 1.02 -10.65
CA GLY A 526 20.14 -0.05 -9.68
C GLY A 526 20.48 0.39 -8.28
N PRO A 527 20.56 -0.59 -7.37
CA PRO A 527 20.87 -0.32 -5.96
C PRO A 527 22.07 0.59 -5.75
N ALA A 528 21.93 1.50 -4.79
CA ALA A 528 22.96 2.45 -4.38
C ALA A 528 23.28 3.48 -5.46
N THR A 529 22.42 3.64 -6.46
CA THR A 529 22.59 4.64 -7.51
C THR A 529 21.28 5.39 -7.69
N GLY A 530 21.34 6.51 -8.43
CA GLY A 530 20.14 7.30 -8.59
C GLY A 530 19.77 7.99 -7.28
N TYR A 531 18.56 8.56 -7.25
CA TYR A 531 18.12 9.26 -6.05
C TYR A 531 18.06 8.28 -4.89
N ARG A 532 18.67 8.66 -3.76
CA ARG A 532 18.60 7.89 -2.53
C ARG A 532 18.26 8.81 -1.38
N LEU A 533 17.31 8.39 -0.55
CA LEU A 533 17.01 9.14 0.66
C LEU A 533 18.15 8.92 1.67
N GLN A 534 18.81 10.00 2.06
CA GLN A 534 20.00 9.88 2.90
C GLN A 534 20.33 11.26 3.47
N GLY A 535 21.37 11.31 4.30
CA GLY A 535 21.90 12.55 4.84
C GLY A 535 20.85 13.34 5.60
N GLU A 536 20.95 14.67 5.48
CA GLU A 536 20.07 15.56 6.23
C GLU A 536 18.61 15.36 5.86
N ARG A 537 18.35 15.01 4.60
CA ARG A 537 16.97 14.80 4.18
C ARG A 537 16.38 13.59 4.90
N TRP A 538 17.17 12.54 5.06
CA TRP A 538 16.71 11.37 5.83
C TRP A 538 16.49 11.74 7.29
N GLU A 539 17.38 12.55 7.87
CA GLU A 539 17.18 13.00 9.25
C GLU A 539 15.87 13.78 9.39
N GLU A 540 15.56 14.60 8.40
CA GLU A 540 14.31 15.35 8.38
C GLU A 540 13.10 14.41 8.35
N ILE A 541 13.16 13.37 7.52
CA ILE A 541 12.04 12.45 7.41
C ILE A 541 11.93 11.56 8.65
N LYS A 542 13.05 11.27 9.31
CA LYS A 542 13.01 10.47 10.54
C LYS A 542 12.27 11.15 11.68
N ASN A 543 12.23 12.48 11.69
CA ASN A 543 11.91 13.24 12.91
C ASN A 543 10.40 13.46 13.08
N ILE A 544 9.66 12.37 13.18
CA ILE A 544 8.20 12.41 13.32
C ILE A 544 7.80 12.71 14.76
N PRO A 545 6.64 13.32 14.98
CA PRO A 545 6.17 13.54 16.35
C PRO A 545 5.88 12.22 17.04
N GLY A 546 6.18 12.17 18.33
CA GLY A 546 5.93 10.99 19.13
C GLY A 546 7.11 10.06 19.26
N ALA A 547 8.20 10.26 18.53
CA ALA A 547 9.34 9.37 18.63
C ALA A 547 10.04 9.61 19.97
N LEU A 548 9.93 8.65 20.87
CA LEU A 548 10.52 8.79 22.20
C LEU A 548 12.05 8.76 22.13
N ASP A 549 12.67 9.71 22.81
CA ASP A 549 14.12 9.75 22.91
C ASP A 549 14.58 8.85 24.04
N PRO A 550 15.34 7.78 23.76
CA PRO A 550 15.79 6.89 24.85
C PRO A 550 16.63 7.60 25.91
N ASN A 551 17.13 8.80 25.63
CA ASN A 551 17.89 9.55 26.63
C ASN A 551 16.98 10.37 27.56
N GLU A 552 15.68 10.18 27.48
CA GLU A 552 14.73 10.87 28.34
C GLU A 552 13.92 9.89 29.19
N GLY B 22 -45.04 2.70 -18.52
CA GLY B 22 -45.28 3.28 -19.83
C GLY B 22 -46.20 4.49 -19.74
N PHE B 23 -45.61 5.69 -19.73
CA PHE B 23 -46.35 6.90 -19.43
C PHE B 23 -46.10 8.00 -20.46
N LEU B 24 -45.36 7.72 -21.52
CA LEU B 24 -44.98 8.71 -22.53
C LEU B 24 -45.36 8.20 -23.91
N THR B 25 -46.08 9.03 -24.65
CA THR B 25 -46.56 8.70 -25.99
C THR B 25 -46.15 9.81 -26.94
N GLU B 26 -45.64 9.43 -28.11
CA GLU B 26 -45.30 10.42 -29.13
C GLU B 26 -46.57 10.95 -29.80
N VAL B 27 -46.62 12.26 -30.00
CA VAL B 27 -47.77 12.85 -30.67
C VAL B 27 -47.37 13.60 -31.94
N GLY B 28 -46.14 13.42 -32.40
CA GLY B 28 -45.65 14.07 -33.61
C GLY B 28 -44.40 14.87 -33.34
N GLU B 29 -43.76 15.26 -34.44
CA GLU B 29 -42.53 16.03 -34.36
C GLU B 29 -42.75 17.32 -33.58
N ALA B 30 -41.79 17.63 -32.69
CA ALA B 30 -41.88 18.84 -31.89
C ALA B 30 -41.73 20.06 -32.80
N ARG B 31 -42.63 21.02 -32.64
CA ARG B 31 -42.68 22.24 -33.42
C ARG B 31 -42.17 23.43 -32.61
N GLN B 32 -41.84 24.52 -33.31
CA GLN B 32 -41.47 25.76 -32.66
CA GLN B 32 -41.46 25.76 -32.65
C GLN B 32 -42.58 26.24 -31.73
N GLY B 33 -42.19 26.78 -30.57
CA GLY B 33 -43.18 27.21 -29.60
C GLY B 33 -44.08 28.30 -30.16
N THR B 34 -45.38 28.18 -29.87
CA THR B 34 -46.39 29.14 -30.31
C THR B 34 -46.74 30.16 -29.24
N GLN B 35 -45.95 30.23 -28.17
CA GLN B 35 -46.19 31.18 -27.09
C GLN B 35 -44.91 31.33 -26.30
N GLN B 36 -44.71 32.53 -25.74
CA GLN B 36 -43.48 32.81 -25.02
C GLN B 36 -43.49 32.29 -23.59
N ASP B 37 -44.63 31.85 -23.08
CA ASP B 37 -44.75 31.46 -21.67
C ASP B 37 -44.75 29.94 -21.54
N GLU B 38 -43.65 29.33 -21.98
CA GLU B 38 -43.51 27.88 -21.89
C GLU B 38 -42.05 27.52 -21.65
N VAL B 39 -41.85 26.37 -21.03
CA VAL B 39 -40.54 25.74 -20.91
C VAL B 39 -40.64 24.34 -21.53
N ILE B 40 -39.63 23.97 -22.31
CA ILE B 40 -39.55 22.62 -22.87
C ILE B 40 -38.65 21.78 -21.97
N ILE B 41 -39.18 20.63 -21.56
CA ILE B 41 -38.40 19.56 -20.93
C ILE B 41 -38.01 18.58 -22.03
N ALA B 42 -36.71 18.47 -22.28
CA ALA B 42 -36.19 17.60 -23.32
C ALA B 42 -35.53 16.40 -22.65
N VAL B 43 -36.01 15.20 -22.96
CA VAL B 43 -35.49 14.00 -22.31
C VAL B 43 -34.75 13.16 -23.33
N GLY B 44 -33.84 12.33 -22.82
CA GLY B 44 -33.01 11.48 -23.64
C GLY B 44 -33.81 10.38 -24.31
N PRO B 45 -33.17 9.67 -25.24
CA PRO B 45 -33.91 8.72 -26.09
C PRO B 45 -34.44 7.50 -25.37
N ALA B 46 -33.93 7.18 -24.18
CA ALA B 46 -34.40 6.02 -23.43
C ALA B 46 -35.24 6.39 -22.22
N PHE B 47 -35.45 7.68 -21.98
CA PHE B 47 -36.12 8.14 -20.76
C PHE B 47 -37.57 7.66 -20.73
N GLY B 48 -37.96 6.98 -19.66
CA GLY B 48 -39.30 6.42 -19.60
C GLY B 48 -39.56 5.22 -20.49
N LEU B 49 -38.50 4.67 -21.13
CA LEU B 49 -38.67 3.60 -22.09
C LEU B 49 -37.79 2.44 -21.64
N ALA B 50 -36.63 2.23 -22.27
CA ALA B 50 -35.75 1.15 -21.86
C ALA B 50 -35.24 1.37 -20.44
N GLN B 51 -35.10 2.61 -20.01
CA GLN B 51 -34.81 2.95 -18.62
C GLN B 51 -36.02 3.67 -18.03
N THR B 52 -36.32 3.39 -16.75
CA THR B 52 -37.48 3.98 -16.08
C THR B 52 -37.14 4.60 -14.73
N VAL B 53 -35.88 4.52 -14.29
CA VAL B 53 -35.43 5.12 -13.04
C VAL B 53 -34.09 5.77 -13.31
N ASN B 54 -33.74 6.75 -12.48
CA ASN B 54 -32.45 7.41 -12.58
C ASN B 54 -31.40 6.62 -11.82
N ILE B 55 -30.21 7.21 -11.68
CA ILE B 55 -29.02 6.51 -11.20
C ILE B 55 -29.22 5.90 -9.82
N VAL B 56 -30.12 6.47 -9.00
CA VAL B 56 -30.37 5.96 -7.66
C VAL B 56 -31.80 5.46 -7.49
N GLY B 57 -32.47 5.12 -8.59
CA GLY B 57 -33.74 4.44 -8.52
C GLY B 57 -34.98 5.32 -8.42
N ILE B 58 -34.84 6.63 -8.51
CA ILE B 58 -36.02 7.50 -8.55
C ILE B 58 -36.74 7.29 -9.89
N PRO B 59 -38.04 7.00 -9.88
CA PRO B 59 -38.73 6.74 -11.16
C PRO B 59 -38.76 7.96 -12.07
N HIS B 60 -38.59 7.70 -13.37
CA HIS B 60 -38.70 8.76 -14.37
C HIS B 60 -40.08 9.41 -14.34
N LYS B 61 -41.13 8.63 -14.08
CA LYS B 61 -42.47 9.20 -14.02
C LYS B 61 -42.57 10.24 -12.91
N SER B 62 -41.97 9.95 -11.75
CA SER B 62 -42.02 10.91 -10.64
C SER B 62 -41.14 12.12 -10.92
N ILE B 63 -39.95 11.91 -11.51
CA ILE B 63 -39.09 13.02 -11.87
C ILE B 63 -39.82 13.99 -12.78
N LEU B 64 -40.37 13.47 -13.87
CA LEU B 64 -41.06 14.33 -14.84
C LEU B 64 -42.26 15.01 -14.21
N ARG B 65 -43.01 14.28 -13.38
CA ARG B 65 -44.15 14.89 -12.68
C ARG B 65 -43.70 16.12 -11.90
N GLU B 66 -42.59 16.02 -11.18
CA GLU B 66 -42.18 17.13 -10.33
C GLU B 66 -41.63 18.30 -11.14
N VAL B 67 -40.85 18.02 -12.20
CA VAL B 67 -40.35 19.12 -13.03
C VAL B 67 -41.51 19.89 -13.65
N ILE B 68 -42.47 19.17 -14.24
CA ILE B 68 -43.67 19.80 -14.80
C ILE B 68 -44.39 20.63 -13.75
N ALA B 69 -44.60 20.05 -12.56
CA ALA B 69 -45.33 20.75 -11.51
C ALA B 69 -44.60 22.02 -11.09
N GLY B 70 -43.28 21.97 -11.04
CA GLY B 70 -42.51 23.17 -10.71
C GLY B 70 -42.66 24.26 -11.76
N ILE B 71 -42.74 23.88 -13.03
CA ILE B 71 -42.97 24.86 -14.09
C ILE B 71 -44.36 25.44 -13.97
N GLU B 72 -45.35 24.57 -13.76
CA GLU B 72 -46.74 25.03 -13.79
C GLU B 72 -47.08 25.85 -12.55
N GLU B 73 -46.39 25.60 -11.44
CA GLU B 73 -46.53 26.44 -10.25
C GLU B 73 -46.24 27.90 -10.57
N GLU B 74 -45.26 28.16 -11.43
CA GLU B 74 -44.93 29.52 -11.81
C GLU B 74 -45.83 30.07 -12.89
N GLY B 75 -46.93 29.39 -13.21
CA GLY B 75 -47.86 29.89 -14.21
C GLY B 75 -47.31 29.80 -15.62
N ILE B 76 -46.42 28.84 -15.86
CA ILE B 76 -45.78 28.65 -17.15
C ILE B 76 -46.14 27.27 -17.66
N LYS B 77 -46.32 27.15 -18.97
CA LYS B 77 -46.69 25.87 -19.56
C LYS B 77 -45.46 25.01 -19.77
N ALA B 78 -45.62 23.71 -19.53
CA ALA B 78 -44.57 22.73 -19.68
C ALA B 78 -44.84 21.90 -20.94
N ARG B 79 -43.83 21.74 -21.77
CA ARG B 79 -43.92 20.92 -22.97
C ARG B 79 -42.78 19.92 -22.92
N VAL B 80 -43.07 18.66 -23.22
CA VAL B 80 -42.08 17.58 -23.12
C VAL B 80 -41.78 17.05 -24.51
N ILE B 81 -40.50 16.93 -24.84
CA ILE B 81 -40.09 16.37 -26.11
C ILE B 81 -39.03 15.31 -25.84
N ARG B 82 -38.93 14.36 -26.76
CA ARG B 82 -37.87 13.36 -26.71
C ARG B 82 -36.85 13.70 -27.80
N CYS B 83 -35.57 13.72 -27.42
CA CYS B 83 -34.51 13.95 -28.37
CA CYS B 83 -34.47 13.95 -28.35
C CYS B 83 -33.85 12.63 -28.76
N PHE B 84 -33.55 12.49 -30.05
CA PHE B 84 -32.96 11.28 -30.62
C PHE B 84 -31.58 11.50 -31.19
N LYS B 85 -31.20 12.73 -31.51
CA LYS B 85 -29.93 12.97 -32.17
C LYS B 85 -28.74 12.87 -31.24
N SER B 86 -28.97 12.86 -29.93
CA SER B 86 -27.88 12.83 -28.95
C SER B 86 -28.43 12.34 -27.62
N SER B 87 -27.52 11.79 -26.82
CA SER B 87 -27.81 11.43 -25.43
C SER B 87 -27.07 12.33 -24.46
N ASP B 88 -26.27 13.25 -24.98
CA ASP B 88 -25.55 14.23 -24.18
C ASP B 88 -26.54 15.24 -23.61
N VAL B 89 -26.44 15.53 -22.30
CA VAL B 89 -27.49 16.31 -21.67
C VAL B 89 -27.49 17.75 -22.19
N ALA B 90 -26.33 18.29 -22.55
CA ALA B 90 -26.29 19.64 -23.10
C ALA B 90 -26.92 19.68 -24.48
N PHE B 91 -26.61 18.70 -25.34
CA PHE B 91 -27.16 18.70 -26.70
C PHE B 91 -28.65 18.40 -26.67
N VAL B 92 -29.09 17.49 -25.80
CA VAL B 92 -30.52 17.26 -25.58
C VAL B 92 -31.20 18.58 -25.22
N ALA B 93 -30.63 19.32 -24.27
CA ALA B 93 -31.24 20.58 -23.87
C ALA B 93 -31.17 21.61 -24.99
N VAL B 94 -30.12 21.58 -25.81
CA VAL B 94 -30.05 22.51 -26.93
C VAL B 94 -31.17 22.24 -27.93
N GLU B 95 -31.46 20.96 -28.21
CA GLU B 95 -32.59 20.62 -29.05
C GLU B 95 -33.88 21.24 -28.53
N GLY B 96 -34.05 21.24 -27.20
CA GLY B 96 -35.22 21.83 -26.57
C GLY B 96 -35.22 23.34 -26.62
N ASN B 97 -34.08 23.99 -26.34
CA ASN B 97 -34.14 25.44 -26.27
C ASN B 97 -34.36 26.05 -27.65
N ARG B 98 -34.00 25.33 -28.73
CA ARG B 98 -34.26 25.85 -30.08
C ARG B 98 -35.74 25.95 -30.37
N LEU B 99 -36.55 25.10 -29.75
CA LEU B 99 -37.98 25.04 -30.01
C LEU B 99 -38.81 25.70 -28.93
N SER B 100 -38.19 26.09 -27.82
CA SER B 100 -38.94 26.64 -26.72
C SER B 100 -39.38 28.06 -27.04
N GLY B 101 -40.67 28.33 -26.83
CA GLY B 101 -41.18 29.68 -27.07
C GLY B 101 -40.52 30.72 -26.19
N SER B 102 -39.98 30.31 -25.04
CA SER B 102 -39.27 31.21 -24.14
C SER B 102 -37.77 31.20 -24.35
N GLY B 103 -37.26 30.29 -25.17
CA GLY B 103 -35.83 30.05 -25.26
C GLY B 103 -35.26 29.21 -24.13
N ILE B 104 -36.05 28.86 -23.12
CA ILE B 104 -35.59 28.12 -21.95
C ILE B 104 -35.93 26.65 -22.10
N SER B 105 -34.99 25.78 -21.75
CA SER B 105 -35.27 24.36 -21.78
C SER B 105 -34.60 23.68 -20.59
N ILE B 106 -35.08 22.49 -20.28
CA ILE B 106 -34.49 21.60 -19.29
C ILE B 106 -34.15 20.31 -20.02
N GLY B 107 -32.89 19.90 -19.95
CA GLY B 107 -32.48 18.61 -20.50
C GLY B 107 -32.29 17.61 -19.37
N ILE B 108 -32.79 16.38 -19.58
CA ILE B 108 -32.69 15.32 -18.57
C ILE B 108 -32.30 14.02 -19.25
N GLN B 109 -31.21 13.40 -18.79
CA GLN B 109 -30.82 12.06 -19.21
C GLN B 109 -31.52 11.01 -18.36
N SER B 110 -31.54 9.78 -18.88
CA SER B 110 -32.17 8.68 -18.14
C SER B 110 -31.52 8.47 -16.77
N LYS B 111 -30.20 8.64 -16.68
CA LYS B 111 -29.56 8.48 -15.37
C LYS B 111 -29.82 9.66 -14.44
N GLY B 112 -30.34 10.78 -14.95
CA GLY B 112 -30.88 11.83 -14.11
C GLY B 112 -30.17 13.16 -14.20
N THR B 113 -28.96 13.21 -14.77
CA THR B 113 -28.25 14.45 -15.00
C THR B 113 -29.16 15.45 -15.71
N THR B 114 -29.11 16.71 -15.27
CA THR B 114 -30.08 17.72 -15.66
C THR B 114 -29.37 19.04 -15.93
N VAL B 115 -29.90 19.82 -16.87
CA VAL B 115 -29.38 21.15 -17.14
C VAL B 115 -30.53 22.07 -17.53
N ILE B 116 -30.45 23.31 -17.06
CA ILE B 116 -31.32 24.39 -17.53
C ILE B 116 -30.53 25.17 -18.56
N HIS B 117 -31.04 25.24 -19.78
CA HIS B 117 -30.33 25.82 -20.92
C HIS B 117 -31.13 26.99 -21.48
N GLN B 118 -30.48 27.77 -22.35
CA GLN B 118 -31.09 28.98 -22.88
C GLN B 118 -30.65 29.18 -24.32
N GLN B 119 -31.62 29.39 -25.20
CA GLN B 119 -31.35 29.61 -26.60
C GLN B 119 -30.38 30.78 -26.76
N GLY B 120 -29.36 30.57 -27.58
CA GLY B 120 -28.33 31.57 -27.78
C GLY B 120 -27.06 31.33 -26.98
N LEU B 121 -27.13 30.60 -25.88
CA LEU B 121 -25.93 30.23 -25.17
C LEU B 121 -25.13 29.20 -25.97
N PRO B 122 -23.81 29.20 -25.85
CA PRO B 122 -23.04 28.09 -26.40
C PRO B 122 -23.50 26.78 -25.82
N PRO B 123 -23.43 25.69 -26.60
CA PRO B 123 -24.00 24.42 -26.13
C PRO B 123 -23.43 23.93 -24.81
N LEU B 124 -22.14 24.13 -24.55
CA LEU B 124 -21.59 23.68 -23.27
C LEU B 124 -21.83 24.67 -22.15
N SER B 125 -22.35 25.86 -22.45
CA SER B 125 -22.73 26.78 -21.39
C SER B 125 -24.17 26.45 -20.96
N ASN B 126 -24.61 27.08 -19.88
CA ASN B 126 -25.94 26.79 -19.35
C ASN B 126 -26.33 27.86 -18.34
N LEU B 127 -27.61 27.86 -17.99
CA LEU B 127 -28.07 28.67 -16.88
C LEU B 127 -27.71 28.00 -15.56
N GLU B 128 -28.11 26.74 -15.40
CA GLU B 128 -27.75 25.92 -14.25
C GLU B 128 -27.46 24.50 -14.72
N LEU B 129 -26.39 23.92 -14.18
CA LEU B 129 -26.02 22.53 -14.46
C LEU B 129 -26.10 21.72 -13.18
N PHE B 130 -26.57 20.48 -13.29
CA PHE B 130 -26.67 19.56 -12.16
C PHE B 130 -25.89 18.33 -12.55
N PRO B 131 -24.57 18.35 -12.33
CA PRO B 131 -23.68 17.34 -12.92
C PRO B 131 -23.36 16.18 -11.99
N GLN B 132 -24.10 16.04 -10.89
CA GLN B 132 -24.00 14.88 -10.00
C GLN B 132 -25.43 14.36 -9.81
N ALA B 133 -25.89 13.61 -10.79
CA ALA B 133 -27.24 13.04 -10.73
C ALA B 133 -27.56 12.32 -9.43
N PRO B 134 -26.66 11.54 -8.80
CA PRO B 134 -27.03 10.88 -7.54
C PRO B 134 -27.51 11.83 -6.46
N LEU B 135 -27.16 13.12 -6.52
CA LEU B 135 -27.52 14.05 -5.46
C LEU B 135 -28.90 14.69 -5.66
N LEU B 136 -29.53 14.50 -6.81
CA LEU B 136 -30.83 15.10 -7.07
C LEU B 136 -31.95 14.34 -6.38
N THR B 137 -32.80 15.07 -5.65
CA THR B 137 -34.01 14.50 -5.09
C THR B 137 -35.23 14.96 -5.89
N LEU B 138 -36.40 14.43 -5.54
CA LEU B 138 -37.61 14.92 -6.17
C LEU B 138 -37.87 16.38 -5.82
N GLU B 139 -37.45 16.82 -4.63
CA GLU B 139 -37.50 18.23 -4.31
C GLU B 139 -36.61 19.05 -5.25
N THR B 140 -35.40 18.55 -5.53
CA THR B 140 -34.52 19.27 -6.44
C THR B 140 -35.16 19.40 -7.82
N TYR B 141 -35.71 18.29 -8.33
CA TYR B 141 -36.32 18.34 -9.66
C TYR B 141 -37.47 19.32 -9.70
N ARG B 142 -38.25 19.42 -8.63
CA ARG B 142 -39.33 20.40 -8.62
C ARG B 142 -38.77 21.82 -8.69
N GLN B 143 -37.72 22.09 -7.91
CA GLN B 143 -37.15 23.43 -7.91
C GLN B 143 -36.49 23.76 -9.24
N ILE B 144 -35.97 22.75 -9.93
CA ILE B 144 -35.40 22.96 -11.26
C ILE B 144 -36.49 23.43 -12.22
N GLY B 145 -37.65 22.77 -12.20
CA GLY B 145 -38.78 23.27 -12.97
C GLY B 145 -39.13 24.70 -12.60
N LYS B 146 -39.21 24.99 -11.31
CA LYS B 146 -39.55 26.34 -10.86
C LYS B 146 -38.57 27.36 -11.41
N ASN B 147 -37.27 27.11 -11.28
CA ASN B 147 -36.27 28.08 -11.72
C ASN B 147 -36.30 28.28 -13.22
N ALA B 148 -36.50 27.20 -13.98
CA ALA B 148 -36.63 27.32 -15.43
C ALA B 148 -37.80 28.23 -15.79
N ALA B 149 -38.95 28.01 -15.15
CA ALA B 149 -40.11 28.84 -15.43
C ALA B 149 -39.85 30.29 -15.07
N ARG B 150 -39.07 30.53 -14.01
CA ARG B 150 -38.75 31.91 -13.65
C ARG B 150 -37.76 32.52 -14.63
N TYR B 151 -36.80 31.74 -15.13
CA TYR B 151 -35.96 32.22 -16.22
C TYR B 151 -36.79 32.58 -17.43
N ALA B 152 -37.83 31.78 -17.72
CA ALA B 152 -38.69 32.09 -18.86
C ALA B 152 -39.44 33.39 -18.67
N LYS B 153 -39.76 33.73 -17.42
CA LYS B 153 -40.37 35.02 -17.11
C LYS B 153 -39.34 36.13 -16.97
N ARG B 154 -38.10 35.87 -17.40
CA ARG B 154 -37.01 36.85 -17.41
C ARG B 154 -36.63 37.30 -16.01
N GLU B 155 -36.83 36.42 -15.03
CA GLU B 155 -36.42 36.68 -13.66
C GLU B 155 -35.03 36.10 -13.43
N SER B 156 -34.50 36.34 -12.23
CA SER B 156 -33.19 35.82 -11.82
C SER B 156 -33.37 35.09 -10.50
N PRO B 157 -33.82 33.84 -10.56
CA PRO B 157 -34.03 33.09 -9.32
C PRO B 157 -32.71 32.70 -8.70
N GLN B 158 -32.70 32.58 -7.38
CA GLN B 158 -31.53 32.02 -6.73
C GLN B 158 -31.32 30.62 -7.27
N PRO B 159 -30.10 30.27 -7.69
CA PRO B 159 -29.86 28.94 -8.26
C PRO B 159 -30.25 27.83 -7.29
N VAL B 160 -30.64 26.70 -7.87
CA VAL B 160 -31.12 25.56 -7.06
C VAL B 160 -29.95 24.98 -6.27
N PRO B 161 -30.09 24.76 -4.96
CA PRO B 161 -29.01 24.12 -4.21
C PRO B 161 -29.07 22.60 -4.25
N THR B 162 -27.90 21.97 -4.14
CA THR B 162 -27.80 20.53 -4.01
C THR B 162 -26.95 20.20 -2.78
N LEU B 163 -27.17 19.01 -2.24
CA LEU B 163 -26.44 18.53 -1.07
C LEU B 163 -25.13 17.88 -1.53
N ASN B 164 -24.02 18.30 -0.92
CA ASN B 164 -22.72 17.77 -1.32
C ASN B 164 -22.52 16.34 -0.80
N ASP B 165 -21.85 15.53 -1.62
CA ASP B 165 -21.43 14.18 -1.22
C ASP B 165 -20.23 13.82 -2.06
N GLN B 166 -19.04 13.85 -1.46
CA GLN B 166 -17.82 13.60 -2.23
C GLN B 166 -17.69 12.14 -2.66
N MET B 167 -18.35 11.20 -1.95
CA MET B 167 -18.28 9.81 -2.37
C MET B 167 -19.27 9.49 -3.50
N ALA B 168 -20.19 10.39 -3.83
CA ALA B 168 -21.16 10.09 -4.87
C ALA B 168 -20.48 9.86 -6.22
N ARG B 169 -19.56 10.75 -6.60
CA ARG B 169 -18.95 10.64 -7.93
C ARG B 169 -18.26 9.30 -8.12
N PRO B 170 -17.27 8.90 -7.30
CA PRO B 170 -16.62 7.63 -7.58
C PRO B 170 -17.53 6.42 -7.37
N LYS B 171 -18.47 6.49 -6.42
CA LYS B 171 -19.37 5.38 -6.17
C LYS B 171 -20.31 5.11 -7.35
N TYR B 172 -20.72 6.15 -8.07
CA TYR B 172 -21.72 6.02 -9.13
C TYR B 172 -21.17 6.31 -10.53
N GLN B 173 -19.91 6.72 -10.65
CA GLN B 173 -19.38 7.13 -11.96
C GLN B 173 -19.43 6.00 -12.96
N ALA B 174 -18.96 4.81 -12.56
CA ALA B 174 -18.95 3.68 -13.48
C ALA B 174 -20.37 3.29 -13.87
N LYS B 175 -21.28 3.20 -12.89
CA LYS B 175 -22.66 2.86 -13.19
C LYS B 175 -23.31 3.91 -14.08
N SER B 176 -23.00 5.19 -13.82
CA SER B 176 -23.52 6.25 -14.69
C SER B 176 -23.06 6.06 -16.13
N ALA B 177 -21.79 5.70 -16.33
CA ALA B 177 -21.30 5.51 -17.68
C ALA B 177 -22.00 4.35 -18.37
N ILE B 178 -22.27 3.27 -17.63
CA ILE B 178 -23.04 2.17 -18.20
C ILE B 178 -24.42 2.63 -18.61
N LEU B 179 -25.12 3.34 -17.71
CA LEU B 179 -26.46 3.81 -18.05
C LEU B 179 -26.43 4.73 -19.26
N HIS B 180 -25.41 5.58 -19.35
CA HIS B 180 -25.32 6.49 -20.49
C HIS B 180 -25.07 5.73 -21.78
N ILE B 181 -24.17 4.75 -21.76
CA ILE B 181 -23.93 3.92 -22.93
C ILE B 181 -25.23 3.23 -23.35
N LYS B 182 -25.94 2.66 -22.39
CA LYS B 182 -27.21 1.97 -22.68
C LYS B 182 -28.21 2.92 -23.33
N GLU B 183 -28.31 4.16 -22.84
CA GLU B 183 -29.23 5.11 -23.47
C GLU B 183 -28.74 5.52 -24.85
N THR B 184 -27.43 5.67 -25.02
CA THR B 184 -26.87 6.11 -26.30
C THR B 184 -27.20 5.14 -27.43
N LYS B 185 -27.46 3.87 -27.12
CA LYS B 185 -27.85 2.93 -28.16
C LYS B 185 -29.15 3.31 -28.85
N TYR B 186 -29.97 4.15 -28.22
CA TYR B 186 -31.24 4.58 -28.79
C TYR B 186 -31.14 5.92 -29.52
N VAL B 187 -29.93 6.47 -29.64
CA VAL B 187 -29.74 7.63 -30.50
C VAL B 187 -30.04 7.23 -31.94
N VAL B 188 -30.76 8.09 -32.66
CA VAL B 188 -31.05 7.88 -34.07
C VAL B 188 -30.57 9.11 -34.82
N THR B 189 -29.53 8.95 -35.64
CA THR B 189 -28.99 10.06 -36.40
C THR B 189 -30.06 10.69 -37.26
N GLY B 190 -30.14 12.02 -37.22
CA GLY B 190 -31.03 12.74 -38.11
C GLY B 190 -32.50 12.69 -37.77
N LYS B 191 -32.90 12.04 -36.68
CA LYS B 191 -34.31 11.94 -36.33
C LYS B 191 -34.73 13.15 -35.49
N ASN B 192 -35.79 13.83 -35.92
CA ASN B 192 -36.26 15.04 -35.27
C ASN B 192 -36.88 14.72 -33.91
N PRO B 193 -36.85 15.67 -32.97
CA PRO B 193 -37.49 15.45 -31.67
C PRO B 193 -38.98 15.22 -31.81
N GLN B 194 -39.51 14.34 -30.97
CA GLN B 194 -40.93 14.06 -30.90
C GLN B 194 -41.52 14.76 -29.68
N GLU B 195 -42.62 15.46 -29.88
CA GLU B 195 -43.41 15.96 -28.77
C GLU B 195 -44.05 14.80 -28.04
N LEU B 196 -44.08 14.87 -26.71
CA LEU B 196 -44.57 13.78 -25.90
C LEU B 196 -45.83 14.18 -25.15
N ARG B 197 -46.76 13.25 -25.04
CA ARG B 197 -47.90 13.38 -24.14
C ARG B 197 -47.60 12.58 -22.87
N VAL B 198 -47.84 13.18 -21.72
CA VAL B 198 -47.50 12.59 -20.43
C VAL B 198 -48.77 12.03 -19.80
N ALA B 199 -48.72 10.75 -19.42
CA ALA B 199 -49.87 10.11 -18.81
C ALA B 199 -50.13 10.66 -17.42
N LEU B 200 -51.41 10.69 -17.07
CA LEU B 200 -51.87 11.20 -15.78
C LEU B 200 -51.15 10.53 -14.61
N ALA C 2 22.38 27.09 -27.86
CA ALA C 2 22.80 26.81 -26.49
C ALA C 2 22.64 25.32 -26.21
N ARG C 3 23.38 24.80 -25.22
CA ARG C 3 23.40 23.38 -24.90
C ARG C 3 22.94 23.18 -23.46
N VAL C 4 22.81 21.92 -23.03
CA VAL C 4 22.31 21.70 -21.68
C VAL C 4 23.28 22.29 -20.65
N SER C 5 24.57 22.35 -20.97
CA SER C 5 25.53 22.94 -20.04
CA SER C 5 25.54 22.94 -20.05
C SER C 5 25.31 24.44 -19.85
N ASP C 6 24.58 25.08 -20.77
CA ASP C 6 24.24 26.49 -20.68
C ASP C 6 23.01 26.76 -19.83
N TYR C 7 22.37 25.70 -19.29
CA TYR C 7 21.13 25.76 -18.53
C TYR C 7 21.42 25.52 -17.05
N PRO C 8 20.72 26.23 -16.14
CA PRO C 8 19.70 27.26 -16.37
C PRO C 8 20.32 28.58 -16.86
N LEU C 9 19.62 29.30 -17.74
CA LEU C 9 20.15 30.58 -18.19
C LEU C 9 20.37 31.53 -17.01
N ALA C 10 19.49 31.48 -16.00
CA ALA C 10 19.62 32.39 -14.88
C ALA C 10 20.91 32.18 -14.12
N ASN C 11 21.44 30.96 -14.12
CA ASN C 11 22.72 30.62 -13.48
C ASN C 11 23.89 30.80 -14.44
N LYS C 12 23.77 30.28 -15.66
CA LYS C 12 24.91 30.24 -16.57
C LYS C 12 25.05 31.47 -17.45
N HIS C 13 23.95 32.12 -17.81
CA HIS C 13 24.04 33.28 -18.72
C HIS C 13 22.95 34.30 -18.41
N PRO C 14 22.89 34.86 -17.19
CA PRO C 14 21.82 35.83 -16.90
C PRO C 14 21.85 37.02 -17.83
N GLU C 15 23.04 37.44 -18.28
CA GLU C 15 23.15 38.58 -19.18
C GLU C 15 22.48 38.33 -20.53
N TRP C 16 22.34 37.06 -20.93
CA TRP C 16 21.62 36.72 -22.16
C TRP C 16 20.14 37.03 -22.07
N VAL C 17 19.60 37.15 -20.87
CA VAL C 17 18.16 37.30 -20.68
C VAL C 17 17.83 38.79 -20.69
N LYS C 18 17.18 39.23 -21.76
CA LYS C 18 16.65 40.58 -21.87
C LYS C 18 15.13 40.52 -21.91
N THR C 19 14.49 41.67 -21.79
CA THR C 19 13.05 41.77 -21.90
C THR C 19 12.65 42.43 -23.21
N ALA C 20 11.35 42.36 -23.51
CA ALA C 20 10.82 42.95 -24.74
C ALA C 20 11.19 44.43 -24.86
N THR C 21 11.37 45.11 -23.73
CA THR C 21 11.76 46.51 -23.68
C THR C 21 13.24 46.71 -23.42
N ASN C 22 14.04 45.64 -23.56
CA ASN C 22 15.49 45.70 -23.44
C ASN C 22 15.95 46.01 -22.01
N LYS C 23 15.22 45.52 -21.01
CA LYS C 23 15.69 45.53 -19.65
C LYS C 23 16.48 44.26 -19.36
N THR C 24 17.26 44.29 -18.28
CA THR C 24 18.00 43.11 -17.83
C THR C 24 17.43 42.62 -16.50
N LEU C 25 17.82 41.38 -16.15
CA LEU C 25 17.36 40.80 -14.90
C LEU C 25 17.72 41.68 -13.71
N ASP C 26 18.92 42.25 -13.70
CA ASP C 26 19.32 43.09 -12.57
C ASP C 26 18.52 44.38 -12.47
N ASP C 27 17.85 44.79 -13.55
CA ASP C 27 17.01 45.99 -13.46
C ASP C 27 15.79 45.74 -12.58
N PHE C 28 15.40 44.49 -12.38
CA PHE C 28 14.17 44.17 -11.66
C PHE C 28 14.49 44.03 -10.17
N THR C 29 14.52 45.19 -9.51
CA THR C 29 14.74 45.31 -8.08
C THR C 29 13.51 45.92 -7.44
N LEU C 30 13.36 45.71 -6.13
CA LEU C 30 12.27 46.36 -5.41
C LEU C 30 12.32 47.87 -5.60
N GLU C 31 13.52 48.45 -5.56
CA GLU C 31 13.65 49.89 -5.74
C GLU C 31 13.10 50.34 -7.09
N ASN C 32 13.42 49.60 -8.15
CA ASN C 32 12.94 50.01 -9.47
C ASN C 32 11.46 49.73 -9.65
N VAL C 33 10.93 48.67 -9.04
CA VAL C 33 9.48 48.45 -9.06
C VAL C 33 8.76 49.59 -8.36
N LEU C 34 9.23 49.95 -7.16
CA LEU C 34 8.52 50.93 -6.35
C LEU C 34 8.55 52.32 -6.99
N SER C 35 9.60 52.63 -7.75
CA SER C 35 9.70 53.92 -8.44
C SER C 35 9.15 53.88 -9.85
N ASN C 36 8.59 52.75 -10.28
CA ASN C 36 8.08 52.56 -11.63
C ASN C 36 9.14 52.73 -12.69
N LYS C 37 10.42 52.54 -12.33
CA LYS C 37 11.46 52.50 -13.36
C LYS C 37 11.35 51.23 -14.18
N VAL C 38 10.78 50.16 -13.63
CA VAL C 38 10.34 49.00 -14.41
C VAL C 38 8.85 48.80 -14.14
N THR C 39 8.15 48.36 -15.16
CA THR C 39 6.71 48.13 -15.07
C THR C 39 6.38 46.78 -15.69
N ALA C 40 5.09 46.44 -15.66
CA ALA C 40 4.65 45.14 -16.16
C ALA C 40 4.92 44.99 -17.65
N GLN C 41 4.85 46.08 -18.41
CA GLN C 41 5.14 45.99 -19.84
C GLN C 41 6.62 45.73 -20.10
N ASP C 42 7.49 46.03 -19.13
CA ASP C 42 8.88 45.62 -19.26
C ASP C 42 9.07 44.13 -18.99
N MET C 43 8.13 43.50 -18.29
CA MET C 43 8.36 42.16 -17.77
C MET C 43 7.73 41.10 -18.68
N ARG C 44 8.34 40.94 -19.84
CA ARG C 44 7.89 39.99 -20.86
C ARG C 44 9.08 39.21 -21.40
N ILE C 45 8.98 37.88 -21.37
CA ILE C 45 10.01 37.05 -21.97
C ILE C 45 10.11 37.34 -23.47
N THR C 46 11.34 37.26 -24.01
CA THR C 46 11.62 37.63 -25.38
C THR C 46 11.61 36.41 -26.28
N PRO C 47 11.41 36.61 -27.59
CA PRO C 47 11.62 35.48 -28.52
C PRO C 47 13.04 34.97 -28.49
N GLU C 48 14.03 35.83 -28.22
CA GLU C 48 15.41 35.37 -28.13
C GLU C 48 15.58 34.36 -27.01
N THR C 49 15.02 34.65 -25.84
CA THR C 49 15.09 33.73 -24.71
C THR C 49 14.41 32.41 -25.04
N LEU C 50 13.22 32.47 -25.64
CA LEU C 50 12.49 31.25 -25.96
C LEU C 50 13.24 30.42 -27.00
N ARG C 51 13.86 31.07 -27.99
CA ARG C 51 14.63 30.31 -28.97
C ARG C 51 15.89 29.71 -28.35
N LEU C 52 16.48 30.38 -27.37
CA LEU C 52 17.57 29.77 -26.61
C LEU C 52 17.11 28.53 -25.85
N GLN C 53 15.95 28.61 -25.20
CA GLN C 53 15.41 27.46 -24.48
C GLN C 53 15.06 26.33 -25.43
N ALA C 54 14.58 26.68 -26.63
CA ALA C 54 14.29 25.66 -27.62
C ALA C 54 15.56 24.91 -28.01
N SER C 55 16.66 25.63 -28.15
CA SER C 55 17.95 25.00 -28.45
CA SER C 55 17.93 24.97 -28.46
C SER C 55 18.37 24.08 -27.30
N ILE C 56 18.13 24.52 -26.06
CA ILE C 56 18.46 23.68 -24.91
C ILE C 56 17.57 22.45 -24.88
N ALA C 57 16.28 22.62 -25.18
CA ALA C 57 15.37 21.47 -25.25
C ALA C 57 15.82 20.47 -26.30
N LYS C 58 16.22 20.94 -27.48
CA LYS C 58 16.73 20.04 -28.50
C LYS C 58 17.96 19.29 -28.01
N ASP C 59 18.89 20.00 -27.38
CA ASP C 59 20.10 19.35 -26.90
C ASP C 59 19.80 18.37 -25.78
N ALA C 60 18.69 18.57 -25.08
CA ALA C 60 18.26 17.62 -24.05
C ALA C 60 17.50 16.44 -24.63
N GLY C 61 17.37 16.36 -25.96
CA GLY C 61 16.65 15.27 -26.60
C GLY C 61 15.17 15.48 -26.80
N ARG C 62 14.68 16.71 -26.67
CA ARG C 62 13.24 16.97 -26.62
C ARG C 62 12.86 17.88 -27.78
N ASP C 63 12.81 17.29 -28.98
CA ASP C 63 12.62 18.09 -30.19
C ASP C 63 11.24 18.71 -30.25
N ARG C 64 10.23 18.00 -29.76
CA ARG C 64 8.87 18.54 -29.85
C ARG C 64 8.68 19.68 -28.86
N LEU C 65 9.23 19.55 -27.65
CA LEU C 65 9.22 20.67 -26.71
C LEU C 65 9.91 21.89 -27.32
N ALA C 66 11.01 21.67 -28.05
CA ALA C 66 11.70 22.76 -28.72
C ALA C 66 10.79 23.45 -29.73
N MET C 67 10.05 22.68 -30.54
CA MET C 67 9.14 23.26 -31.51
CA MET C 67 9.14 23.26 -31.51
C MET C 67 8.05 24.09 -30.83
N ASN C 68 7.58 23.63 -29.66
CA ASN C 68 6.60 24.40 -28.90
C ASN C 68 7.19 25.76 -28.52
N PHE C 69 8.42 25.76 -28.01
CA PHE C 69 9.07 27.02 -27.63
C PHE C 69 9.30 27.92 -28.85
N GLU C 70 9.57 27.33 -30.03
CA GLU C 70 9.74 28.15 -31.21
CA GLU C 70 9.73 28.13 -31.23
C GLU C 70 8.42 28.82 -31.61
N ARG C 71 7.31 28.08 -31.50
CA ARG C 71 6.01 28.72 -31.71
C ARG C 71 5.80 29.83 -30.68
N ALA C 72 6.09 29.53 -29.42
CA ALA C 72 5.95 30.51 -28.36
C ALA C 72 6.76 31.77 -28.64
N ALA C 73 7.98 31.60 -29.16
CA ALA C 73 8.82 32.76 -29.46
C ALA C 73 8.13 33.68 -30.45
N GLU C 74 7.46 33.11 -31.46
CA GLU C 74 6.71 33.92 -32.41
C GLU C 74 5.55 34.63 -31.71
N LEU C 75 4.89 33.95 -30.79
CA LEU C 75 3.68 34.48 -30.17
C LEU C 75 3.95 35.58 -29.15
N THR C 76 5.21 35.79 -28.75
CA THR C 76 5.49 36.93 -27.88
C THR C 76 5.03 38.23 -28.52
N ALA C 77 5.07 38.31 -29.86
CA ALA C 77 4.73 39.53 -30.56
C ALA C 77 3.24 39.73 -30.75
N VAL C 78 2.42 38.72 -30.45
CA VAL C 78 0.98 38.75 -30.68
C VAL C 78 0.27 39.25 -29.42
N PRO C 79 -0.59 40.27 -29.54
CA PRO C 79 -1.22 40.85 -28.34
C PRO C 79 -2.10 39.84 -27.61
N ASP C 80 -2.31 40.12 -26.31
CA ASP C 80 -3.06 39.22 -25.44
C ASP C 80 -4.42 38.86 -26.02
N ASP C 81 -5.20 39.87 -26.44
CA ASP C 81 -6.53 39.59 -26.95
C ASP C 81 -6.48 38.77 -28.24
N ARG C 82 -5.47 39.02 -29.08
CA ARG C 82 -5.36 38.28 -30.32
C ARG C 82 -5.00 36.82 -30.08
N ILE C 83 -4.22 36.55 -29.04
CA ILE C 83 -3.93 35.17 -28.64
C ILE C 83 -5.22 34.39 -28.42
N LEU C 84 -6.14 34.98 -27.64
CA LEU C 84 -7.39 34.28 -27.34
CA LEU C 84 -7.39 34.30 -27.33
C LEU C 84 -8.27 34.15 -28.56
N GLU C 85 -8.25 35.14 -29.47
CA GLU C 85 -9.07 35.05 -30.67
C GLU C 85 -8.62 33.90 -31.54
N ILE C 86 -7.31 33.72 -31.69
CA ILE C 86 -6.81 32.65 -32.53
C ILE C 86 -7.09 31.29 -31.88
N TYR C 87 -6.85 31.18 -30.57
CA TYR C 87 -7.21 29.96 -29.85
C TYR C 87 -8.66 29.61 -30.09
N ASN C 88 -9.57 30.57 -29.88
CA ASN C 88 -10.98 30.29 -30.13
C ASN C 88 -11.24 29.91 -31.58
N ALA C 89 -10.60 30.61 -32.52
CA ALA C 89 -10.87 30.31 -33.93
C ALA C 89 -10.48 28.88 -34.30
N LEU C 90 -9.55 28.28 -33.56
CA LEU C 90 -9.12 26.92 -33.85
C LEU C 90 -10.02 25.87 -33.23
N ARG C 91 -11.00 26.26 -32.42
CA ARG C 91 -11.93 25.30 -31.85
CA ARG C 91 -11.93 25.30 -31.85
C ARG C 91 -12.85 24.78 -32.96
N PRO C 92 -13.34 23.55 -32.83
CA PRO C 92 -14.14 22.97 -33.91
C PRO C 92 -15.39 23.79 -34.19
N TYR C 93 -15.69 23.97 -35.47
CA TYR C 93 -16.91 24.60 -35.99
C TYR C 93 -16.93 26.11 -35.82
N ARG C 94 -15.83 26.72 -35.37
CA ARG C 94 -15.83 28.17 -35.13
C ARG C 94 -15.56 28.95 -36.40
N SER C 95 -14.69 28.45 -37.28
CA SER C 95 -14.14 29.24 -38.38
C SER C 95 -14.43 28.56 -39.72
N THR C 96 -14.52 29.38 -40.76
CA THR C 96 -14.42 28.83 -42.11
C THR C 96 -12.97 28.56 -42.45
N LYS C 97 -12.75 27.84 -43.55
CA LYS C 97 -11.38 27.59 -43.99
C LYS C 97 -10.70 28.90 -44.35
N GLU C 98 -11.40 29.81 -45.04
CA GLU C 98 -10.77 31.07 -45.43
C GLU C 98 -10.48 31.94 -44.21
N GLU C 99 -11.30 31.84 -43.17
CA GLU C 99 -10.99 32.58 -41.95
C GLU C 99 -9.71 32.06 -41.28
N LEU C 100 -9.50 30.73 -41.30
CA LEU C 100 -8.25 30.20 -40.74
C LEU C 100 -7.06 30.57 -41.61
N LEU C 101 -7.20 30.47 -42.93
CA LEU C 101 -6.11 30.89 -43.80
C LEU C 101 -5.80 32.36 -43.64
N ALA C 102 -6.82 33.19 -43.39
CA ALA C 102 -6.58 34.62 -43.18
C ALA C 102 -5.84 34.86 -41.86
N ILE C 103 -6.12 34.06 -40.83
CA ILE C 103 -5.36 34.16 -39.60
C ILE C 103 -3.90 33.82 -39.85
N ALA C 104 -3.65 32.78 -40.66
CA ALA C 104 -2.27 32.38 -40.91
C ALA C 104 -1.52 33.46 -41.70
N ASP C 105 -2.17 34.03 -42.72
CA ASP C 105 -1.50 35.08 -43.48
C ASP C 105 -1.19 36.28 -42.60
N ASP C 106 -2.09 36.59 -41.68
CA ASP C 106 -1.85 37.71 -40.77
C ASP C 106 -0.76 37.39 -39.77
N LEU C 107 -0.75 36.16 -39.23
CA LEU C 107 0.35 35.73 -38.37
C LEU C 107 1.69 35.93 -39.08
N GLU C 108 1.76 35.48 -40.33
CA GLU C 108 3.03 35.52 -41.05
C GLU C 108 3.42 36.94 -41.41
N SER C 109 2.48 37.71 -41.98
CA SER C 109 2.85 39.01 -42.51
C SER C 109 2.89 40.09 -41.42
N ARG C 110 1.99 40.03 -40.44
CA ARG C 110 2.02 41.06 -39.41
C ARG C 110 3.04 40.76 -38.31
N TYR C 111 3.19 39.49 -37.92
CA TYR C 111 4.04 39.13 -36.79
C TYR C 111 5.26 38.30 -37.15
N GLN C 112 5.47 37.98 -38.44
CA GLN C 112 6.54 37.07 -38.86
C GLN C 112 6.45 35.74 -38.12
N ALA C 113 5.24 35.34 -37.78
CA ALA C 113 5.02 34.10 -37.03
C ALA C 113 4.85 32.95 -38.01
N LYS C 114 5.97 32.60 -38.68
CA LYS C 114 5.94 31.66 -39.79
C LYS C 114 5.52 30.26 -39.35
N ILE C 115 6.09 29.78 -38.25
CA ILE C 115 5.78 28.43 -37.78
C ILE C 115 4.32 28.33 -37.36
N CYS C 116 3.85 29.32 -36.58
CA CYS C 116 2.44 29.35 -36.17
C CYS C 116 1.51 29.46 -37.37
N ALA C 117 1.91 30.22 -38.39
CA ALA C 117 1.11 30.32 -39.60
C ALA C 117 0.94 28.94 -40.26
N ALA C 118 2.04 28.20 -40.41
CA ALA C 118 1.95 26.87 -41.01
C ALA C 118 1.10 25.94 -40.15
N PHE C 119 1.22 26.07 -38.83
CA PHE C 119 0.38 25.30 -37.91
C PHE C 119 -1.11 25.57 -38.15
N VAL C 120 -1.47 26.83 -38.39
CA VAL C 120 -2.89 27.15 -38.59
C VAL C 120 -3.36 26.69 -39.97
N ARG C 121 -2.53 26.87 -41.00
CA ARG C 121 -2.88 26.36 -42.33
C ARG C 121 -3.06 24.85 -42.29
N GLU C 122 -2.21 24.16 -41.53
CA GLU C 122 -2.37 22.71 -41.37
C GLU C 122 -3.71 22.37 -40.72
N ALA C 123 -4.08 23.07 -39.66
CA ALA C 123 -5.38 22.85 -39.05
C ALA C 123 -6.49 23.08 -40.06
N ALA C 124 -6.40 24.17 -40.85
CA ALA C 124 -7.44 24.43 -41.83
C ALA C 124 -7.59 23.26 -42.79
N THR C 125 -6.47 22.74 -43.28
CA THR C 125 -6.53 21.65 -44.27
C THR C 125 -7.16 20.40 -43.67
N LEU C 126 -6.76 20.05 -42.46
CA LEU C 126 -7.29 18.84 -41.86
C LEU C 126 -8.72 19.03 -41.33
N TYR C 127 -9.09 20.28 -40.96
CA TYR C 127 -10.48 20.51 -40.55
C TYR C 127 -11.43 20.32 -41.72
N VAL C 128 -10.97 20.59 -42.95
CA VAL C 128 -11.77 20.25 -44.11
C VAL C 128 -12.02 18.75 -44.14
N GLU C 129 -10.96 17.96 -44.03
CA GLU C 129 -11.10 16.53 -44.20
C GLU C 129 -11.93 15.91 -43.09
N ARG C 130 -11.78 16.42 -41.86
CA ARG C 130 -12.47 15.83 -40.72
C ARG C 130 -13.76 16.56 -40.36
N LYS C 131 -14.19 17.50 -41.20
CA LYS C 131 -15.48 18.19 -41.04
C LYS C 131 -15.57 18.89 -39.67
N LYS C 132 -14.60 19.78 -39.43
CA LYS C 132 -14.56 20.55 -38.18
C LYS C 132 -14.62 22.04 -38.44
N LEU C 133 -15.10 22.47 -39.60
CA LEU C 133 -15.24 23.89 -39.90
C LEU C 133 -16.67 24.35 -39.61
N LYS C 134 -16.85 25.67 -39.62
CA LYS C 134 -18.17 26.25 -39.44
C LYS C 134 -19.14 25.69 -40.47
N GLY C 135 -20.33 25.31 -40.01
CA GLY C 135 -21.31 24.68 -40.87
C GLY C 135 -21.23 23.17 -40.92
N ASP C 136 -20.22 22.56 -40.32
CA ASP C 136 -20.06 21.11 -40.37
C ASP C 136 -20.76 20.38 -39.23
N ASP C 137 -21.31 21.10 -38.26
CA ASP C 137 -21.92 20.46 -37.10
C ASP C 137 -23.44 20.43 -37.25
N MET D 1 -1.89 28.91 22.61
CA MET D 1 -3.04 28.47 21.82
C MET D 1 -2.64 27.37 20.84
N ARG D 2 -3.53 26.41 20.62
CA ARG D 2 -3.23 25.25 19.80
C ARG D 2 -3.69 25.47 18.36
N SER D 3 -2.90 24.96 17.43
CA SER D 3 -3.36 24.80 16.06
C SER D 3 -4.43 23.72 16.00
N LYS D 4 -5.61 24.08 15.43
CA LYS D 4 -6.66 23.09 15.26
C LYS D 4 -6.27 22.03 14.23
N ARG D 5 -5.40 22.40 13.27
CA ARG D 5 -4.82 21.42 12.37
C ARG D 5 -4.09 20.33 13.15
N PHE D 6 -3.30 20.72 14.15
CA PHE D 6 -2.55 19.72 14.92
C PHE D 6 -3.44 18.99 15.94
N GLU D 7 -4.50 19.64 16.41
CA GLU D 7 -5.47 18.92 17.23
C GLU D 7 -6.17 17.83 16.42
N ALA D 8 -6.53 18.13 15.17
CA ALA D 8 -7.09 17.10 14.30
C ALA D 8 -6.11 15.95 14.08
N LEU D 9 -4.85 16.27 13.80
CA LEU D 9 -3.85 15.22 13.60
C LEU D 9 -3.59 14.43 14.86
N ALA D 10 -3.67 15.07 16.04
CA ALA D 10 -3.43 14.36 17.28
C ALA D 10 -4.47 13.29 17.55
N LYS D 11 -5.64 13.40 16.93
CA LYS D 11 -6.69 12.40 17.10
C LYS D 11 -6.54 11.21 16.15
N ARG D 12 -5.59 11.26 15.21
CA ARG D 12 -5.48 10.21 14.21
C ARG D 12 -4.94 8.93 14.84
N PRO D 13 -5.44 7.77 14.45
CA PRO D 13 -4.99 6.51 15.07
C PRO D 13 -3.48 6.28 15.00
N VAL D 14 -2.81 6.72 13.93
CA VAL D 14 -1.38 6.44 13.79
C VAL D 14 -0.60 7.04 14.96
N ASN D 15 -1.11 8.12 15.55
CA ASN D 15 -0.42 8.76 16.67
C ASN D 15 -0.67 8.06 18.00
N GLN D 16 -1.39 6.95 17.98
CA GLN D 16 -1.38 6.03 19.12
C GLN D 16 -0.29 4.98 19.00
N ASP D 17 0.39 4.90 17.86
CA ASP D 17 1.42 3.89 17.66
C ASP D 17 2.64 4.21 18.53
N GLY D 18 3.47 3.20 18.74
CA GLY D 18 4.70 3.39 19.48
C GLY D 18 5.89 3.69 18.59
N PHE D 19 6.54 4.83 18.82
CA PHE D 19 7.72 5.23 18.06
C PHE D 19 8.87 5.56 19.01
N VAL D 20 10.09 5.23 18.61
CA VAL D 20 11.26 5.63 19.38
C VAL D 20 12.37 6.07 18.43
N LYS D 21 13.25 6.93 18.94
CA LYS D 21 14.46 7.29 18.21
C LYS D 21 15.49 6.17 18.33
N GLU D 22 16.40 6.12 17.36
CA GLU D 22 17.39 5.05 17.34
C GLU D 22 18.33 5.13 18.54
N TRP D 23 18.77 3.97 19.00
CA TRP D 23 19.73 3.86 20.10
C TRP D 23 20.79 2.87 19.61
N ILE D 24 21.78 3.39 18.88
CA ILE D 24 22.70 2.54 18.14
C ILE D 24 23.53 1.68 19.07
N GLU D 25 24.01 2.26 20.18
CA GLU D 25 24.89 1.55 21.09
C GLU D 25 24.22 0.30 21.64
N GLU D 26 22.89 0.29 21.74
CA GLU D 26 22.16 -0.83 22.33
C GLU D 26 21.51 -1.71 21.28
N GLY D 27 21.75 -1.46 20.00
CA GLY D 27 21.13 -2.25 18.97
C GLY D 27 19.70 -1.86 18.63
N PHE D 28 19.21 -0.74 19.13
CA PHE D 28 17.85 -0.30 18.80
C PHE D 28 17.91 0.54 17.51
N ILE D 29 18.11 -0.19 16.42
CA ILE D 29 18.26 0.37 15.08
C ILE D 29 17.95 -0.81 14.15
N ALA D 30 17.11 -0.57 13.14
CA ALA D 30 16.57 -1.68 12.35
C ALA D 30 17.63 -2.29 11.43
N MET D 31 18.48 -1.45 10.83
CA MET D 31 19.46 -1.92 9.87
C MET D 31 20.49 -0.81 9.66
N GLU D 32 21.57 -1.14 8.96
CA GLU D 32 22.61 -0.17 8.58
C GLU D 32 23.24 0.48 9.82
N SER D 33 23.57 -0.35 10.82
CA SER D 33 24.29 0.16 12.00
C SER D 33 25.79 0.16 11.75
N PRO D 34 26.50 1.21 12.20
CA PRO D 34 27.96 1.21 12.14
C PRO D 34 28.60 0.18 13.06
N ASN D 35 27.82 -0.43 13.96
CA ASN D 35 28.36 -1.49 14.82
C ASN D 35 28.32 -2.86 14.17
N ASP D 36 27.58 -3.04 13.08
CA ASP D 36 27.53 -4.35 12.45
C ASP D 36 28.90 -4.72 11.90
N PRO D 37 29.31 -5.99 12.01
CA PRO D 37 30.67 -6.37 11.61
C PRO D 37 30.86 -6.27 10.11
N LYS D 38 32.09 -5.98 9.72
CA LYS D 38 32.43 -5.97 8.29
C LYS D 38 32.55 -7.40 7.79
N PRO D 39 32.00 -7.71 6.60
CA PRO D 39 32.01 -9.10 6.12
C PRO D 39 33.43 -9.61 5.90
N SER D 40 33.65 -10.87 6.31
CA SER D 40 34.93 -11.52 6.05
C SER D 40 34.75 -13.01 6.25
N ILE D 41 35.64 -13.79 5.63
CA ILE D 41 35.69 -15.21 5.91
C ILE D 41 37.08 -15.73 5.58
N LYS D 42 37.51 -16.74 6.32
CA LYS D 42 38.70 -17.52 6.00
C LYS D 42 38.32 -18.98 6.13
N ILE D 43 38.82 -19.79 5.20
CA ILE D 43 38.47 -21.20 5.12
C ILE D 43 39.74 -22.00 4.95
N VAL D 44 39.88 -23.05 5.76
CA VAL D 44 41.04 -23.93 5.73
C VAL D 44 40.49 -25.34 5.54
N ASN D 45 40.67 -25.91 4.35
CA ASN D 45 40.27 -27.29 4.06
C ASN D 45 38.83 -27.55 4.49
N GLY D 46 37.93 -26.65 4.08
CA GLY D 46 36.52 -26.81 4.40
C GLY D 46 36.10 -26.42 5.79
N ALA D 47 37.01 -25.87 6.60
CA ALA D 47 36.69 -25.38 7.93
C ALA D 47 36.83 -23.87 7.95
N VAL D 48 35.82 -23.19 8.48
CA VAL D 48 35.88 -21.74 8.65
C VAL D 48 36.75 -21.42 9.85
N THR D 49 37.76 -20.57 9.64
CA THR D 49 38.61 -20.13 10.74
C THR D 49 38.36 -18.68 11.12
N GLU D 50 37.58 -17.95 10.32
CA GLU D 50 37.24 -16.57 10.61
C GLU D 50 35.92 -16.25 9.93
N LEU D 51 35.05 -15.54 10.65
CA LEU D 51 33.71 -15.23 10.18
C LEU D 51 33.38 -13.79 10.56
N ASP D 52 33.22 -12.94 9.55
CA ASP D 52 32.83 -11.54 9.73
C ASP D 52 33.63 -10.87 10.85
N GLY D 53 34.96 -10.98 10.75
CA GLY D 53 35.88 -10.29 11.63
C GLY D 53 36.20 -11.02 12.91
N LYS D 54 35.55 -12.14 13.17
CA LYS D 54 35.71 -12.90 14.39
C LYS D 54 36.55 -14.14 14.09
N PRO D 55 37.66 -14.36 14.80
CA PRO D 55 38.39 -15.62 14.65
C PRO D 55 37.67 -16.75 15.35
N VAL D 56 37.93 -17.98 14.89
CA VAL D 56 37.18 -19.13 15.41
C VAL D 56 37.35 -19.27 16.91
N SER D 57 38.51 -18.87 17.45
CA SER D 57 38.73 -18.91 18.90
C SER D 57 37.65 -18.14 19.66
N ASP D 58 37.05 -17.13 19.03
CA ASP D 58 36.04 -16.28 19.65
C ASP D 58 34.61 -16.61 19.21
N PHE D 59 34.41 -17.65 18.40
CA PHE D 59 33.07 -18.01 17.97
C PHE D 59 32.18 -18.33 19.15
N ASP D 60 30.94 -17.83 19.14
CA ASP D 60 29.93 -18.33 20.05
C ASP D 60 29.22 -19.52 19.37
N LEU D 61 28.25 -20.13 20.07
CA LEU D 61 27.59 -21.30 19.49
C LEU D 61 26.91 -20.98 18.16
N ILE D 62 26.42 -19.75 17.99
CA ILE D 62 25.78 -19.36 16.73
C ILE D 62 26.82 -19.29 15.63
N ASP D 63 27.95 -18.64 15.89
CA ASP D 63 29.03 -18.60 14.90
C ASP D 63 29.44 -20.02 14.49
N HIS D 64 29.66 -20.90 15.47
CA HIS D 64 30.09 -22.25 15.18
C HIS D 64 29.09 -22.97 14.28
N PHE D 65 27.80 -22.87 14.64
CA PHE D 65 26.76 -23.56 13.90
C PHE D 65 26.68 -23.04 12.46
N ILE D 66 26.65 -21.72 12.32
CA ILE D 66 26.60 -21.09 10.99
C ILE D 66 27.85 -21.45 10.19
N ALA D 67 29.02 -21.32 10.81
CA ALA D 67 30.26 -21.58 10.07
C ALA D 67 30.35 -23.04 9.63
N ARG D 68 29.93 -23.99 10.49
CA ARG D 68 30.07 -25.40 10.14
C ARG D 68 29.01 -25.88 9.17
N TYR D 69 27.81 -25.28 9.19
CA TYR D 69 26.69 -25.83 8.45
C TYR D 69 25.92 -24.83 7.61
N GLY D 70 26.13 -23.54 7.78
CA GLY D 70 25.15 -22.63 7.21
C GLY D 70 25.59 -21.84 5.99
N ILE D 71 26.82 -22.07 5.52
CA ILE D 71 27.39 -21.31 4.41
C ILE D 71 27.89 -22.28 3.37
N ASN D 72 27.57 -22.02 2.10
CA ASN D 72 28.17 -22.75 0.97
C ASN D 72 29.64 -22.37 0.88
N LEU D 73 30.52 -23.18 1.47
CA LEU D 73 31.93 -22.83 1.51
C LEU D 73 32.60 -22.95 0.14
N ASN D 74 31.95 -23.60 -0.83
CA ASN D 74 32.58 -23.80 -2.13
C ASN D 74 32.80 -22.47 -2.85
N ARG D 75 31.91 -21.50 -2.68
CA ARG D 75 32.03 -20.22 -3.37
C ARG D 75 32.06 -19.05 -2.40
N ALA D 76 32.31 -19.31 -1.12
CA ALA D 76 32.26 -18.24 -0.12
C ALA D 76 33.33 -17.18 -0.38
N GLU D 77 34.55 -17.62 -0.65
CA GLU D 77 35.63 -16.65 -0.92
C GLU D 77 35.38 -15.91 -2.23
N GLU D 78 34.79 -16.57 -3.22
CA GLU D 78 34.47 -15.91 -4.48
C GLU D 78 33.43 -14.82 -4.28
N VAL D 79 32.35 -15.11 -3.55
CA VAL D 79 31.31 -14.10 -3.40
C VAL D 79 31.77 -13.00 -2.44
N MET D 80 32.62 -13.34 -1.46
CA MET D 80 33.11 -12.32 -0.54
C MET D 80 33.86 -11.22 -1.28
N ALA D 81 34.60 -11.58 -2.33
CA ALA D 81 35.38 -10.62 -3.10
C ALA D 81 34.54 -9.84 -4.11
N MET D 82 33.28 -10.20 -4.31
CA MET D 82 32.43 -9.47 -5.24
C MET D 82 31.90 -8.21 -4.57
N ASP D 83 31.69 -7.18 -5.39
CA ASP D 83 31.21 -5.91 -4.88
C ASP D 83 29.75 -6.03 -4.41
N SER D 84 29.46 -5.54 -3.22
CA SER D 84 28.13 -5.73 -2.66
C SER D 84 27.06 -4.99 -3.45
N VAL D 85 27.40 -3.83 -4.01
CA VAL D 85 26.43 -3.13 -4.84
C VAL D 85 26.13 -3.95 -6.09
N LYS D 86 27.16 -4.52 -6.72
CA LYS D 86 26.93 -5.37 -7.88
C LYS D 86 26.03 -6.55 -7.51
N LEU D 87 26.29 -7.18 -6.36
CA LEU D 87 25.45 -8.30 -5.93
C LEU D 87 24.00 -7.86 -5.68
N ALA D 88 23.81 -6.67 -5.06
CA ALA D 88 22.46 -6.17 -4.87
C ALA D 88 21.79 -5.91 -6.22
N ASN D 89 22.56 -5.41 -7.18
CA ASN D 89 22.06 -5.23 -8.53
C ASN D 89 21.63 -6.58 -9.13
N MET D 90 22.46 -7.61 -8.96
CA MET D 90 22.11 -8.94 -9.45
C MET D 90 20.80 -9.44 -8.83
N LEU D 91 20.60 -9.17 -7.54
CA LEU D 91 19.40 -9.66 -6.86
C LEU D 91 18.13 -9.15 -7.53
N CYS D 92 18.10 -7.88 -7.94
CA CYS D 92 16.88 -7.33 -8.50
C CYS D 92 16.87 -7.32 -10.02
N ASP D 93 17.99 -7.61 -10.66
CA ASP D 93 18.09 -7.68 -12.12
C ASP D 93 17.23 -8.81 -12.66
N PRO D 94 16.21 -8.54 -13.48
CA PRO D 94 15.36 -9.63 -13.97
C PRO D 94 16.11 -10.65 -14.82
N ASN D 95 17.32 -10.34 -15.29
CA ASN D 95 18.01 -11.19 -16.25
C ASN D 95 19.12 -12.01 -15.61
N VAL D 96 19.23 -11.99 -14.30
CA VAL D 96 20.14 -12.88 -13.56
C VAL D 96 19.27 -13.91 -12.86
N LYS D 97 19.37 -15.16 -13.33
CA LYS D 97 18.50 -16.24 -12.86
C LYS D 97 18.68 -16.53 -11.37
N ARG D 98 17.55 -16.82 -10.71
CA ARG D 98 17.59 -17.31 -9.34
C ARG D 98 18.57 -18.47 -9.19
N SER D 99 18.61 -19.38 -10.17
CA SER D 99 19.48 -20.55 -10.06
C SER D 99 20.96 -20.17 -10.20
N GLU D 100 21.25 -19.00 -10.74
CA GLU D 100 22.63 -18.50 -10.77
C GLU D 100 22.98 -17.72 -9.52
N ILE D 101 21.97 -17.15 -8.86
CA ILE D 101 22.21 -16.36 -7.66
C ILE D 101 22.34 -17.25 -6.43
N VAL D 102 21.51 -18.29 -6.32
CA VAL D 102 21.43 -19.06 -5.08
C VAL D 102 22.78 -19.63 -4.66
N PRO D 103 23.61 -20.17 -5.55
CA PRO D 103 24.95 -20.62 -5.11
C PRO D 103 25.81 -19.50 -4.55
N LEU D 104 25.60 -18.26 -4.98
CA LEU D 104 26.37 -17.15 -4.44
C LEU D 104 25.79 -16.63 -3.14
N THR D 105 24.46 -16.47 -3.05
CA THR D 105 23.90 -15.94 -1.82
C THR D 105 24.03 -16.95 -0.68
N THR D 106 23.87 -18.24 -0.97
CA THR D 106 24.07 -19.22 0.10
C THR D 106 25.53 -19.33 0.50
N ALA D 107 26.44 -18.77 -0.30
CA ALA D 107 27.86 -18.69 0.02
C ALA D 107 28.23 -17.41 0.76
N MET D 108 27.32 -16.45 0.89
CA MET D 108 27.62 -15.23 1.63
C MET D 108 27.62 -15.50 3.14
N THR D 109 28.47 -14.76 3.86
CA THR D 109 28.37 -14.72 5.31
C THR D 109 27.16 -13.87 5.71
N PRO D 110 26.68 -13.99 6.94
CA PRO D 110 25.55 -13.15 7.37
C PRO D 110 25.79 -11.66 7.18
N ALA D 111 26.95 -11.15 7.60
CA ALA D 111 27.23 -9.72 7.41
C ALA D 111 27.27 -9.35 5.93
N LYS D 112 27.75 -10.27 5.08
CA LYS D 112 27.85 -9.95 3.65
C LYS D 112 26.48 -9.78 3.01
N ILE D 113 25.57 -10.73 3.25
CA ILE D 113 24.26 -10.61 2.61
C ILE D 113 23.47 -9.43 3.20
N VAL D 114 23.73 -9.08 4.46
CA VAL D 114 23.08 -7.91 5.03
C VAL D 114 23.57 -6.64 4.35
N GLU D 115 24.89 -6.56 4.11
CA GLU D 115 25.44 -5.41 3.40
C GLU D 115 24.86 -5.32 1.99
N VAL D 116 24.69 -6.47 1.33
CA VAL D 116 24.13 -6.51 -0.02
C VAL D 116 22.72 -5.92 -0.05
N VAL D 117 21.81 -6.47 0.76
CA VAL D 117 20.42 -6.04 0.65
C VAL D 117 20.25 -4.63 1.19
N SER D 118 21.17 -4.15 2.04
CA SER D 118 21.01 -2.81 2.58
C SER D 118 21.29 -1.72 1.54
N HIS D 119 21.85 -2.08 0.38
CA HIS D 119 21.97 -1.16 -0.75
C HIS D 119 20.64 -0.94 -1.48
N MET D 120 19.58 -1.64 -1.12
CA MET D 120 18.35 -1.66 -1.91
C MET D 120 17.25 -0.83 -1.25
N ASN D 121 16.43 -0.17 -2.07
CA ASN D 121 15.19 0.41 -1.61
C ASN D 121 14.09 -0.65 -1.71
N VAL D 122 12.90 -0.33 -1.17
CA VAL D 122 11.88 -1.38 -1.09
C VAL D 122 11.39 -1.80 -2.47
N VAL D 123 11.41 -0.89 -3.46
CA VAL D 123 11.02 -1.28 -4.81
C VAL D 123 11.98 -2.33 -5.35
N GLU D 124 13.28 -2.10 -5.15
CA GLU D 124 14.29 -3.07 -5.58
C GLU D 124 14.14 -4.39 -4.83
N MET D 125 13.82 -4.32 -3.53
CA MET D 125 13.67 -5.56 -2.76
C MET D 125 12.48 -6.37 -3.25
N MET D 126 11.36 -5.70 -3.56
CA MET D 126 10.21 -6.44 -4.09
C MET D 126 10.52 -7.04 -5.45
N MET D 127 11.21 -6.27 -6.30
CA MET D 127 11.62 -6.77 -7.60
C MET D 127 12.46 -8.03 -7.44
N ALA D 128 13.33 -8.06 -6.43
CA ALA D 128 14.14 -9.24 -6.15
C ALA D 128 13.31 -10.36 -5.56
N MET D 129 12.37 -10.03 -4.67
CA MET D 129 11.63 -11.08 -3.96
C MET D 129 10.79 -11.90 -4.93
N GLN D 130 10.19 -11.27 -5.94
CA GLN D 130 9.40 -12.05 -6.88
C GLN D 130 10.27 -13.03 -7.66
N LYS D 131 11.58 -12.82 -7.69
CA LYS D 131 12.51 -13.76 -8.29
C LYS D 131 13.05 -14.77 -7.29
N MET D 132 13.35 -14.34 -6.07
CA MET D 132 14.03 -15.22 -5.12
C MET D 132 13.09 -16.11 -4.33
N ARG D 133 11.80 -15.79 -4.26
CA ARG D 133 10.82 -16.70 -3.66
C ARG D 133 11.00 -18.10 -4.22
N ALA D 134 11.08 -19.08 -3.32
CA ALA D 134 11.42 -20.45 -3.73
C ALA D 134 10.29 -21.10 -4.52
N ARG D 135 9.06 -21.04 -4.02
CA ARG D 135 7.93 -21.62 -4.74
C ARG D 135 7.47 -20.64 -5.81
N ARG D 136 7.24 -21.16 -7.03
CA ARG D 136 6.74 -20.30 -8.10
C ARG D 136 5.40 -19.68 -7.72
N THR D 137 4.49 -20.48 -7.17
CA THR D 137 3.15 -20.03 -6.81
C THR D 137 3.17 -19.41 -5.42
N PRO D 138 2.73 -18.16 -5.26
CA PRO D 138 2.55 -17.61 -3.90
C PRO D 138 1.37 -18.27 -3.20
N SER D 139 1.39 -18.20 -1.88
CA SER D 139 0.31 -18.79 -1.08
C SER D 139 0.08 -17.93 0.16
N GLN D 140 -0.69 -18.48 1.11
CA GLN D 140 -1.18 -17.76 2.28
C GLN D 140 -1.41 -18.74 3.42
N GLN D 141 -1.20 -18.26 4.65
CA GLN D 141 -1.41 -19.03 5.87
C GLN D 141 -2.33 -18.25 6.80
N ALA D 142 -3.28 -18.94 7.43
CA ALA D 142 -4.28 -18.33 8.30
C ALA D 142 -4.15 -18.76 9.76
N HIS D 143 -4.50 -17.86 10.67
CA HIS D 143 -4.85 -18.24 12.05
C HIS D 143 -6.31 -18.64 12.10
N VAL D 144 -6.59 -19.73 12.81
CA VAL D 144 -7.96 -20.15 13.13
C VAL D 144 -8.01 -20.42 14.62
N THR D 145 -8.58 -19.48 15.38
CA THR D 145 -8.66 -19.58 16.83
C THR D 145 -9.97 -18.93 17.27
N ASN D 146 -10.27 -19.06 18.55
CA ASN D 146 -11.30 -18.24 19.18
C ASN D 146 -11.09 -18.26 20.68
N VAL D 147 -11.62 -17.23 21.35
CA VAL D 147 -11.29 -17.01 22.75
C VAL D 147 -11.84 -18.09 23.67
N LYS D 148 -12.72 -18.96 23.16
CA LYS D 148 -13.33 -20.02 23.95
C LYS D 148 -12.75 -21.38 23.66
N ASP D 149 -11.83 -21.48 22.68
CA ASP D 149 -11.37 -22.77 22.18
C ASP D 149 -12.55 -23.62 21.73
N ASN D 150 -13.61 -22.97 21.24
CA ASN D 150 -14.77 -23.72 20.78
C ASN D 150 -14.38 -24.56 19.58
N PRO D 151 -14.44 -25.90 19.67
CA PRO D 151 -13.98 -26.72 18.55
C PRO D 151 -14.93 -26.71 17.37
N VAL D 152 -16.23 -26.55 17.59
CA VAL D 152 -17.16 -26.48 16.46
C VAL D 152 -16.87 -25.25 15.63
N GLN D 153 -16.65 -24.11 16.30
CA GLN D 153 -16.32 -22.88 15.59
C GLN D 153 -14.98 -23.00 14.89
N ILE D 154 -13.98 -23.62 15.55
CA ILE D 154 -12.69 -23.82 14.89
C ILE D 154 -12.87 -24.61 13.61
N ALA D 155 -13.65 -25.70 13.66
CA ALA D 155 -13.86 -26.51 12.46
C ALA D 155 -14.54 -25.69 11.37
N ALA D 156 -15.55 -24.90 11.73
CA ALA D 156 -16.26 -24.10 10.74
C ALA D 156 -15.36 -23.02 10.16
N ASP D 157 -14.67 -22.26 11.01
CA ASP D 157 -13.78 -21.20 10.53
C ASP D 157 -12.65 -21.77 9.67
N ALA D 158 -12.12 -22.94 10.07
CA ALA D 158 -11.07 -23.58 9.28
C ALA D 158 -11.59 -24.00 7.92
N ALA D 159 -12.83 -24.48 7.86
CA ALA D 159 -13.39 -24.85 6.56
C ALA D 159 -13.57 -23.61 5.68
N GLU D 160 -14.10 -22.53 6.23
CA GLU D 160 -14.23 -21.29 5.45
C GLU D 160 -12.87 -20.80 4.98
N GLY D 161 -11.86 -20.87 5.84
CA GLY D 161 -10.55 -20.36 5.45
C GLY D 161 -9.94 -21.17 4.33
N ALA D 162 -10.08 -22.50 4.39
CA ALA D 162 -9.60 -23.34 3.30
C ALA D 162 -10.36 -23.06 2.01
N TRP D 163 -11.67 -22.83 2.13
CA TRP D 163 -12.48 -22.50 0.95
C TRP D 163 -12.02 -21.20 0.32
N ARG D 164 -11.59 -20.24 1.14
CA ARG D 164 -11.15 -18.96 0.63
C ARG D 164 -9.75 -19.02 0.01
N GLY D 165 -8.94 -20.02 0.37
CA GLY D 165 -7.67 -20.19 -0.31
C GLY D 165 -6.44 -20.41 0.54
N PHE D 166 -6.55 -20.34 1.86
CA PHE D 166 -5.39 -20.65 2.69
C PHE D 166 -4.95 -22.10 2.47
N ASP D 167 -3.65 -22.29 2.26
CA ASP D 167 -3.07 -23.61 2.06
C ASP D 167 -2.39 -24.14 3.32
N GLU D 168 -2.17 -23.27 4.31
CA GLU D 168 -1.73 -23.65 5.66
C GLU D 168 -2.62 -22.92 6.66
N GLN D 169 -3.01 -23.60 7.73
CA GLN D 169 -3.79 -22.94 8.77
C GLN D 169 -3.26 -23.36 10.14
N GLU D 170 -3.33 -22.42 11.08
CA GLU D 170 -2.65 -22.50 12.37
C GLU D 170 -3.65 -22.22 13.48
N THR D 171 -3.73 -23.11 14.47
CA THR D 171 -4.49 -22.81 15.67
C THR D 171 -3.56 -22.74 16.88
N THR D 172 -4.07 -22.15 17.95
CA THR D 172 -3.45 -22.26 19.28
C THR D 172 -4.58 -22.17 20.30
N VAL D 173 -4.22 -22.19 21.58
CA VAL D 173 -5.22 -22.35 22.64
C VAL D 173 -5.28 -21.11 23.52
N ALA D 174 -6.50 -20.81 23.99
CA ALA D 174 -6.64 -19.93 25.15
C ALA D 174 -6.43 -20.71 26.44
N VAL D 175 -6.90 -21.95 26.48
CA VAL D 175 -6.74 -22.82 27.64
C VAL D 175 -5.90 -24.01 27.22
N ALA D 176 -4.74 -24.17 27.85
CA ALA D 176 -3.73 -25.13 27.42
C ALA D 176 -4.30 -26.52 27.16
N ARG D 177 -5.06 -27.06 28.11
CA ARG D 177 -5.46 -28.45 27.96
C ARG D 177 -6.52 -28.66 26.89
N TYR D 178 -7.03 -27.59 26.26
CA TYR D 178 -7.93 -27.75 25.11
C TYR D 178 -7.22 -28.23 23.85
N ALA D 179 -5.89 -28.12 23.81
CA ALA D 179 -5.11 -28.27 22.57
C ALA D 179 -5.50 -29.45 21.70
N PRO D 180 -5.67 -30.69 22.21
CA PRO D 180 -6.03 -31.78 21.28
C PRO D 180 -7.34 -31.55 20.55
N PHE D 181 -8.34 -30.94 21.20
CA PHE D 181 -9.59 -30.62 20.50
C PHE D 181 -9.36 -29.57 19.41
N ASN D 182 -8.64 -28.50 19.73
CA ASN D 182 -8.33 -27.48 18.72
C ASN D 182 -7.68 -28.10 17.49
N ALA D 183 -6.69 -28.98 17.72
CA ALA D 183 -5.93 -29.56 16.62
C ALA D 183 -6.82 -30.41 15.72
N ILE D 184 -7.62 -31.29 16.32
CA ILE D 184 -8.51 -32.15 15.54
C ILE D 184 -9.54 -31.32 14.79
N ALA D 185 -10.16 -30.34 15.47
CA ALA D 185 -11.15 -29.50 14.82
C ALA D 185 -10.56 -28.74 13.65
N LEU D 186 -9.34 -28.21 13.83
CA LEU D 186 -8.66 -27.50 12.75
C LEU D 186 -8.35 -28.44 11.60
N LEU D 187 -7.94 -29.66 11.90
CA LEU D 187 -7.62 -30.61 10.84
C LEU D 187 -8.87 -31.05 10.10
N VAL D 188 -9.91 -31.47 10.83
CA VAL D 188 -11.16 -31.88 10.19
C VAL D 188 -11.74 -30.73 9.39
N GLY D 189 -11.88 -29.56 10.02
CA GLY D 189 -12.43 -28.41 9.31
C GLY D 189 -11.65 -28.06 8.06
N SER D 190 -10.32 -28.07 8.15
CA SER D 190 -9.50 -27.73 6.99
C SER D 190 -9.72 -28.69 5.84
N GLN D 191 -9.83 -29.99 6.15
CA GLN D 191 -9.99 -30.98 5.09
C GLN D 191 -11.37 -30.91 4.45
N VAL D 192 -12.38 -30.51 5.21
CA VAL D 192 -13.70 -30.30 4.65
C VAL D 192 -13.68 -29.13 3.66
N GLY D 193 -12.99 -28.04 4.02
CA GLY D 193 -12.95 -26.87 3.14
C GLY D 193 -12.16 -27.10 1.87
N ARG D 194 -10.99 -27.74 1.97
CA ARG D 194 -10.22 -28.13 0.79
C ARG D 194 -9.23 -29.21 1.17
N PRO D 195 -9.42 -30.45 0.72
CA PRO D 195 -8.49 -31.53 1.06
C PRO D 195 -7.08 -31.20 0.58
N GLY D 196 -6.11 -31.31 1.49
CA GLY D 196 -4.74 -30.94 1.23
C GLY D 196 -4.23 -29.80 2.09
N VAL D 197 -5.12 -28.98 2.65
CA VAL D 197 -4.70 -27.88 3.50
C VAL D 197 -3.93 -28.44 4.70
N LEU D 198 -2.76 -27.87 4.98
CA LEU D 198 -1.92 -28.34 6.08
C LEU D 198 -2.25 -27.59 7.37
N THR D 199 -2.16 -28.29 8.51
CA THR D 199 -2.56 -27.69 9.78
C THR D 199 -1.48 -27.86 10.84
N GLN D 200 -1.41 -26.88 11.74
CA GLN D 200 -0.50 -26.91 12.87
C GLN D 200 -1.23 -26.40 14.10
N CYS D 201 -0.76 -26.83 15.26
CA CYS D 201 -1.31 -26.39 16.55
C CYS D 201 -0.14 -25.95 17.41
N SER D 202 0.04 -24.63 17.54
CA SER D 202 1.26 -24.06 18.10
C SER D 202 1.17 -24.03 19.63
N LEU D 203 2.11 -24.70 20.28
CA LEU D 203 2.08 -24.95 21.71
C LEU D 203 3.51 -24.98 22.24
N GLU D 204 3.65 -25.28 23.53
CA GLU D 204 4.96 -25.62 24.07
C GLU D 204 5.51 -26.83 23.31
N GLU D 205 6.84 -26.84 23.10
CA GLU D 205 7.44 -27.73 22.10
C GLU D 205 7.07 -29.19 22.32
N ALA D 206 7.12 -29.67 23.57
CA ALA D 206 6.91 -31.10 23.80
C ALA D 206 5.47 -31.49 23.50
N THR D 207 4.51 -30.71 24.00
CA THR D 207 3.11 -31.00 23.73
C THR D 207 2.83 -30.99 22.23
N GLU D 208 3.41 -30.02 21.51
CA GLU D 208 3.13 -29.92 20.07
C GLU D 208 3.71 -31.10 19.31
N LEU D 209 4.94 -31.51 19.65
CA LEU D 209 5.50 -32.70 19.03
C LEU D 209 4.67 -33.94 19.33
N LYS D 210 4.17 -34.06 20.56
CA LYS D 210 3.33 -35.20 20.92
C LYS D 210 2.06 -35.26 20.08
N LEU D 211 1.43 -34.10 19.84
CA LEU D 211 0.21 -34.09 19.02
C LEU D 211 0.53 -34.46 17.57
N GLY D 212 1.69 -34.01 17.07
CA GLY D 212 2.15 -34.49 15.79
C GLY D 212 2.39 -35.99 15.76
N MET D 213 3.04 -36.50 16.81
CA MET D 213 3.27 -37.94 16.89
C MET D 213 1.94 -38.71 16.91
N LEU D 214 0.88 -38.10 17.46
CA LEU D 214 -0.42 -38.74 17.51
C LEU D 214 -1.22 -38.62 16.22
N GLY D 215 -0.79 -37.77 15.29
CA GLY D 215 -1.44 -37.64 14.01
C GLY D 215 -2.44 -36.51 13.90
N HIS D 216 -2.47 -35.59 14.86
CA HIS D 216 -3.49 -34.56 14.90
C HIS D 216 -3.01 -33.22 14.34
N THR D 217 -1.78 -33.17 13.82
CA THR D 217 -1.26 -32.02 13.09
C THR D 217 -0.56 -32.52 11.84
N CYS D 218 -0.27 -31.59 10.93
CA CYS D 218 0.51 -31.88 9.74
C CYS D 218 1.88 -31.24 9.74
N TYR D 219 2.08 -30.16 10.48
CA TYR D 219 3.36 -29.48 10.48
C TYR D 219 3.50 -28.64 11.74
N ALA D 220 4.70 -28.12 11.95
CA ALA D 220 4.99 -27.23 13.08
C ALA D 220 5.83 -26.06 12.60
N GLU D 221 5.65 -24.91 13.25
CA GLU D 221 6.28 -23.67 12.78
C GLU D 221 6.89 -22.82 13.89
N THR D 222 6.32 -22.80 15.10
CA THR D 222 6.70 -21.83 16.12
C THR D 222 7.92 -22.29 16.94
N ILE D 223 8.82 -23.06 16.33
CA ILE D 223 10.08 -23.43 16.98
C ILE D 223 11.07 -22.30 16.73
N SER D 224 11.35 -21.54 17.78
CA SER D 224 12.05 -20.26 17.62
C SER D 224 13.55 -20.46 17.50
N VAL D 225 14.20 -19.52 16.83
CA VAL D 225 15.64 -19.34 16.92
C VAL D 225 15.92 -17.86 17.17
N TYR D 226 17.13 -17.58 17.66
CA TYR D 226 17.51 -16.24 18.10
C TYR D 226 18.93 -15.93 17.64
N GLY D 227 19.23 -14.64 17.55
CA GLY D 227 20.44 -14.18 16.90
C GLY D 227 21.60 -13.79 17.78
N THR D 228 21.48 -13.86 19.11
CA THR D 228 22.65 -13.78 19.96
C THR D 228 22.64 -14.94 20.93
N GLU D 229 23.84 -15.38 21.30
CA GLU D 229 23.95 -16.50 22.24
C GLU D 229 23.25 -16.25 23.57
N PRO D 230 23.34 -15.09 24.20
CA PRO D 230 22.62 -14.92 25.48
C PRO D 230 21.11 -15.07 25.34
N VAL D 231 20.52 -14.49 24.29
CA VAL D 231 19.07 -14.59 24.08
C VAL D 231 18.68 -16.03 23.76
N PHE D 232 19.45 -16.70 22.90
CA PHE D 232 19.22 -18.11 22.60
C PHE D 232 19.27 -18.94 23.88
N THR D 233 20.33 -18.75 24.67
CA THR D 233 20.47 -19.45 25.95
C THR D 233 19.30 -19.17 26.87
N ASP D 234 18.85 -17.91 26.92
CA ASP D 234 17.73 -17.55 27.79
C ASP D 234 16.40 -18.08 27.28
N GLY D 235 16.32 -18.51 26.02
CA GLY D 235 15.18 -19.28 25.59
C GLY D 235 15.27 -20.75 25.91
N ASP D 236 16.36 -21.16 26.58
CA ASP D 236 16.61 -22.55 27.03
C ASP D 236 16.88 -23.49 25.86
N ASP D 237 17.61 -23.01 24.84
CA ASP D 237 18.00 -23.86 23.72
C ASP D 237 19.36 -23.42 23.19
N THR D 238 19.90 -24.24 22.30
CA THR D 238 21.08 -23.92 21.49
C THR D 238 20.73 -24.24 20.05
N PRO D 239 21.61 -23.91 19.10
CA PRO D 239 21.34 -24.35 17.72
C PRO D 239 21.29 -25.87 17.60
N TRP D 240 22.00 -26.60 18.48
CA TRP D 240 22.00 -28.05 18.39
C TRP D 240 20.69 -28.65 18.93
N SER D 241 20.16 -28.12 20.03
CA SER D 241 18.87 -28.64 20.50
C SER D 241 17.78 -28.37 19.46
N LYS D 242 17.79 -27.17 18.87
CA LYS D 242 16.80 -26.84 17.85
C LYS D 242 16.99 -27.70 16.60
N GLY D 243 18.24 -27.93 16.18
CA GLY D 243 18.46 -28.76 15.01
C GLY D 243 18.06 -30.21 15.24
N PHE D 244 18.21 -30.70 16.48
CA PHE D 244 17.76 -32.06 16.78
C PHE D 244 16.24 -32.14 16.73
N LEU D 245 15.55 -31.15 17.29
CA LEU D 245 14.09 -31.12 17.21
C LEU D 245 13.62 -31.08 15.75
N ALA D 246 14.29 -30.30 14.92
CA ALA D 246 13.92 -30.22 13.51
C ALA D 246 13.95 -31.59 12.85
N SER D 247 15.04 -32.34 13.07
CA SER D 247 15.14 -33.68 12.48
C SER D 247 14.14 -34.63 13.11
N SER D 248 13.83 -34.43 14.39
CA SER D 248 12.85 -35.28 15.05
C SER D 248 11.49 -35.17 14.36
N TYR D 249 11.08 -33.95 13.98
CA TYR D 249 9.83 -33.78 13.25
C TYR D 249 9.86 -34.53 11.93
N ALA D 250 10.94 -34.35 11.16
CA ALA D 250 11.06 -35.03 9.87
C ALA D 250 11.08 -36.55 10.04
N SER D 251 11.65 -37.05 11.14
CA SER D 251 11.67 -38.48 11.37
C SER D 251 10.27 -39.04 11.57
N ARG D 252 9.30 -38.18 11.86
CA ARG D 252 7.90 -38.56 11.98
C ARG D 252 7.08 -38.20 10.75
N GLY D 253 7.74 -37.77 9.68
CA GLY D 253 7.02 -37.41 8.46
C GLY D 253 6.34 -36.06 8.50
N LEU D 254 6.71 -35.19 9.44
CA LEU D 254 6.04 -33.91 9.64
C LEU D 254 6.89 -32.78 9.08
N LYS D 255 6.32 -31.99 8.17
CA LYS D 255 6.95 -30.75 7.72
C LYS D 255 7.16 -29.82 8.91
N MET D 256 8.25 -29.06 8.90
CA MET D 256 8.38 -28.03 9.92
C MET D 256 9.24 -26.88 9.41
N ARG D 257 9.14 -25.76 10.12
CA ARG D 257 10.00 -24.61 9.90
C ARG D 257 10.34 -24.02 11.25
N PHE D 258 11.33 -23.13 11.28
CA PHE D 258 11.62 -22.34 12.46
C PHE D 258 10.83 -21.03 12.42
N THR D 259 10.83 -20.32 13.55
CA THR D 259 10.35 -18.94 13.59
C THR D 259 11.47 -18.03 14.08
N SER D 260 11.62 -16.87 13.45
CA SER D 260 12.49 -15.84 13.98
C SER D 260 11.84 -14.50 13.68
N GLY D 261 12.64 -13.44 13.63
CA GLY D 261 12.13 -12.12 13.31
C GLY D 261 12.90 -10.98 13.96
N SER D 262 13.12 -9.92 13.18
CA SER D 262 13.88 -8.77 13.67
C SER D 262 13.33 -8.25 15.00
N GLY D 263 14.24 -7.91 15.90
CA GLY D 263 13.90 -7.20 17.10
C GLY D 263 13.87 -8.04 18.36
N SER D 264 13.86 -9.37 18.23
CA SER D 264 13.75 -10.24 19.40
C SER D 264 14.91 -10.01 20.37
N GLU D 265 16.12 -9.79 19.84
CA GLU D 265 17.28 -9.73 20.72
C GLU D 265 17.36 -8.41 21.46
N VAL D 266 17.18 -7.28 20.75
CA VAL D 266 17.23 -6.00 21.47
C VAL D 266 16.05 -5.90 22.42
N GLN D 267 14.91 -6.50 22.08
CA GLN D 267 13.80 -6.55 23.01
C GLN D 267 14.20 -7.22 24.32
N MET D 268 14.94 -8.34 24.25
CA MET D 268 15.44 -8.97 25.47
C MET D 268 16.60 -8.21 26.09
N GLY D 269 17.13 -7.19 25.42
CA GLY D 269 18.23 -6.43 25.97
C GLY D 269 19.61 -7.01 25.75
N TYR D 270 19.77 -8.00 24.87
CA TYR D 270 21.08 -8.57 24.58
C TYR D 270 21.31 -8.59 23.06
N ALA D 271 21.40 -7.40 22.47
CA ALA D 271 21.66 -7.28 21.04
C ALA D 271 23.14 -7.26 20.72
N GLU D 272 24.02 -7.24 21.73
CA GLU D 272 25.46 -7.15 21.51
C GLU D 272 25.81 -5.98 20.58
N GLY D 273 25.03 -4.90 20.69
CA GLY D 273 25.29 -3.69 19.94
C GLY D 273 24.92 -3.70 18.47
N LYS D 274 24.29 -4.77 17.98
CA LYS D 274 24.10 -4.99 16.55
C LYS D 274 22.71 -4.54 16.08
N SER D 275 22.61 -4.26 14.78
CA SER D 275 21.32 -3.92 14.21
C SER D 275 20.39 -5.13 14.24
N MET D 276 19.08 -4.86 14.17
CA MET D 276 18.10 -5.93 14.17
C MET D 276 18.25 -6.82 12.94
N LEU D 277 18.50 -6.20 11.79
CA LEU D 277 18.61 -6.97 10.55
C LEU D 277 19.82 -7.91 10.57
N TYR D 278 20.97 -7.44 11.07
CA TYR D 278 22.14 -8.31 11.15
C TYR D 278 21.86 -9.51 12.06
N LEU D 279 21.25 -9.27 13.23
CA LEU D 279 20.96 -10.38 14.13
C LEU D 279 19.93 -11.32 13.54
N GLU D 280 18.96 -10.78 12.78
CA GLU D 280 17.99 -11.63 12.12
C GLU D 280 18.65 -12.47 11.03
N ALA D 281 19.64 -11.90 10.34
CA ALA D 281 20.41 -12.69 9.38
C ALA D 281 21.07 -13.89 10.06
N ARG D 282 21.59 -13.69 11.28
CA ARG D 282 22.13 -14.84 12.00
C ARG D 282 21.05 -15.90 12.24
N CYS D 283 19.84 -15.46 12.60
CA CYS D 283 18.73 -16.39 12.78
C CYS D 283 18.42 -17.13 11.48
N ILE D 284 18.44 -16.42 10.35
CA ILE D 284 18.16 -17.04 9.06
C ILE D 284 19.22 -18.09 8.74
N TYR D 285 20.49 -17.80 9.01
CA TYR D 285 21.54 -18.78 8.74
C TYR D 285 21.50 -19.96 9.71
N ILE D 286 21.05 -19.73 10.95
CA ILE D 286 20.85 -20.85 11.87
C ILE D 286 19.83 -21.82 11.30
N THR D 287 18.75 -21.29 10.73
CA THR D 287 17.74 -22.12 10.08
C THR D 287 18.33 -22.90 8.92
N LYS D 288 19.09 -22.21 8.07
CA LYS D 288 19.76 -22.88 6.96
C LYS D 288 20.67 -23.97 7.46
N ALA D 289 21.48 -23.65 8.49
CA ALA D 289 22.47 -24.58 9.00
C ALA D 289 21.82 -25.82 9.59
N ALA D 290 20.63 -25.68 10.17
CA ALA D 290 19.95 -26.83 10.75
C ALA D 290 19.42 -27.76 9.68
N GLY D 291 19.38 -27.33 8.43
CA GLY D 291 18.74 -28.13 7.41
C GLY D 291 17.24 -28.01 7.43
N VAL D 292 16.72 -26.99 8.13
CA VAL D 292 15.30 -26.68 8.13
C VAL D 292 14.92 -26.05 6.80
N GLN D 293 13.77 -26.46 6.23
CA GLN D 293 13.45 -26.11 4.86
C GLN D 293 12.93 -24.68 4.72
N GLY D 294 12.35 -24.12 5.78
CA GLY D 294 11.71 -22.82 5.68
C GLY D 294 11.75 -22.07 6.99
N LEU D 295 11.20 -20.86 6.96
CA LEU D 295 11.30 -19.97 8.10
C LEU D 295 10.12 -19.01 8.12
N GLN D 296 9.53 -18.83 9.30
CA GLN D 296 8.57 -17.75 9.54
C GLN D 296 9.33 -16.56 10.11
N ASN D 297 9.40 -15.47 9.34
CA ASN D 297 10.08 -14.28 9.85
C ASN D 297 9.46 -13.05 9.16
N GLY D 298 10.08 -11.89 9.39
CA GLY D 298 9.43 -10.61 9.15
C GLY D 298 8.99 -10.00 10.47
N SER D 299 9.86 -10.12 11.48
CA SER D 299 9.66 -9.65 12.86
C SER D 299 8.65 -10.46 13.66
N VAL D 300 7.54 -10.87 13.04
CA VAL D 300 6.50 -11.68 13.69
C VAL D 300 6.01 -10.98 14.95
N SER D 301 6.18 -11.61 16.13
CA SER D 301 5.57 -11.03 17.33
C SER D 301 6.33 -9.83 17.88
N CYS D 302 7.53 -9.58 17.38
CA CYS D 302 8.35 -8.46 17.85
C CYS D 302 8.16 -7.22 17.01
N ILE D 303 7.12 -7.20 16.17
CA ILE D 303 6.95 -6.18 15.14
C ILE D 303 6.88 -4.77 15.73
N GLY D 304 6.52 -4.64 17.01
CA GLY D 304 6.53 -3.33 17.65
C GLY D 304 7.91 -2.74 17.81
N VAL D 305 8.95 -3.56 17.69
CA VAL D 305 10.33 -3.10 17.89
C VAL D 305 10.88 -2.52 16.59
N PRO D 306 10.99 -3.26 15.48
CA PRO D 306 11.45 -2.60 14.25
C PRO D 306 10.51 -1.51 13.75
N SER D 307 9.19 -1.67 13.91
CA SER D 307 8.27 -0.64 13.41
C SER D 307 8.41 0.68 14.16
N ALA D 308 8.95 0.68 15.37
CA ALA D 308 9.08 1.92 16.11
C ALA D 308 10.20 2.80 15.57
N VAL D 309 11.16 2.25 14.84
CA VAL D 309 12.37 2.98 14.46
C VAL D 309 12.43 3.22 12.95
N PRO D 310 13.27 4.15 12.47
CA PRO D 310 13.35 4.40 11.02
C PRO D 310 13.72 3.16 10.22
N SER D 311 13.13 3.07 9.01
CA SER D 311 13.39 1.99 8.06
C SER D 311 13.09 0.61 8.64
N GLY D 312 12.21 0.52 9.63
CA GLY D 312 11.93 -0.77 10.25
C GLY D 312 11.11 -1.69 9.36
N ILE D 313 10.13 -1.13 8.65
CA ILE D 313 9.29 -1.94 7.79
C ILE D 313 10.05 -2.32 6.52
N ARG D 314 10.95 -1.45 6.06
CA ARG D 314 11.92 -1.84 5.04
C ARG D 314 12.83 -2.98 5.53
N ALA D 315 13.30 -2.91 6.77
CA ALA D 315 14.15 -3.98 7.30
C ALA D 315 13.39 -5.30 7.36
N VAL D 316 12.09 -5.24 7.65
CA VAL D 316 11.27 -6.45 7.67
C VAL D 316 11.21 -7.07 6.28
N LEU D 317 10.95 -6.25 5.24
CA LEU D 317 11.02 -6.77 3.89
C LEU D 317 12.41 -7.34 3.56
N ALA D 318 13.46 -6.66 4.03
CA ALA D 318 14.82 -7.14 3.79
C ALA D 318 15.06 -8.51 4.43
N GLU D 319 14.54 -8.73 5.64
CA GLU D 319 14.79 -10.03 6.26
C GLU D 319 14.03 -11.15 5.54
N ASN D 320 12.83 -10.87 5.02
CA ASN D 320 12.17 -11.84 4.15
C ASN D 320 13.01 -12.10 2.90
N LEU D 321 13.57 -11.06 2.28
CA LEU D 321 14.36 -11.26 1.07
C LEU D 321 15.61 -12.09 1.35
N ILE D 322 16.27 -11.85 2.49
CA ILE D 322 17.45 -12.65 2.84
C ILE D 322 17.05 -14.11 2.96
N CYS D 323 15.92 -14.36 3.63
CA CYS D 323 15.43 -15.72 3.78
C CYS D 323 15.27 -16.40 2.43
N SER D 324 14.52 -15.77 1.51
CA SER D 324 14.33 -16.38 0.20
C SER D 324 15.65 -16.49 -0.54
N SER D 325 16.53 -15.51 -0.39
CA SER D 325 17.81 -15.54 -1.09
C SER D 325 18.72 -16.65 -0.58
N LEU D 326 18.52 -17.09 0.67
CA LEU D 326 19.22 -18.25 1.19
C LEU D 326 18.53 -19.56 0.80
N ASP D 327 17.56 -19.49 -0.12
CA ASP D 327 16.91 -20.67 -0.66
C ASP D 327 16.12 -21.40 0.42
N LEU D 328 15.51 -20.62 1.31
CA LEU D 328 14.57 -21.08 2.31
C LEU D 328 13.17 -20.63 1.95
N GLU D 329 12.20 -21.48 2.22
CA GLU D 329 10.80 -21.07 2.21
C GLU D 329 10.59 -19.93 3.22
N CYS D 330 9.85 -18.90 2.81
CA CYS D 330 9.60 -17.75 3.68
C CYS D 330 8.10 -17.61 3.90
N ALA D 331 7.68 -17.82 5.15
CA ALA D 331 6.34 -17.49 5.61
C ALA D 331 6.44 -16.11 6.25
N SER D 332 6.07 -15.07 5.48
CA SER D 332 6.59 -13.72 5.71
C SER D 332 5.68 -12.89 6.62
N SER D 333 5.45 -13.39 7.83
CA SER D 333 4.76 -12.66 8.89
C SER D 333 3.44 -12.03 8.43
N ASN D 334 3.31 -10.70 8.53
CA ASN D 334 2.02 -10.05 8.34
C ASN D 334 0.95 -10.70 9.22
N ASP D 335 1.34 -11.09 10.43
CA ASP D 335 0.51 -11.95 11.26
C ASP D 335 0.34 -11.41 12.67
N GLN D 336 0.78 -10.19 12.94
CA GLN D 336 0.73 -9.61 14.26
C GLN D 336 0.41 -8.13 14.14
N THR D 337 -0.48 -7.64 15.00
CA THR D 337 -0.82 -6.23 14.99
C THR D 337 0.37 -5.38 15.38
N PHE D 338 0.56 -4.27 14.68
CA PHE D 338 1.56 -3.30 15.10
C PHE D 338 1.10 -1.86 15.05
N THR D 339 -0.06 -1.57 14.46
CA THR D 339 -0.45 -0.18 14.26
C THR D 339 -1.95 -0.04 14.39
N HIS D 340 -2.39 1.14 14.84
CA HIS D 340 -3.80 1.48 14.85
C HIS D 340 -4.30 1.97 13.49
N SER D 341 -3.41 2.18 12.52
CA SER D 341 -3.74 2.85 11.27
C SER D 341 -3.92 1.84 10.13
N ASP D 342 -5.06 1.91 9.44
CA ASP D 342 -5.26 1.07 8.25
C ASP D 342 -4.28 1.43 7.14
N MET D 343 -3.99 2.72 6.97
CA MET D 343 -3.00 3.10 5.96
C MET D 343 -1.66 2.44 6.24
N ARG D 344 -1.21 2.51 7.50
CA ARG D 344 0.13 2.03 7.80
C ARG D 344 0.22 0.51 7.66
N ARG D 345 -0.80 -0.21 8.13
CA ARG D 345 -0.69 -1.67 8.07
C ARG D 345 -0.84 -2.17 6.64
N THR D 346 -1.54 -1.41 5.79
CA THR D 346 -1.61 -1.78 4.38
C THR D 346 -0.25 -1.62 3.70
N ALA D 347 0.45 -0.52 3.96
CA ALA D 347 1.79 -0.35 3.43
C ALA D 347 2.69 -1.49 3.85
N ARG D 348 2.59 -1.92 5.11
CA ARG D 348 3.45 -2.99 5.62
C ARG D 348 3.13 -4.31 4.94
N LEU D 349 1.85 -4.60 4.73
CA LEU D 349 1.45 -5.82 4.06
C LEU D 349 1.89 -5.85 2.61
N LEU D 350 1.79 -4.72 1.89
CA LEU D 350 2.03 -4.75 0.45
C LEU D 350 3.48 -5.09 0.10
N MET D 351 4.42 -4.87 1.02
CA MET D 351 5.80 -5.23 0.75
C MET D 351 5.94 -6.72 0.38
N GLN D 352 5.13 -7.58 0.99
CA GLN D 352 5.15 -9.00 0.68
C GLN D 352 4.07 -9.39 -0.32
N PHE D 353 2.90 -8.77 -0.19
CA PHE D 353 1.76 -9.08 -1.05
C PHE D 353 2.09 -8.81 -2.52
N LEU D 354 2.72 -7.65 -2.82
CA LEU D 354 2.91 -7.28 -4.21
C LEU D 354 3.84 -8.23 -4.97
N PRO D 355 5.04 -8.57 -4.46
CA PRO D 355 5.87 -9.55 -5.20
C PRO D 355 5.41 -10.99 -5.03
N GLY D 356 4.80 -11.29 -3.89
CA GLY D 356 4.48 -12.65 -3.51
C GLY D 356 5.63 -13.30 -2.76
N THR D 357 5.28 -14.04 -1.71
CA THR D 357 6.21 -14.92 -0.98
C THR D 357 5.56 -16.30 -0.87
N ASP D 358 6.31 -17.26 -0.31
CA ASP D 358 5.74 -18.59 -0.15
C ASP D 358 4.45 -18.55 0.64
N PHE D 359 4.41 -17.75 1.71
CA PHE D 359 3.16 -17.48 2.40
C PHE D 359 3.14 -15.99 2.70
N ILE D 360 2.31 -15.26 1.96
CA ILE D 360 2.32 -13.80 2.02
C ILE D 360 2.14 -13.33 3.46
N SER D 361 1.18 -13.94 4.17
CA SER D 361 1.06 -13.84 5.60
C SER D 361 1.35 -15.22 6.20
N SER D 362 2.08 -15.24 7.29
CA SER D 362 2.21 -16.46 8.08
C SER D 362 1.22 -16.42 9.24
N GLY D 363 -0.04 -16.10 8.93
CA GLY D 363 -1.05 -15.96 9.95
C GLY D 363 -2.00 -14.78 9.74
N TYR D 364 -2.55 -14.66 8.54
CA TYR D 364 -3.75 -13.86 8.33
C TYR D 364 -4.85 -14.39 9.25
N SER D 365 -5.50 -13.52 10.00
CA SER D 365 -6.53 -14.03 10.93
C SER D 365 -7.80 -14.33 10.14
N ALA D 366 -8.16 -15.62 10.05
CA ALA D 366 -9.41 -16.04 9.41
C ALA D 366 -10.63 -15.89 10.31
N VAL D 367 -10.45 -15.29 11.48
CA VAL D 367 -11.52 -14.91 12.38
C VAL D 367 -11.36 -13.42 12.66
N PRO D 368 -12.41 -12.75 13.14
CA PRO D 368 -12.22 -11.38 13.61
C PRO D 368 -11.16 -11.36 14.70
N ASN D 369 -10.38 -10.27 14.73
CA ASN D 369 -9.22 -10.23 15.62
C ASN D 369 -9.57 -10.43 17.08
N TYR D 370 -10.80 -10.13 17.50
CA TYR D 370 -11.14 -10.40 18.90
C TYR D 370 -11.05 -11.88 19.25
N ASP D 371 -11.18 -12.77 18.26
CA ASP D 371 -11.01 -14.20 18.46
C ASP D 371 -9.59 -14.67 18.21
N ASN D 372 -8.67 -13.80 17.83
CA ASN D 372 -7.34 -14.23 17.46
C ASN D 372 -6.52 -14.49 18.73
N MET D 373 -6.15 -15.75 18.94
CA MET D 373 -5.41 -16.12 20.14
C MET D 373 -3.90 -15.97 19.98
N PHE D 374 -3.45 -15.31 18.92
CA PHE D 374 -2.10 -14.77 18.87
C PHE D 374 -2.09 -13.27 19.17
N ALA D 375 -3.14 -12.78 19.83
CA ALA D 375 -3.30 -11.38 20.22
C ALA D 375 -3.46 -10.45 19.01
N GLY D 376 -3.97 -10.98 17.89
CA GLY D 376 -4.33 -10.12 16.77
C GLY D 376 -3.34 -10.14 15.61
N SER D 377 -3.85 -10.27 14.39
CA SER D 377 -3.02 -10.31 13.19
C SER D 377 -3.01 -8.95 12.49
N ASN D 378 -2.08 -8.80 11.54
CA ASN D 378 -2.06 -7.58 10.74
C ASN D 378 -3.27 -7.46 9.81
N GLU D 379 -3.96 -8.58 9.54
CA GLU D 379 -5.21 -8.59 8.79
C GLU D 379 -6.16 -9.58 9.45
N ASP D 380 -7.47 -9.34 9.36
CA ASP D 380 -8.40 -10.34 9.91
C ASP D 380 -9.57 -10.57 8.94
N ALA D 381 -10.54 -11.35 9.42
CA ALA D 381 -11.65 -11.80 8.59
C ALA D 381 -12.44 -10.64 8.02
N GLU D 382 -12.54 -9.53 8.75
CA GLU D 382 -13.29 -8.39 8.23
C GLU D 382 -12.55 -7.67 7.12
N ASP D 383 -11.28 -8.00 6.87
CA ASP D 383 -10.51 -7.48 5.76
C ASP D 383 -10.64 -8.31 4.49
N PHE D 384 -11.34 -9.45 4.52
CA PHE D 384 -11.36 -10.36 3.38
C PHE D 384 -11.76 -9.64 2.09
N ASP D 385 -12.77 -8.76 2.16
CA ASP D 385 -13.26 -8.14 0.93
C ASP D 385 -12.30 -7.08 0.42
N ASP D 386 -11.66 -6.33 1.33
CA ASP D 386 -10.60 -5.41 0.91
C ASP D 386 -9.46 -6.14 0.25
N TYR D 387 -9.05 -7.28 0.83
CA TYR D 387 -7.96 -8.06 0.25
C TYR D 387 -8.30 -8.48 -1.18
N ASN D 388 -9.52 -8.98 -1.39
CA ASN D 388 -9.91 -9.42 -2.72
C ASN D 388 -10.00 -8.26 -3.70
N VAL D 389 -10.46 -7.10 -3.22
CA VAL D 389 -10.56 -5.92 -4.09
C VAL D 389 -9.17 -5.48 -4.57
N ILE D 390 -8.18 -5.50 -3.67
CA ILE D 390 -6.83 -5.06 -4.05
C ILE D 390 -6.20 -6.06 -5.02
N GLN D 391 -6.42 -7.37 -4.79
CA GLN D 391 -6.01 -8.37 -5.78
C GLN D 391 -6.53 -8.02 -7.17
N ARG D 392 -7.82 -7.69 -7.24
CA ARG D 392 -8.46 -7.37 -8.51
C ARG D 392 -7.98 -6.04 -9.06
N ASP D 393 -7.78 -5.03 -8.18
CA ASP D 393 -7.30 -3.72 -8.61
C ASP D 393 -5.95 -3.82 -9.32
N LEU D 394 -5.02 -4.58 -8.73
CA LEU D 394 -3.62 -4.59 -9.14
C LEU D 394 -3.25 -5.76 -10.03
N LYS D 395 -4.20 -6.66 -10.26
CA LYS D 395 -3.94 -7.96 -10.88
C LYS D 395 -2.78 -8.67 -10.17
N VAL D 396 -2.93 -8.82 -8.85
CA VAL D 396 -1.96 -9.52 -8.00
C VAL D 396 -2.65 -10.73 -7.37
N ASP D 397 -2.01 -11.90 -7.50
CA ASP D 397 -2.53 -13.09 -6.83
C ASP D 397 -2.01 -13.11 -5.40
N GLY D 398 -2.88 -12.77 -4.46
CA GLY D 398 -2.52 -12.77 -3.06
C GLY D 398 -2.95 -14.06 -2.36
N GLY D 399 -3.28 -15.08 -3.15
CA GLY D 399 -3.53 -16.42 -2.64
C GLY D 399 -4.95 -16.69 -2.17
N LEU D 400 -5.84 -15.71 -2.21
CA LEU D 400 -7.20 -15.85 -1.74
C LEU D 400 -8.16 -15.53 -2.87
N ARG D 401 -9.45 -15.73 -2.65
CA ARG D 401 -10.44 -15.49 -3.70
C ARG D 401 -11.74 -15.00 -3.08
N PRO D 402 -12.57 -14.31 -3.85
CA PRO D 402 -13.95 -14.07 -3.40
C PRO D 402 -14.75 -15.37 -3.44
N VAL D 403 -15.74 -15.46 -2.55
CA VAL D 403 -16.51 -16.68 -2.34
C VAL D 403 -17.97 -16.32 -2.10
N ARG D 404 -18.87 -17.23 -2.46
CA ARG D 404 -20.30 -17.01 -2.29
C ARG D 404 -20.73 -17.33 -0.87
N GLU D 405 -21.64 -16.49 -0.34
CA GLU D 405 -22.15 -16.72 1.01
C GLU D 405 -22.76 -18.10 1.15
N GLU D 406 -23.51 -18.55 0.15
CA GLU D 406 -24.19 -19.84 0.25
C GLU D 406 -23.19 -21.00 0.25
N ASP D 407 -22.06 -20.85 -0.44
CA ASP D 407 -21.02 -21.88 -0.41
C ASP D 407 -20.35 -21.93 0.94
N VAL D 408 -20.11 -20.76 1.55
CA VAL D 408 -19.47 -20.72 2.86
C VAL D 408 -20.40 -21.28 3.92
N ILE D 409 -21.68 -20.92 3.87
CA ILE D 409 -22.66 -21.49 4.78
C ILE D 409 -22.66 -23.01 4.67
N ALA D 410 -22.63 -23.54 3.44
CA ALA D 410 -22.65 -24.98 3.26
C ALA D 410 -21.35 -25.63 3.72
N ILE D 411 -20.21 -24.98 3.48
CA ILE D 411 -18.94 -25.59 3.86
C ILE D 411 -18.73 -25.50 5.36
N ARG D 412 -19.16 -24.41 6.00
CA ARG D 412 -19.10 -24.36 7.46
C ARG D 412 -20.02 -25.41 8.08
N ASN D 413 -21.23 -25.55 7.53
CA ASN D 413 -22.19 -26.51 8.08
C ASN D 413 -21.63 -27.92 8.02
N LYS D 414 -21.08 -28.30 6.86
CA LYS D 414 -20.52 -29.64 6.72
C LYS D 414 -19.38 -29.87 7.70
N ALA D 415 -18.52 -28.86 7.91
CA ALA D 415 -17.43 -29.02 8.86
C ALA D 415 -17.94 -29.23 10.28
N ALA D 416 -18.97 -28.47 10.67
CA ALA D 416 -19.53 -28.62 12.01
C ALA D 416 -20.19 -29.98 12.18
N ARG D 417 -20.91 -30.44 11.16
CA ARG D 417 -21.50 -31.77 11.22
C ARG D 417 -20.42 -32.86 11.27
N ALA D 418 -19.37 -32.71 10.45
CA ALA D 418 -18.30 -33.69 10.47
C ALA D 418 -17.64 -33.76 11.84
N LEU D 419 -17.36 -32.61 12.45
CA LEU D 419 -16.80 -32.64 13.80
C LEU D 419 -17.78 -33.23 14.79
N GLN D 420 -19.08 -32.95 14.63
CA GLN D 420 -20.09 -33.54 15.48
C GLN D 420 -20.03 -35.06 15.44
N ALA D 421 -19.88 -35.63 14.23
CA ALA D 421 -19.76 -37.07 14.10
C ALA D 421 -18.49 -37.59 14.77
N VAL D 422 -17.38 -36.87 14.62
CA VAL D 422 -16.14 -37.28 15.26
C VAL D 422 -16.31 -37.34 16.77
N PHE D 423 -16.88 -36.28 17.35
CA PHE D 423 -17.05 -36.23 18.79
C PHE D 423 -17.98 -37.35 19.26
N ALA D 424 -19.01 -37.67 18.47
CA ALA D 424 -19.95 -38.73 18.83
C ALA D 424 -19.34 -40.12 18.64
N GLY D 425 -18.50 -40.30 17.61
CA GLY D 425 -17.89 -41.60 17.38
C GLY D 425 -16.74 -41.90 18.33
N MET D 426 -16.02 -40.88 18.77
CA MET D 426 -14.93 -41.04 19.73
C MET D 426 -15.42 -40.96 21.18
N GLY D 427 -16.71 -40.72 21.39
CA GLY D 427 -17.23 -40.59 22.74
C GLY D 427 -16.85 -39.31 23.44
N LEU D 428 -16.64 -38.23 22.70
CA LEU D 428 -16.29 -36.96 23.30
C LEU D 428 -17.57 -36.21 23.67
N PRO D 429 -17.48 -35.18 24.52
CA PRO D 429 -18.69 -34.41 24.88
C PRO D 429 -19.41 -33.92 23.63
N PRO D 430 -20.73 -34.11 23.56
CA PRO D 430 -21.45 -33.97 22.30
C PRO D 430 -21.36 -32.58 21.71
N ILE D 431 -21.51 -32.53 20.39
CA ILE D 431 -21.76 -31.28 19.66
C ILE D 431 -23.23 -31.30 19.27
N THR D 432 -24.02 -30.39 19.83
CA THR D 432 -25.45 -30.42 19.59
C THR D 432 -25.78 -29.83 18.23
N ASP D 433 -27.00 -30.12 17.76
CA ASP D 433 -27.48 -29.54 16.51
C ASP D 433 -27.50 -28.03 16.57
N GLU D 434 -27.85 -27.48 17.74
CA GLU D 434 -27.83 -26.03 17.91
C GLU D 434 -26.43 -25.47 17.71
N GLU D 435 -25.42 -26.13 18.28
CA GLU D 435 -24.04 -25.68 18.08
C GLU D 435 -23.65 -25.75 16.60
N VAL D 436 -24.12 -26.79 15.90
CA VAL D 436 -23.83 -26.90 14.47
C VAL D 436 -24.42 -25.71 13.71
N GLU D 437 -25.66 -25.33 14.06
CA GLU D 437 -26.28 -24.17 13.42
C GLU D 437 -25.51 -22.90 13.76
N ALA D 438 -25.19 -22.69 15.03
CA ALA D 438 -24.51 -21.46 15.42
C ALA D 438 -23.17 -21.33 14.73
N ALA D 439 -22.40 -22.42 14.67
CA ALA D 439 -21.12 -22.40 13.97
C ALA D 439 -21.29 -22.11 12.49
N THR D 440 -22.38 -22.60 11.90
CA THR D 440 -22.60 -22.40 10.47
C THR D 440 -22.69 -20.91 10.13
N TYR D 441 -23.36 -20.13 10.96
CA TYR D 441 -23.66 -18.73 10.63
C TYR D 441 -22.88 -17.73 11.47
N ALA D 442 -21.93 -18.19 12.28
CA ALA D 442 -21.24 -17.31 13.21
C ALA D 442 -20.24 -16.41 12.49
N HIS D 443 -20.01 -15.22 13.07
CA HIS D 443 -18.83 -14.42 12.74
C HIS D 443 -17.68 -14.73 13.68
N GLY D 444 -17.97 -14.94 14.96
CA GLY D 444 -16.96 -15.33 15.92
C GLY D 444 -17.61 -15.98 17.13
N SER D 445 -16.83 -16.08 18.21
CA SER D 445 -17.28 -16.79 19.40
C SER D 445 -18.39 -16.06 20.15
N LYS D 446 -18.56 -14.75 19.90
CA LYS D 446 -19.73 -14.07 20.45
C LYS D 446 -21.03 -14.72 19.98
N ASP D 447 -20.98 -15.45 18.88
CA ASP D 447 -22.15 -16.11 18.31
C ASP D 447 -22.27 -17.57 18.74
N MET D 448 -21.34 -18.08 19.54
CA MET D 448 -21.42 -19.49 19.86
C MET D 448 -22.00 -19.72 21.25
N PRO D 449 -22.86 -20.73 21.40
CA PRO D 449 -23.27 -21.16 22.74
C PRO D 449 -22.06 -21.61 23.54
N GLU D 450 -22.09 -21.33 24.84
CA GLU D 450 -20.99 -21.66 25.72
C GLU D 450 -21.01 -23.16 26.05
N ARG D 451 -19.84 -23.77 26.01
CA ARG D 451 -19.72 -25.20 26.25
C ARG D 451 -19.29 -25.47 27.69
N ASN D 452 -19.39 -26.75 28.07
CA ASN D 452 -18.90 -27.21 29.36
C ASN D 452 -17.39 -27.37 29.25
N ILE D 453 -16.66 -26.34 29.69
CA ILE D 453 -15.22 -26.33 29.53
C ILE D 453 -14.57 -27.40 30.38
N VAL D 454 -15.00 -27.54 31.63
CA VAL D 454 -14.46 -28.57 32.51
C VAL D 454 -14.55 -29.95 31.86
N GLU D 455 -15.69 -30.22 31.21
CA GLU D 455 -15.89 -31.53 30.59
C GLU D 455 -15.03 -31.69 29.34
N ASP D 456 -14.97 -30.66 28.48
CA ASP D 456 -14.16 -30.75 27.27
C ASP D 456 -12.69 -31.01 27.60
N ILE D 457 -12.14 -30.23 28.54
CA ILE D 457 -10.74 -30.38 28.96
C ILE D 457 -10.47 -31.81 29.43
N LYS D 458 -11.43 -32.42 30.11
CA LYS D 458 -11.23 -33.78 30.61
C LYS D 458 -10.99 -34.76 29.48
N PHE D 459 -11.87 -34.75 28.47
CA PHE D 459 -11.71 -35.68 27.36
C PHE D 459 -10.60 -35.27 26.41
N ALA D 460 -10.28 -33.97 26.35
CA ALA D 460 -9.15 -33.54 25.53
C ALA D 460 -7.84 -34.11 26.09
N GLN D 461 -7.66 -34.02 27.41
CA GLN D 461 -6.48 -34.58 28.04
C GLN D 461 -6.39 -36.09 27.88
N GLU D 462 -7.54 -36.78 27.88
CA GLU D 462 -7.52 -38.22 27.66
C GLU D 462 -6.98 -38.57 26.29
N ILE D 463 -7.14 -37.68 25.30
CA ILE D 463 -6.66 -37.99 23.96
C ILE D 463 -5.15 -38.19 23.96
N ILE D 464 -4.42 -37.34 24.69
CA ILE D 464 -2.98 -37.54 24.74
C ILE D 464 -2.60 -38.60 25.76
N ASN D 465 -3.23 -38.59 26.94
CA ASN D 465 -2.86 -39.54 27.99
C ASN D 465 -3.13 -40.99 27.57
N LYS D 466 -4.13 -41.22 26.74
CA LYS D 466 -4.40 -42.55 26.23
C LYS D 466 -3.91 -42.75 24.80
N ASN D 467 -3.16 -41.78 24.27
CA ASN D 467 -2.54 -41.90 22.96
C ASN D 467 -3.58 -42.24 21.87
N ARG D 468 -4.72 -41.55 21.92
CA ARG D 468 -5.73 -41.69 20.89
C ARG D 468 -5.26 -40.99 19.63
N ASN D 469 -5.02 -41.75 18.57
CA ASN D 469 -4.35 -41.22 17.38
C ASN D 469 -5.35 -40.84 16.30
N GLY D 470 -4.81 -40.32 15.18
CA GLY D 470 -5.63 -39.83 14.10
C GLY D 470 -6.44 -40.87 13.37
N LEU D 471 -6.11 -42.16 13.55
CA LEU D 471 -6.91 -43.19 12.88
C LEU D 471 -8.27 -43.33 13.54
N GLU D 472 -8.38 -42.99 14.83
CA GLU D 472 -9.68 -42.96 15.48
C GLU D 472 -10.56 -41.86 14.93
N VAL D 473 -9.97 -40.73 14.54
CA VAL D 473 -10.75 -39.67 13.88
C VAL D 473 -11.25 -40.18 12.53
N VAL D 474 -10.37 -40.85 11.77
CA VAL D 474 -10.78 -41.46 10.51
C VAL D 474 -11.92 -42.44 10.74
N LYS D 475 -11.78 -43.31 11.74
CA LYS D 475 -12.82 -44.30 12.04
C LYS D 475 -14.16 -43.63 12.32
N ALA D 476 -14.17 -42.64 13.20
CA ALA D 476 -15.42 -42.00 13.58
C ALA D 476 -16.11 -41.38 12.38
N LEU D 477 -15.33 -40.76 11.48
CA LEU D 477 -15.91 -40.13 10.30
C LEU D 477 -16.54 -41.17 9.37
N ALA D 478 -15.79 -42.23 9.05
CA ALA D 478 -16.31 -43.25 8.15
C ALA D 478 -17.50 -43.97 8.76
N GLN D 479 -17.56 -44.05 10.09
CA GLN D 479 -18.65 -44.72 10.80
C GLN D 479 -19.84 -43.81 11.05
N GLY D 480 -19.66 -42.49 10.93
CA GLY D 480 -20.73 -41.57 11.24
C GLY D 480 -21.36 -40.96 10.00
N GLY D 481 -21.14 -41.58 8.86
CA GLY D 481 -21.71 -41.08 7.61
C GLY D 481 -20.91 -40.01 6.92
N PHE D 482 -19.59 -39.97 7.11
CA PHE D 482 -18.73 -38.99 6.45
C PHE D 482 -17.57 -39.71 5.78
N THR D 483 -17.92 -40.65 4.90
CA THR D 483 -16.93 -41.47 4.22
C THR D 483 -15.95 -40.62 3.43
N ASP D 484 -16.44 -39.52 2.85
CA ASP D 484 -15.59 -38.67 2.02
C ASP D 484 -14.56 -37.91 2.86
N VAL D 485 -15.01 -37.34 3.98
CA VAL D 485 -14.08 -36.63 4.85
C VAL D 485 -13.11 -37.60 5.51
N ALA D 486 -13.61 -38.77 5.89
CA ALA D 486 -12.75 -39.84 6.39
C ALA D 486 -11.63 -40.16 5.40
N GLN D 487 -11.99 -40.35 4.13
CA GLN D 487 -10.96 -40.61 3.12
C GLN D 487 -9.98 -39.46 3.00
N ASP D 488 -10.48 -38.21 3.04
CA ASP D 488 -9.59 -37.07 2.95
C ASP D 488 -8.65 -37.02 4.15
N MET D 489 -9.18 -37.28 5.35
CA MET D 489 -8.33 -37.32 6.53
C MET D 489 -7.28 -38.41 6.41
N LEU D 490 -7.65 -39.56 5.87
CA LEU D 490 -6.68 -40.63 5.67
C LEU D 490 -5.61 -40.24 4.65
N ASN D 491 -6.01 -39.54 3.59
CA ASN D 491 -5.06 -39.13 2.56
C ASN D 491 -4.02 -38.16 3.11
N ILE D 492 -4.43 -37.25 3.99
CA ILE D 492 -3.45 -36.34 4.58
C ILE D 492 -2.50 -37.10 5.50
N GLN D 493 -3.01 -38.12 6.22
CA GLN D 493 -2.12 -38.96 7.01
C GLN D 493 -1.17 -39.75 6.13
N LYS D 494 -1.63 -40.20 4.96
CA LYS D 494 -0.76 -40.94 4.05
C LYS D 494 0.34 -40.06 3.47
N ALA D 495 0.09 -38.75 3.37
CA ALA D 495 1.13 -37.87 2.84
C ALA D 495 2.35 -37.87 3.75
N LYS D 496 2.17 -38.15 5.04
CA LYS D 496 3.32 -38.19 5.95
C LYS D 496 4.23 -39.39 5.69
N LEU D 497 3.78 -40.36 4.88
CA LEU D 497 4.55 -41.57 4.64
C LEU D 497 5.53 -41.45 3.49
N THR D 498 5.32 -40.49 2.58
CA THR D 498 6.12 -40.37 1.38
C THR D 498 7.28 -39.39 1.54
N GLY D 499 7.19 -38.46 2.50
CA GLY D 499 8.18 -37.42 2.64
C GLY D 499 8.10 -36.29 1.63
N ASP D 500 7.17 -36.35 0.67
CA ASP D 500 7.16 -35.33 -0.38
C ASP D 500 6.94 -33.93 0.19
N TYR D 501 6.07 -33.78 1.18
CA TYR D 501 5.74 -32.44 1.63
C TYR D 501 6.69 -31.94 2.72
N LEU D 502 7.77 -32.68 2.98
CA LEU D 502 8.84 -32.17 3.84
C LEU D 502 9.71 -31.14 3.15
N HIS D 503 9.66 -31.09 1.81
CA HIS D 503 10.56 -30.23 1.05
C HIS D 503 10.16 -28.76 1.13
N THR D 504 11.15 -27.91 0.88
CA THR D 504 11.03 -26.46 0.72
C THR D 504 9.69 -26.02 0.11
N SER D 505 8.87 -25.32 0.90
CA SER D 505 7.66 -24.62 0.45
C SER D 505 6.48 -25.55 0.17
N ALA D 506 6.58 -26.84 0.53
CA ALA D 506 5.57 -27.79 0.09
C ALA D 506 4.18 -27.44 0.62
N ILE D 507 3.21 -27.46 -0.28
CA ILE D 507 1.79 -27.49 0.05
C ILE D 507 1.16 -28.63 -0.75
N ILE D 508 -0.12 -28.88 -0.52
CA ILE D 508 -0.84 -29.95 -1.20
C ILE D 508 -2.08 -29.36 -1.85
N VAL D 509 -2.15 -29.43 -3.19
CA VAL D 509 -3.19 -28.79 -3.98
C VAL D 509 -3.90 -29.83 -4.84
N GLY D 510 -5.03 -29.41 -5.41
CA GLY D 510 -5.78 -30.28 -6.31
C GLY D 510 -6.12 -31.58 -5.64
N ASP D 511 -5.84 -32.69 -6.34
CA ASP D 511 -6.11 -34.03 -5.81
C ASP D 511 -4.82 -34.60 -5.26
N GLY D 512 -4.48 -34.21 -4.03
CA GLY D 512 -3.31 -34.74 -3.37
C GLY D 512 -2.01 -34.45 -4.07
N GLN D 513 -1.94 -33.35 -4.83
CA GLN D 513 -0.75 -32.99 -5.57
C GLN D 513 0.15 -32.12 -4.70
N VAL D 514 1.28 -32.69 -4.25
CA VAL D 514 2.28 -31.90 -3.56
C VAL D 514 2.85 -30.85 -4.51
N LEU D 515 2.92 -29.61 -4.03
CA LEU D 515 3.44 -28.47 -4.77
C LEU D 515 4.49 -27.80 -3.90
N SER D 516 5.76 -27.99 -4.22
CA SER D 516 6.86 -27.44 -3.45
C SER D 516 7.84 -26.76 -4.40
N ALA D 517 8.93 -26.23 -3.82
CA ALA D 517 9.96 -25.58 -4.62
C ALA D 517 10.68 -26.57 -5.54
N VAL D 518 10.52 -27.88 -5.31
CA VAL D 518 11.21 -28.86 -6.15
C VAL D 518 10.52 -29.01 -7.50
N ASN D 519 9.18 -29.09 -7.51
CA ASN D 519 8.44 -29.28 -8.75
C ASN D 519 7.65 -28.05 -9.18
N ASP D 520 7.61 -26.99 -8.36
CA ASP D 520 7.04 -25.70 -8.75
C ASP D 520 8.14 -24.65 -8.69
N VAL D 521 9.17 -24.83 -9.53
CA VAL D 521 10.40 -24.05 -9.45
C VAL D 521 10.14 -22.63 -9.93
N ASN D 522 10.53 -21.64 -9.12
CA ASN D 522 10.33 -20.26 -9.55
C ASN D 522 11.32 -19.92 -10.67
N ASP D 523 10.81 -19.57 -11.84
CA ASP D 523 11.63 -19.37 -13.02
C ASP D 523 11.49 -17.94 -13.55
N TYR D 524 11.42 -16.99 -12.63
CA TYR D 524 11.22 -15.60 -13.00
C TYR D 524 12.38 -15.07 -13.83
N ALA D 525 12.06 -14.36 -14.90
CA ALA D 525 13.04 -13.78 -15.81
C ALA D 525 12.51 -12.48 -16.40
N GLY D 526 11.76 -11.71 -15.60
CA GLY D 526 11.27 -10.41 -16.04
C GLY D 526 9.84 -10.45 -16.55
N PRO D 527 9.39 -9.34 -17.14
CA PRO D 527 8.00 -9.26 -17.62
C PRO D 527 7.59 -10.47 -18.46
N ALA D 528 6.34 -10.88 -18.30
CA ALA D 528 5.71 -11.99 -19.01
C ALA D 528 6.31 -13.35 -18.69
N THR D 529 7.11 -13.47 -17.63
CA THR D 529 7.66 -14.77 -17.24
C THR D 529 7.35 -15.04 -15.76
N GLY D 530 7.63 -16.27 -15.34
CA GLY D 530 7.36 -16.63 -13.95
C GLY D 530 5.86 -16.72 -13.72
N TYR D 531 5.50 -16.75 -12.43
CA TYR D 531 4.08 -16.80 -12.09
C TYR D 531 3.36 -15.55 -12.60
N ARG D 532 2.29 -15.76 -13.35
CA ARG D 532 1.44 -14.65 -13.79
C ARG D 532 0.01 -14.97 -13.45
N LEU D 533 -0.71 -13.97 -12.92
CA LEU D 533 -2.15 -14.11 -12.72
C LEU D 533 -2.85 -14.07 -14.07
N GLN D 534 -3.54 -15.15 -14.43
CA GLN D 534 -4.12 -15.26 -15.75
C GLN D 534 -5.17 -16.36 -15.74
N GLY D 535 -5.86 -16.51 -16.87
CA GLY D 535 -6.73 -17.66 -17.07
C GLY D 535 -7.86 -17.75 -16.06
N GLU D 536 -8.20 -18.99 -15.69
CA GLU D 536 -9.32 -19.21 -14.80
C GLU D 536 -9.08 -18.63 -13.42
N ARG D 537 -7.83 -18.60 -12.96
CA ARG D 537 -7.52 -18.03 -11.66
C ARG D 537 -7.77 -16.53 -11.65
N TRP D 538 -7.43 -15.85 -12.74
CA TRP D 538 -7.76 -14.43 -12.87
C TRP D 538 -9.27 -14.21 -12.90
N GLU D 539 -10.00 -15.07 -13.63
CA GLU D 539 -11.45 -14.98 -13.62
C GLU D 539 -12.00 -15.15 -12.20
N GLU D 540 -11.38 -16.04 -11.43
CA GLU D 540 -11.79 -16.25 -10.05
C GLU D 540 -11.58 -14.98 -9.21
N ILE D 541 -10.41 -14.35 -9.35
CA ILE D 541 -10.07 -13.16 -8.56
C ILE D 541 -10.89 -11.95 -9.00
N LYS D 542 -11.32 -11.92 -10.26
CA LYS D 542 -12.16 -10.81 -10.76
C LYS D 542 -13.53 -10.77 -10.10
N ASN D 543 -14.00 -11.91 -9.62
CA ASN D 543 -15.44 -12.13 -9.37
C ASN D 543 -15.84 -11.71 -7.96
N ILE D 544 -15.61 -10.42 -7.66
CA ILE D 544 -15.85 -9.88 -6.33
C ILE D 544 -17.32 -9.53 -6.14
N PRO D 545 -17.83 -9.57 -4.92
CA PRO D 545 -19.23 -9.19 -4.69
C PRO D 545 -19.44 -7.71 -4.95
N GLY D 546 -20.58 -7.40 -5.56
CA GLY D 546 -20.95 -6.04 -5.87
C GLY D 546 -20.68 -5.60 -7.29
N ALA D 547 -19.93 -6.38 -8.07
CA ALA D 547 -19.62 -5.96 -9.44
C ALA D 547 -20.87 -6.00 -10.30
N LEU D 548 -21.31 -4.84 -10.78
CA LEU D 548 -22.53 -4.76 -11.58
C LEU D 548 -22.32 -5.39 -12.96
N ASP D 549 -23.24 -6.25 -13.37
CA ASP D 549 -23.21 -6.85 -14.69
C ASP D 549 -23.95 -5.92 -15.67
N PRO D 550 -23.28 -5.37 -16.67
CA PRO D 550 -23.97 -4.45 -17.59
C PRO D 550 -25.20 -5.05 -18.25
N ASN D 551 -25.28 -6.37 -18.37
CA ASN D 551 -26.47 -6.99 -18.93
C ASN D 551 -27.68 -6.95 -18.01
N GLU D 552 -27.53 -6.41 -16.79
CA GLU D 552 -28.69 -6.20 -15.92
C GLU D 552 -29.58 -5.06 -16.42
N ILE D 553 -29.05 -4.18 -17.26
CA ILE D 553 -29.74 -2.96 -17.68
C ILE D 553 -30.20 -3.12 -19.12
N ASP D 554 -31.45 -2.72 -19.37
CA ASP D 554 -32.19 -2.88 -20.64
C ASP D 554 -32.83 -4.26 -20.76
N GLY E 22 13.09 7.98 47.22
CA GLY E 22 13.76 6.96 48.00
C GLY E 22 12.90 6.38 49.10
N PHE E 23 12.33 5.21 48.83
CA PHE E 23 11.47 4.52 49.79
C PHE E 23 11.89 3.07 50.01
N LEU E 24 13.04 2.66 49.49
CA LEU E 24 13.56 1.32 49.68
C LEU E 24 14.97 1.39 50.24
N THR E 25 15.28 0.51 51.18
CA THR E 25 16.54 0.57 51.92
C THR E 25 17.07 -0.84 52.14
N GLU E 26 18.30 -1.09 51.68
CA GLU E 26 18.94 -2.38 51.92
C GLU E 26 19.33 -2.52 53.38
N VAL E 27 19.29 -3.75 53.87
CA VAL E 27 19.59 -4.05 55.28
C VAL E 27 20.45 -5.29 55.38
N GLY E 28 21.19 -5.59 54.32
CA GLY E 28 22.09 -6.73 54.30
C GLY E 28 21.62 -7.81 53.35
N GLU E 29 22.45 -8.84 53.23
CA GLU E 29 22.17 -9.94 52.32
C GLU E 29 20.91 -10.69 52.77
N ALA E 30 20.20 -11.23 51.78
CA ALA E 30 18.90 -11.85 52.04
C ALA E 30 19.06 -13.21 52.69
N ARG E 31 18.30 -13.44 53.76
CA ARG E 31 18.27 -14.75 54.40
C ARG E 31 17.28 -15.67 53.68
N GLN E 32 17.50 -16.97 53.83
CA GLN E 32 16.58 -17.96 53.27
C GLN E 32 15.45 -18.24 54.24
N GLY E 33 14.24 -18.33 53.70
CA GLY E 33 13.10 -18.70 54.52
C GLY E 33 13.26 -20.11 55.05
N THR E 34 12.81 -20.31 56.29
CA THR E 34 12.96 -21.59 56.98
C THR E 34 11.64 -22.34 57.16
N GLN E 35 10.56 -21.64 57.49
CA GLN E 35 9.23 -22.22 57.56
C GLN E 35 8.37 -21.69 56.42
N GLN E 36 7.28 -22.42 56.13
CA GLN E 36 6.41 -22.08 55.03
C GLN E 36 5.48 -20.92 55.38
N ASP E 37 6.04 -19.81 55.85
CA ASP E 37 5.25 -18.71 56.39
C ASP E 37 5.52 -17.38 55.69
N GLU E 38 6.14 -17.41 54.50
CA GLU E 38 6.46 -16.15 53.84
C GLU E 38 6.44 -16.33 52.32
N VAL E 39 6.12 -15.24 51.64
CA VAL E 39 6.25 -15.14 50.18
C VAL E 39 7.21 -13.99 49.90
N ILE E 40 8.22 -14.26 49.07
CA ILE E 40 9.28 -13.30 48.80
C ILE E 40 8.91 -12.48 47.57
N ILE E 41 9.03 -11.15 47.69
CA ILE E 41 8.88 -10.23 46.57
C ILE E 41 10.27 -9.86 46.08
N ALA E 42 10.63 -10.33 44.89
CA ALA E 42 11.91 -9.99 44.28
C ALA E 42 11.68 -8.94 43.21
N VAL E 43 12.38 -7.81 43.33
CA VAL E 43 12.26 -6.73 42.37
C VAL E 43 13.57 -6.59 41.60
N GLY E 44 13.56 -5.75 40.57
CA GLY E 44 14.70 -5.59 39.69
C GLY E 44 15.75 -4.64 40.23
N PRO E 45 16.95 -4.70 39.65
CA PRO E 45 18.07 -3.89 40.16
C PRO E 45 17.80 -2.39 40.20
N ALA E 46 16.89 -1.89 39.38
CA ALA E 46 16.58 -0.46 39.34
C ALA E 46 15.18 -0.15 39.87
N PHE E 47 14.52 -1.11 40.51
CA PHE E 47 13.18 -0.90 41.02
C PHE E 47 13.23 0.07 42.21
N GLY E 48 12.57 1.22 42.07
CA GLY E 48 12.57 2.22 43.11
C GLY E 48 13.83 3.06 43.19
N LEU E 49 14.80 2.84 42.29
CA LEU E 49 16.03 3.61 42.28
C LEU E 49 16.05 4.42 40.99
N ALA E 50 16.69 3.93 39.92
CA ALA E 50 16.72 4.68 38.67
C ALA E 50 15.33 4.88 38.10
N GLN E 51 14.43 3.93 38.33
CA GLN E 51 13.04 4.05 37.90
C GLN E 51 12.14 4.02 39.13
N THR E 52 11.02 4.74 39.03
CA THR E 52 10.05 4.78 40.11
C THR E 52 8.62 4.48 39.65
N VAL E 53 8.39 4.36 38.35
CA VAL E 53 7.08 4.07 37.80
C VAL E 53 7.20 2.89 36.83
N ASN E 54 6.06 2.30 36.50
CA ASN E 54 6.05 1.17 35.58
C ASN E 54 5.83 1.69 34.15
N ILE E 55 5.55 0.77 33.22
CA ILE E 55 5.46 1.12 31.80
C ILE E 55 4.40 2.19 31.54
N VAL E 56 3.38 2.27 32.39
CA VAL E 56 2.30 3.22 32.18
C VAL E 56 2.19 4.22 33.34
N GLY E 57 3.27 4.42 34.08
CA GLY E 57 3.34 5.48 35.07
C GLY E 57 2.92 5.11 36.47
N ILE E 58 2.38 3.91 36.69
CA ILE E 58 1.98 3.48 38.02
C ILE E 58 3.21 3.44 38.91
N PRO E 59 3.25 4.21 40.00
CA PRO E 59 4.47 4.31 40.81
C PRO E 59 4.86 2.99 41.46
N HIS E 60 6.17 2.81 41.65
CA HIS E 60 6.64 1.60 42.30
C HIS E 60 6.21 1.53 43.76
N LYS E 61 5.97 2.69 44.39
CA LYS E 61 5.48 2.68 45.77
C LYS E 61 4.08 2.10 45.85
N SER E 62 3.18 2.55 44.96
CA SER E 62 1.82 2.02 44.96
C SER E 62 1.79 0.56 44.52
N ILE E 63 2.72 0.17 43.63
CA ILE E 63 2.79 -1.23 43.20
C ILE E 63 3.21 -2.12 44.37
N LEU E 64 4.34 -1.81 44.99
CA LEU E 64 4.86 -2.64 46.08
C LEU E 64 3.92 -2.63 47.27
N ARG E 65 3.16 -1.55 47.46
CA ARG E 65 2.19 -1.51 48.54
C ARG E 65 1.03 -2.47 48.30
N GLU E 66 0.52 -2.52 47.07
CA GLU E 66 -0.61 -3.39 46.78
C GLU E 66 -0.23 -4.86 46.88
N VAL E 67 0.99 -5.20 46.46
CA VAL E 67 1.42 -6.60 46.52
C VAL E 67 1.58 -7.05 47.97
N ILE E 68 2.25 -6.23 48.78
CA ILE E 68 2.42 -6.56 50.20
C ILE E 68 1.07 -6.63 50.89
N ALA E 69 0.17 -5.69 50.57
CA ALA E 69 -1.17 -5.71 51.16
C ALA E 69 -1.95 -6.94 50.72
N GLY E 70 -1.73 -7.42 49.50
CA GLY E 70 -2.40 -8.64 49.05
C GLY E 70 -1.85 -9.88 49.70
N ILE E 71 -0.57 -9.88 50.07
CA ILE E 71 0.04 -11.04 50.72
C ILE E 71 -0.36 -11.09 52.18
N GLU E 72 -0.16 -9.99 52.91
CA GLU E 72 -0.49 -9.94 54.33
C GLU E 72 -1.98 -10.07 54.59
N GLU E 73 -2.81 -9.83 53.56
CA GLU E 73 -4.25 -10.02 53.71
C GLU E 73 -4.61 -11.50 53.86
N GLU E 74 -3.76 -12.40 53.37
CA GLU E 74 -3.99 -13.83 53.48
C GLU E 74 -3.26 -14.44 54.68
N GLY E 75 -2.75 -13.62 55.58
CA GLY E 75 -2.04 -14.11 56.75
C GLY E 75 -0.61 -14.54 56.49
N ILE E 76 -0.01 -14.10 55.40
CA ILE E 76 1.35 -14.47 55.04
C ILE E 76 2.25 -13.25 55.18
N LYS E 77 3.48 -13.48 55.62
CA LYS E 77 4.45 -12.40 55.78
C LYS E 77 5.18 -12.14 54.46
N ALA E 78 5.17 -10.88 54.02
CA ALA E 78 5.76 -10.50 52.75
C ALA E 78 7.16 -9.94 52.96
N ARG E 79 8.15 -10.57 52.35
CA ARG E 79 9.54 -10.15 52.43
C ARG E 79 9.99 -9.65 51.07
N VAL E 80 10.57 -8.45 51.04
CA VAL E 80 11.01 -7.80 49.81
C VAL E 80 12.52 -7.91 49.70
N ILE E 81 13.00 -8.35 48.54
CA ILE E 81 14.42 -8.42 48.24
C ILE E 81 14.68 -7.73 46.91
N ARG E 82 15.96 -7.50 46.61
CA ARG E 82 16.38 -6.84 45.38
C ARG E 82 17.46 -7.68 44.72
N CYS E 83 17.13 -8.28 43.57
CA CYS E 83 18.08 -9.12 42.87
C CYS E 83 18.99 -8.28 41.99
N PHE E 84 20.21 -8.78 41.79
CA PHE E 84 21.21 -8.06 41.02
C PHE E 84 21.74 -8.89 39.87
N LYS E 85 21.70 -10.22 40.00
CA LYS E 85 22.30 -11.10 39.01
C LYS E 85 21.62 -11.01 37.64
N SER E 86 20.39 -10.51 37.57
CA SER E 86 19.68 -10.46 36.31
C SER E 86 18.54 -9.46 36.39
N SER E 87 18.13 -8.96 35.22
CA SER E 87 16.91 -8.18 35.08
C SER E 87 15.76 -8.98 34.50
N ASP E 88 16.02 -10.21 34.06
CA ASP E 88 14.98 -11.11 33.58
C ASP E 88 14.00 -11.43 34.71
N VAL E 89 12.70 -11.25 34.43
CA VAL E 89 11.71 -11.42 35.50
C VAL E 89 11.66 -12.87 35.97
N ALA E 90 11.90 -13.84 35.07
CA ALA E 90 11.89 -15.23 35.49
C ALA E 90 13.07 -15.54 36.39
N PHE E 91 14.25 -15.01 36.04
CA PHE E 91 15.45 -15.27 36.84
C PHE E 91 15.46 -14.47 38.13
N VAL E 92 14.90 -13.25 38.11
CA VAL E 92 14.70 -12.50 39.34
C VAL E 92 13.80 -13.27 40.28
N ALA E 93 12.69 -13.80 39.76
CA ALA E 93 11.76 -14.57 40.59
C ALA E 93 12.38 -15.88 41.05
N VAL E 94 13.21 -16.50 40.22
CA VAL E 94 13.86 -17.76 40.62
C VAL E 94 14.78 -17.52 41.80
N GLU E 95 15.50 -16.40 41.81
CA GLU E 95 16.32 -16.06 42.97
C GLU E 95 15.47 -15.88 44.22
N GLY E 96 14.22 -15.45 44.05
CA GLY E 96 13.35 -15.26 45.21
C GLY E 96 12.75 -16.54 45.76
N ASN E 97 12.46 -17.52 44.89
CA ASN E 97 11.83 -18.75 45.37
C ASN E 97 12.82 -19.71 46.03
N ARG E 98 14.13 -19.49 45.86
CA ARG E 98 15.10 -20.30 46.58
C ARG E 98 15.27 -19.84 48.02
N LEU E 99 15.02 -18.56 48.27
CA LEU E 99 15.07 -18.00 49.62
C LEU E 99 13.71 -17.92 50.28
N SER E 100 12.64 -18.28 49.58
CA SER E 100 11.30 -18.24 50.15
C SER E 100 11.05 -19.49 51.00
N GLY E 101 10.48 -19.28 52.19
CA GLY E 101 10.21 -20.40 53.08
C GLY E 101 9.13 -21.33 52.56
N SER E 102 8.13 -20.77 51.86
CA SER E 102 7.07 -21.57 51.27
C SER E 102 7.37 -21.98 49.83
N GLY E 103 8.51 -21.54 49.28
CA GLY E 103 8.84 -21.82 47.91
C GLY E 103 8.10 -20.98 46.88
N ILE E 104 7.39 -19.93 47.30
CA ILE E 104 6.62 -19.08 46.39
C ILE E 104 7.25 -17.70 46.38
N SER E 105 7.42 -17.13 45.18
CA SER E 105 8.03 -15.82 45.05
C SER E 105 7.26 -15.01 44.01
N ILE E 106 7.56 -13.71 43.96
CA ILE E 106 7.00 -12.78 43.00
C ILE E 106 8.14 -11.95 42.43
N GLY E 107 8.35 -12.06 41.12
CA GLY E 107 9.36 -11.26 40.44
C GLY E 107 8.69 -10.06 39.76
N ILE E 108 9.33 -8.90 39.89
CA ILE E 108 8.79 -7.65 39.35
C ILE E 108 9.94 -6.85 38.76
N GLN E 109 9.86 -6.52 37.48
CA GLN E 109 10.79 -5.61 36.84
C GLN E 109 10.35 -4.18 37.03
N SER E 110 11.28 -3.24 36.79
CA SER E 110 10.94 -1.83 36.90
C SER E 110 9.81 -1.46 35.94
N LYS E 111 9.85 -1.99 34.72
CA LYS E 111 8.78 -1.73 33.75
C LYS E 111 7.46 -2.38 34.15
N GLY E 112 7.45 -3.23 35.17
CA GLY E 112 6.22 -3.70 35.78
C GLY E 112 5.84 -5.13 35.47
N THR E 113 6.57 -5.80 34.59
CA THR E 113 6.28 -7.21 34.31
C THR E 113 6.45 -8.03 35.59
N THR E 114 5.60 -9.03 35.76
CA THR E 114 5.49 -9.75 37.03
C THR E 114 5.23 -11.23 36.77
N VAL E 115 5.69 -12.08 37.70
CA VAL E 115 5.50 -13.52 37.59
C VAL E 115 5.39 -14.12 38.99
N ILE E 116 4.53 -15.12 39.14
CA ILE E 116 4.43 -15.90 40.36
C ILE E 116 5.18 -17.21 40.11
N HIS E 117 6.28 -17.42 40.81
CA HIS E 117 7.13 -18.59 40.60
C HIS E 117 7.06 -19.53 41.80
N GLN E 118 7.58 -20.73 41.59
CA GLN E 118 7.61 -21.76 42.63
C GLN E 118 8.93 -22.52 42.54
N GLN E 119 9.61 -22.64 43.67
CA GLN E 119 10.87 -23.39 43.72
C GLN E 119 10.67 -24.81 43.24
N GLY E 120 11.61 -25.30 42.43
CA GLY E 120 11.54 -26.59 41.82
C GLY E 120 11.02 -26.58 40.40
N LEU E 121 10.24 -25.57 40.03
CA LEU E 121 9.80 -25.43 38.66
C LEU E 121 10.98 -25.03 37.76
N PRO E 122 10.96 -25.43 36.49
CA PRO E 122 11.96 -24.93 35.55
C PRO E 122 11.95 -23.41 35.54
N PRO E 123 13.12 -22.78 35.37
CA PRO E 123 13.19 -21.31 35.45
C PRO E 123 12.22 -20.60 34.52
N LEU E 124 12.02 -21.13 33.32
CA LEU E 124 11.10 -20.51 32.36
C LEU E 124 9.67 -20.97 32.53
N SER E 125 9.41 -21.91 33.43
CA SER E 125 8.05 -22.26 33.80
C SER E 125 7.59 -21.38 34.97
N ASN E 126 6.30 -21.45 35.29
CA ASN E 126 5.78 -20.60 36.35
C ASN E 126 4.39 -21.07 36.77
N LEU E 127 3.94 -20.57 37.92
CA LEU E 127 2.56 -20.72 38.33
C LEU E 127 1.67 -19.77 37.54
N GLU E 128 1.98 -18.46 37.61
CA GLU E 128 1.28 -17.44 36.85
C GLU E 128 2.28 -16.43 36.32
N LEU E 129 2.11 -16.05 35.06
CA LEU E 129 2.94 -15.04 34.40
C LEU E 129 2.05 -13.90 33.92
N PHE E 130 2.57 -12.67 34.02
CA PHE E 130 1.84 -11.46 33.61
C PHE E 130 2.68 -10.73 32.57
N PRO E 131 2.60 -11.14 31.31
CA PRO E 131 3.62 -10.76 30.33
C PRO E 131 3.24 -9.52 29.53
N GLN E 132 2.26 -8.77 30.02
CA GLN E 132 1.78 -7.53 29.42
C GLN E 132 1.70 -6.51 30.54
N ALA E 133 2.85 -5.97 30.93
CA ALA E 133 2.88 -4.98 32.01
C ALA E 133 1.93 -3.79 31.82
N PRO E 134 1.73 -3.25 30.60
CA PRO E 134 0.77 -2.14 30.45
C PRO E 134 -0.65 -2.48 30.86
N LEU E 135 -1.04 -3.76 30.81
CA LEU E 135 -2.39 -4.19 31.15
C LEU E 135 -2.56 -4.47 32.65
N LEU E 136 -1.59 -4.09 33.48
CA LEU E 136 -1.65 -4.34 34.91
C LEU E 136 -2.10 -3.08 35.63
N THR E 137 -3.17 -3.20 36.42
CA THR E 137 -3.65 -2.12 37.27
C THR E 137 -3.21 -2.37 38.71
N LEU E 138 -3.50 -1.39 39.58
CA LEU E 138 -3.22 -1.59 41.00
C LEU E 138 -4.13 -2.64 41.62
N GLU E 139 -5.30 -2.88 41.04
CA GLU E 139 -6.14 -3.99 41.48
C GLU E 139 -5.50 -5.32 41.13
N THR E 140 -4.69 -5.36 40.07
CA THR E 140 -4.04 -6.62 39.70
C THR E 140 -2.84 -6.91 40.60
N TYR E 141 -2.06 -5.88 40.94
CA TYR E 141 -0.90 -6.09 41.82
C TYR E 141 -1.31 -6.63 43.18
N ARG E 142 -2.44 -6.13 43.72
CA ARG E 142 -2.97 -6.66 44.97
C ARG E 142 -3.47 -8.09 44.80
N GLN E 143 -4.25 -8.33 43.75
CA GLN E 143 -4.76 -9.67 43.47
C GLN E 143 -3.64 -10.67 43.23
N ILE E 144 -2.54 -10.23 42.60
CA ILE E 144 -1.37 -11.09 42.46
C ILE E 144 -0.85 -11.50 43.83
N GLY E 145 -0.80 -10.56 44.77
CA GLY E 145 -0.34 -10.86 46.11
C GLY E 145 -1.21 -11.87 46.83
N LYS E 146 -2.52 -11.84 46.57
CA LYS E 146 -3.42 -12.82 47.18
C LYS E 146 -3.11 -14.22 46.68
N ASN E 147 -3.16 -14.42 45.36
CA ASN E 147 -2.93 -15.75 44.81
C ASN E 147 -1.55 -16.28 45.18
N ALA E 148 -0.54 -15.41 45.16
CA ALA E 148 0.80 -15.84 45.58
C ALA E 148 0.80 -16.29 47.03
N ALA E 149 0.02 -15.62 47.88
CA ALA E 149 -0.11 -16.08 49.25
C ALA E 149 -0.93 -17.36 49.33
N ARG E 150 -1.95 -17.48 48.47
CA ARG E 150 -2.77 -18.69 48.46
C ARG E 150 -1.99 -19.89 47.95
N TYR E 151 -1.05 -19.68 47.01
CA TYR E 151 -0.18 -20.77 46.60
C TYR E 151 0.74 -21.22 47.73
N ALA E 152 1.19 -20.27 48.55
CA ALA E 152 2.03 -20.61 49.69
C ALA E 152 1.27 -21.45 50.72
N LYS E 153 -0.03 -21.19 50.88
CA LYS E 153 -0.88 -21.96 51.76
C LYS E 153 -1.37 -23.26 51.14
N ARG E 154 -0.69 -23.73 50.09
CA ARG E 154 -1.00 -24.96 49.38
C ARG E 154 -2.40 -24.98 48.78
N GLU E 155 -3.05 -23.82 48.69
CA GLU E 155 -4.38 -23.74 48.11
C GLU E 155 -4.27 -23.64 46.59
N SER E 156 -5.42 -23.70 45.91
CA SER E 156 -5.50 -23.67 44.46
C SER E 156 -6.35 -22.48 44.01
N PRO E 157 -5.82 -21.26 44.09
CA PRO E 157 -6.60 -20.08 43.71
C PRO E 157 -6.82 -20.00 42.21
N GLN E 158 -7.88 -19.31 41.83
CA GLN E 158 -8.17 -19.12 40.42
C GLN E 158 -7.13 -18.18 39.80
N PRO E 159 -6.87 -18.33 38.50
CA PRO E 159 -5.89 -17.46 37.85
C PRO E 159 -6.32 -16.00 37.88
N VAL E 160 -5.38 -15.13 38.26
CA VAL E 160 -5.60 -13.69 38.30
C VAL E 160 -5.99 -13.19 36.92
N PRO E 161 -7.12 -12.50 36.78
CA PRO E 161 -7.52 -12.00 35.46
C PRO E 161 -6.85 -10.68 35.11
N THR E 162 -6.71 -10.44 33.81
CA THR E 162 -6.19 -9.20 33.28
C THR E 162 -7.02 -8.75 32.08
N LEU E 163 -7.16 -7.43 31.93
CA LEU E 163 -7.85 -6.88 30.77
C LEU E 163 -7.15 -7.29 29.49
N ASN E 164 -7.92 -7.36 28.40
CA ASN E 164 -7.38 -7.70 27.10
C ASN E 164 -7.32 -6.45 26.23
N ASP E 165 -6.18 -6.24 25.59
CA ASP E 165 -6.00 -5.10 24.68
C ASP E 165 -4.92 -5.50 23.69
N GLN E 166 -5.34 -5.83 22.47
CA GLN E 166 -4.41 -6.31 21.45
C GLN E 166 -3.47 -5.20 21.00
N MET E 167 -3.88 -3.95 21.11
CA MET E 167 -3.01 -2.85 20.71
C MET E 167 -1.95 -2.54 21.75
N ALA E 168 -2.06 -3.10 22.96
CA ALA E 168 -1.12 -2.73 24.02
C ALA E 168 0.29 -3.24 23.74
N ARG E 169 0.41 -4.48 23.26
CA ARG E 169 1.74 -5.04 23.00
C ARG E 169 2.52 -4.20 22.00
N PRO E 170 2.02 -3.94 20.78
CA PRO E 170 2.81 -3.14 19.83
C PRO E 170 3.00 -1.70 20.27
N LYS E 171 2.01 -1.13 20.95
CA LYS E 171 2.10 0.26 21.37
C LYS E 171 3.21 0.47 22.40
N TYR E 172 3.42 -0.51 23.28
CA TYR E 172 4.37 -0.35 24.38
C TYR E 172 5.60 -1.23 24.24
N GLN E 173 5.68 -2.08 23.23
CA GLN E 173 6.81 -3.00 23.10
C GLN E 173 8.13 -2.24 23.05
N ALA E 174 8.22 -1.22 22.21
CA ALA E 174 9.51 -0.55 22.04
C ALA E 174 9.93 0.16 23.31
N LYS E 175 9.00 0.90 23.94
CA LYS E 175 9.35 1.60 25.16
C LYS E 175 9.74 0.61 26.27
N SER E 176 9.04 -0.52 26.36
CA SER E 176 9.34 -1.45 27.43
C SER E 176 10.71 -2.09 27.22
N ALA E 177 11.12 -2.29 25.97
CA ALA E 177 12.48 -2.74 25.69
C ALA E 177 13.50 -1.69 26.16
N ILE E 178 13.21 -0.40 25.92
CA ILE E 178 14.12 0.65 26.37
C ILE E 178 14.20 0.66 27.89
N LEU E 179 13.05 0.60 28.57
CA LEU E 179 13.05 0.57 30.03
C LEU E 179 13.79 -0.64 30.58
N HIS E 180 13.68 -1.78 29.88
CA HIS E 180 14.40 -2.98 30.32
C HIS E 180 15.90 -2.82 30.13
N ILE E 181 16.32 -2.25 28.98
CA ILE E 181 17.74 -2.04 28.73
C ILE E 181 18.35 -1.18 29.82
N LYS E 182 17.64 -0.13 30.25
CA LYS E 182 18.16 0.78 31.26
C LYS E 182 18.29 0.10 32.62
N GLU E 183 17.32 -0.75 32.99
CA GLU E 183 17.40 -1.45 34.27
C GLU E 183 18.49 -2.51 34.24
N THR E 184 18.68 -3.17 33.10
CA THR E 184 19.75 -4.14 32.95
C THR E 184 21.13 -3.53 33.18
N LYS E 185 21.27 -2.22 32.97
CA LYS E 185 22.54 -1.56 33.24
C LYS E 185 22.93 -1.66 34.71
N TYR E 186 21.96 -1.77 35.60
CA TYR E 186 22.21 -1.84 37.04
C TYR E 186 22.41 -3.26 37.54
N VAL E 187 22.71 -4.19 36.64
CA VAL E 187 22.91 -5.60 36.99
C VAL E 187 24.35 -5.80 37.42
N VAL E 188 24.54 -6.25 38.66
CA VAL E 188 25.86 -6.53 39.21
C VAL E 188 26.08 -8.04 39.17
N THR E 189 27.08 -8.48 38.41
CA THR E 189 27.33 -9.89 38.26
C THR E 189 27.80 -10.51 39.58
N GLY E 190 27.22 -11.66 39.91
CA GLY E 190 27.62 -12.38 41.10
C GLY E 190 27.27 -11.73 42.41
N LYS E 191 26.25 -10.89 42.44
CA LYS E 191 25.81 -10.22 43.67
C LYS E 191 24.52 -10.85 44.16
N ASN E 192 24.50 -11.21 45.44
CA ASN E 192 23.37 -11.87 46.06
C ASN E 192 22.26 -10.87 46.37
N PRO E 193 21.01 -11.33 46.41
CA PRO E 193 19.88 -10.43 46.72
C PRO E 193 20.05 -9.73 48.06
N GLN E 194 19.45 -8.55 48.17
CA GLN E 194 19.51 -7.73 49.37
C GLN E 194 18.08 -7.43 49.83
N GLU E 195 17.76 -7.80 51.07
CA GLU E 195 16.44 -7.53 51.61
C GLU E 195 16.25 -6.03 51.83
N LEU E 196 15.02 -5.57 51.64
CA LEU E 196 14.70 -4.15 51.72
C LEU E 196 13.66 -3.90 52.81
N ARG E 197 13.58 -2.64 53.22
CA ARG E 197 12.57 -2.19 54.18
C ARG E 197 11.66 -1.18 53.48
N VAL E 198 10.36 -1.46 53.50
CA VAL E 198 9.37 -0.71 52.72
C VAL E 198 8.61 0.23 53.65
N ALA E 199 8.48 1.49 53.23
CA ALA E 199 7.75 2.48 53.99
C ALA E 199 6.24 2.33 53.79
N ALA F 2 18.18 -40.79 -6.17
CA ALA F 2 17.00 -40.21 -6.81
C ALA F 2 17.29 -38.76 -7.19
N ARG F 3 16.54 -38.24 -8.16
CA ARG F 3 16.71 -36.89 -8.67
C ARG F 3 15.38 -36.15 -8.61
N VAL F 4 15.42 -34.86 -8.98
CA VAL F 4 14.20 -34.06 -8.95
C VAL F 4 13.17 -34.63 -9.92
N SER F 5 13.62 -35.34 -10.97
CA SER F 5 12.70 -35.99 -11.88
C SER F 5 11.92 -37.12 -11.23
N ASP F 6 12.43 -37.67 -10.13
CA ASP F 6 11.75 -38.75 -9.40
C ASP F 6 10.78 -38.23 -8.35
N TYR F 7 10.66 -36.90 -8.21
CA TYR F 7 9.81 -36.24 -7.23
C TYR F 7 8.59 -35.64 -7.91
N PRO F 8 7.41 -35.66 -7.26
CA PRO F 8 7.14 -36.30 -5.96
C PRO F 8 7.12 -37.83 -6.04
N LEU F 9 7.59 -38.50 -4.99
CA LEU F 9 7.54 -39.97 -4.98
C LEU F 9 6.12 -40.47 -5.16
N ALA F 10 5.14 -39.78 -4.56
CA ALA F 10 3.75 -40.24 -4.67
C ALA F 10 3.29 -40.34 -6.12
N ASN F 11 3.76 -39.44 -6.99
CA ASN F 11 3.33 -39.39 -8.38
C ASN F 11 4.25 -40.21 -9.29
N LYS F 12 5.55 -40.18 -9.04
CA LYS F 12 6.51 -40.81 -9.94
C LYS F 12 6.79 -42.27 -9.58
N HIS F 13 6.91 -42.59 -8.29
CA HIS F 13 7.24 -43.93 -7.83
C HIS F 13 6.54 -44.25 -6.53
N PRO F 14 5.20 -44.31 -6.54
CA PRO F 14 4.48 -44.59 -5.29
C PRO F 14 4.79 -45.96 -4.70
N GLU F 15 5.27 -46.90 -5.52
CA GLU F 15 5.64 -48.22 -5.03
C GLU F 15 6.98 -48.21 -4.29
N TRP F 16 7.81 -47.18 -4.50
CA TRP F 16 9.05 -47.05 -3.74
C TRP F 16 8.80 -46.76 -2.27
N VAL F 17 7.58 -46.33 -1.92
CA VAL F 17 7.25 -45.93 -0.56
C VAL F 17 6.69 -47.14 0.16
N LYS F 18 7.42 -47.63 1.15
CA LYS F 18 6.93 -48.63 2.09
C LYS F 18 7.05 -48.07 3.50
N THR F 19 6.29 -48.65 4.42
CA THR F 19 6.31 -48.20 5.80
C THR F 19 7.26 -49.05 6.63
N ALA F 20 7.44 -48.66 7.88
CA ALA F 20 8.34 -49.36 8.79
C ALA F 20 7.92 -50.82 9.00
N THR F 21 6.67 -51.17 8.68
CA THR F 21 6.19 -52.54 8.76
C THR F 21 5.97 -53.14 7.37
N ASN F 22 6.57 -52.55 6.34
CA ASN F 22 6.56 -53.07 4.97
C ASN F 22 5.18 -53.02 4.33
N LYS F 23 4.30 -52.14 4.80
CA LYS F 23 3.05 -51.90 4.11
C LYS F 23 3.28 -50.97 2.92
N THR F 24 2.42 -51.11 1.91
CA THR F 24 2.43 -50.21 0.76
C THR F 24 1.41 -49.10 0.96
N LEU F 25 1.47 -48.09 0.08
CA LEU F 25 0.50 -47.00 0.15
C LEU F 25 -0.91 -47.51 -0.11
N ASP F 26 -1.07 -48.50 -0.98
CA ASP F 26 -2.39 -49.01 -1.27
C ASP F 26 -2.97 -49.80 -0.10
N ASP F 27 -2.13 -50.27 0.82
CA ASP F 27 -2.61 -50.96 2.00
C ASP F 27 -3.37 -50.03 2.96
N PHE F 28 -3.26 -48.71 2.80
CA PHE F 28 -3.92 -47.77 3.70
C PHE F 28 -5.23 -47.33 3.05
N THR F 29 -6.28 -48.11 3.29
CA THR F 29 -7.64 -47.84 2.85
C THR F 29 -8.53 -47.69 4.07
N LEU F 30 -9.72 -47.11 3.85
CA LEU F 30 -10.69 -47.02 4.93
C LEU F 30 -11.05 -48.41 5.45
N GLU F 31 -11.15 -49.38 4.54
CA GLU F 31 -11.50 -50.74 4.92
C GLU F 31 -10.47 -51.33 5.87
N ASN F 32 -9.17 -51.15 5.57
CA ASN F 32 -8.15 -51.73 6.43
C ASN F 32 -8.01 -50.96 7.74
N VAL F 33 -8.29 -49.66 7.73
CA VAL F 33 -8.25 -48.91 8.99
C VAL F 33 -9.36 -49.36 9.91
N LEU F 34 -10.56 -49.59 9.36
CA LEU F 34 -11.68 -50.05 10.18
C LEU F 34 -11.49 -51.50 10.58
N SER F 35 -10.96 -52.33 9.68
CA SER F 35 -10.58 -53.71 9.99
C SER F 35 -9.43 -53.79 10.97
N ASN F 36 -8.72 -52.68 11.20
CA ASN F 36 -7.47 -52.63 11.94
C ASN F 36 -6.40 -53.55 11.35
N LYS F 37 -6.56 -53.90 10.07
CA LYS F 37 -5.45 -54.51 9.33
C LYS F 37 -4.23 -53.60 9.31
N VAL F 38 -4.44 -52.29 9.34
CA VAL F 38 -3.36 -51.32 9.54
C VAL F 38 -3.70 -50.48 10.76
N THR F 39 -2.66 -50.01 11.45
CA THR F 39 -2.81 -49.20 12.64
C THR F 39 -1.73 -48.13 12.65
N ALA F 40 -1.72 -47.33 13.72
CA ALA F 40 -0.79 -46.20 13.79
C ALA F 40 0.66 -46.66 13.73
N GLN F 41 0.94 -47.80 14.35
CA GLN F 41 2.29 -48.36 14.29
C GLN F 41 2.69 -48.72 12.87
N ASP F 42 1.72 -48.97 11.99
CA ASP F 42 2.05 -49.20 10.59
C ASP F 42 2.37 -47.90 9.86
N MET F 43 1.83 -46.77 10.30
CA MET F 43 1.93 -45.52 9.56
C MET F 43 3.14 -44.73 10.08
N ARG F 44 4.32 -45.15 9.63
CA ARG F 44 5.54 -44.48 10.02
C ARG F 44 6.49 -44.44 8.83
N ILE F 45 6.94 -43.24 8.48
CA ILE F 45 7.90 -43.09 7.40
C ILE F 45 9.19 -43.83 7.73
N THR F 46 9.82 -44.39 6.70
CA THR F 46 11.01 -45.22 6.84
C THR F 46 12.27 -44.42 6.63
N PRO F 47 13.39 -44.89 7.18
CA PRO F 47 14.69 -44.33 6.77
C PRO F 47 14.92 -44.41 5.28
N GLU F 48 14.44 -45.46 4.61
CA GLU F 48 14.61 -45.57 3.17
C GLU F 48 13.92 -44.42 2.44
N THR F 49 12.69 -44.09 2.84
CA THR F 49 11.99 -42.96 2.23
C THR F 49 12.71 -41.64 2.51
N LEU F 50 13.19 -41.44 3.74
CA LEU F 50 13.87 -40.20 4.07
C LEU F 50 15.22 -40.09 3.35
N ARG F 51 15.91 -41.22 3.13
CA ARG F 51 17.15 -41.15 2.37
C ARG F 51 16.89 -40.91 0.89
N LEU F 52 15.77 -41.41 0.37
CA LEU F 52 15.36 -41.03 -0.98
C LEU F 52 15.15 -39.52 -1.07
N GLN F 53 14.43 -38.96 -0.09
CA GLN F 53 14.14 -37.53 -0.12
C GLN F 53 15.41 -36.71 0.10
N ALA F 54 16.37 -37.23 0.87
CA ALA F 54 17.66 -36.56 1.01
C ALA F 54 18.39 -36.47 -0.32
N SER F 55 18.37 -37.56 -1.10
CA SER F 55 19.01 -37.55 -2.40
CA SER F 55 19.01 -37.54 -2.40
C SER F 55 18.34 -36.56 -3.33
N ILE F 56 17.01 -36.46 -3.26
CA ILE F 56 16.29 -35.48 -4.08
C ILE F 56 16.66 -34.06 -3.65
N ALA F 57 16.78 -33.82 -2.35
CA ALA F 57 17.19 -32.50 -1.86
C ALA F 57 18.58 -32.13 -2.35
N LYS F 58 19.53 -33.08 -2.30
CA LYS F 58 20.85 -32.82 -2.87
C LYS F 58 20.76 -32.45 -4.34
N ASP F 59 19.98 -33.22 -5.11
CA ASP F 59 19.87 -32.95 -6.55
C ASP F 59 19.21 -31.61 -6.82
N ALA F 60 18.37 -31.12 -5.91
CA ALA F 60 17.78 -29.79 -6.03
C ALA F 60 18.70 -28.69 -5.50
N GLY F 61 19.92 -29.02 -5.10
CA GLY F 61 20.86 -28.04 -4.61
C GLY F 61 20.73 -27.70 -3.14
N ARG F 62 20.11 -28.55 -2.33
CA ARG F 62 19.82 -28.24 -0.92
C ARG F 62 20.52 -29.27 -0.04
N ASP F 63 21.84 -29.10 0.10
CA ASP F 63 22.65 -30.08 0.81
C ASP F 63 22.31 -30.14 2.30
N ARG F 64 22.03 -28.99 2.93
CA ARG F 64 21.78 -29.02 4.37
C ARG F 64 20.42 -29.63 4.67
N LEU F 65 19.42 -29.33 3.84
CA LEU F 65 18.13 -30.02 3.95
C LEU F 65 18.31 -31.52 3.87
N ALA F 66 19.11 -31.97 2.90
CA ALA F 66 19.37 -33.41 2.78
C ALA F 66 19.98 -33.97 4.06
N MET F 67 20.90 -33.22 4.68
CA MET F 67 21.55 -33.70 5.90
CA MET F 67 21.55 -33.74 5.88
C MET F 67 20.56 -33.83 7.04
N ASN F 68 19.62 -32.89 7.12
CA ASN F 68 18.55 -32.98 8.09
C ASN F 68 17.72 -34.24 7.84
N PHE F 69 17.41 -34.53 6.57
CA PHE F 69 16.69 -35.77 6.25
C PHE F 69 17.51 -37.01 6.59
N GLU F 70 18.85 -36.93 6.47
CA GLU F 70 19.68 -38.07 6.86
C GLU F 70 19.62 -38.31 8.37
N ARG F 71 19.65 -37.24 9.16
CA ARG F 71 19.50 -37.38 10.61
C ARG F 71 18.14 -37.97 10.94
N ALA F 72 17.09 -37.43 10.31
CA ALA F 72 15.73 -37.92 10.50
C ALA F 72 15.61 -39.41 10.20
N ALA F 73 16.24 -39.87 9.11
CA ALA F 73 16.22 -41.30 8.78
C ALA F 73 16.71 -42.13 9.96
N GLU F 74 17.77 -41.66 10.63
CA GLU F 74 18.28 -42.38 11.80
C GLU F 74 17.28 -42.33 12.94
N LEU F 75 16.68 -41.15 13.18
CA LEU F 75 15.80 -41.01 14.34
C LEU F 75 14.48 -41.73 14.18
N THR F 76 14.17 -42.27 12.99
CA THR F 76 12.95 -43.06 12.87
C THR F 76 12.97 -44.25 13.83
N ALA F 77 14.15 -44.74 14.17
CA ALA F 77 14.28 -45.92 15.03
C ALA F 77 14.27 -45.60 16.51
N VAL F 78 14.24 -44.31 16.88
CA VAL F 78 14.34 -43.89 18.28
C VAL F 78 12.93 -43.70 18.82
N PRO F 79 12.58 -44.30 19.95
CA PRO F 79 11.20 -44.19 20.45
C PRO F 79 10.83 -42.76 20.80
N ASP F 80 9.53 -42.49 20.77
CA ASP F 80 9.01 -41.14 20.97
C ASP F 80 9.55 -40.51 22.26
N ASP F 81 9.45 -41.23 23.37
CA ASP F 81 9.90 -40.69 24.65
C ASP F 81 11.38 -40.35 24.62
N ARG F 82 12.19 -41.21 24.01
CA ARG F 82 13.64 -40.99 23.96
C ARG F 82 13.98 -39.77 23.10
N ILE F 83 13.22 -39.56 22.02
CA ILE F 83 13.37 -38.33 21.22
C ILE F 83 13.31 -37.10 22.13
N LEU F 84 12.27 -37.03 22.96
CA LEU F 84 12.10 -35.88 23.84
C LEU F 84 13.24 -35.79 24.86
N GLU F 85 13.70 -36.95 25.36
CA GLU F 85 14.80 -36.95 26.32
C GLU F 85 16.07 -36.37 25.72
N ILE F 86 16.39 -36.79 24.48
CA ILE F 86 17.63 -36.30 23.87
C ILE F 86 17.51 -34.81 23.57
N TYR F 87 16.36 -34.37 23.09
CA TYR F 87 16.14 -32.94 22.85
C TYR F 87 16.37 -32.15 24.13
N ASN F 88 15.79 -32.60 25.26
CA ASN F 88 15.96 -31.87 26.51
C ASN F 88 17.42 -31.87 26.96
N ALA F 89 18.11 -33.00 26.79
CA ALA F 89 19.51 -33.09 27.22
C ALA F 89 20.40 -32.12 26.47
N LEU F 90 20.03 -31.76 25.24
CA LEU F 90 20.80 -30.79 24.44
C LEU F 90 20.50 -29.34 24.81
N ARG F 91 19.55 -29.09 25.71
CA ARG F 91 19.30 -27.72 26.15
C ARG F 91 20.44 -27.26 27.06
N PRO F 92 20.71 -25.95 27.10
CA PRO F 92 21.89 -25.49 27.85
C PRO F 92 21.77 -25.81 29.34
N TYR F 93 22.91 -26.17 29.93
CA TYR F 93 23.06 -26.45 31.34
C TYR F 93 22.34 -27.73 31.81
N ARG F 94 21.77 -28.51 30.89
CA ARG F 94 21.03 -29.70 31.30
C ARG F 94 21.93 -30.91 31.51
N SER F 95 23.06 -30.98 30.83
CA SER F 95 23.84 -32.21 30.77
C SER F 95 25.30 -31.94 31.10
N THR F 96 25.95 -32.95 31.66
CA THR F 96 27.41 -32.92 31.71
C THR F 96 27.95 -33.37 30.37
N LYS F 97 29.24 -33.06 30.13
CA LYS F 97 29.89 -33.56 28.92
C LYS F 97 29.77 -35.08 28.83
N GLU F 98 29.92 -35.76 29.98
CA GLU F 98 29.84 -37.23 30.00
C GLU F 98 28.46 -37.71 29.57
N GLU F 99 27.40 -37.08 30.09
CA GLU F 99 26.04 -37.51 29.73
C GLU F 99 25.76 -37.35 28.24
N LEU F 100 26.21 -36.24 27.64
CA LEU F 100 26.03 -36.08 26.21
C LEU F 100 26.82 -37.12 25.43
N LEU F 101 28.03 -37.44 25.89
CA LEU F 101 28.80 -38.49 25.23
C LEU F 101 28.13 -39.85 25.36
N ALA F 102 27.46 -40.11 26.48
CA ALA F 102 26.76 -41.37 26.64
C ALA F 102 25.50 -41.43 25.78
N ILE F 103 24.82 -40.30 25.61
CA ILE F 103 23.70 -40.24 24.66
C ILE F 103 24.17 -40.55 23.26
N ALA F 104 25.33 -40.01 22.88
CA ALA F 104 25.85 -40.23 21.54
C ALA F 104 26.21 -41.70 21.33
N ASP F 105 26.94 -42.30 22.27
CA ASP F 105 27.28 -43.71 22.16
C ASP F 105 26.04 -44.56 22.10
N ASP F 106 25.02 -44.21 22.90
CA ASP F 106 23.76 -44.95 22.87
C ASP F 106 23.07 -44.78 21.51
N LEU F 107 23.04 -43.56 20.99
CA LEU F 107 22.52 -43.32 19.66
C LEU F 107 23.20 -44.21 18.63
N GLU F 108 24.53 -44.27 18.66
CA GLU F 108 25.27 -45.03 17.66
C GLU F 108 25.12 -46.53 17.88
N SER F 109 25.31 -46.99 19.12
CA SER F 109 25.36 -48.43 19.32
C SER F 109 23.98 -49.07 19.35
N ARG F 110 22.97 -48.35 19.83
CA ARG F 110 21.63 -48.93 19.99
C ARG F 110 20.74 -48.68 18.78
N TYR F 111 20.98 -47.62 18.01
CA TYR F 111 20.13 -47.27 16.89
C TYR F 111 20.86 -47.15 15.56
N GLN F 112 22.18 -47.36 15.54
CA GLN F 112 22.99 -47.15 14.33
C GLN F 112 22.88 -45.70 13.84
N ALA F 113 22.57 -44.78 14.74
CA ALA F 113 22.36 -43.37 14.37
C ALA F 113 23.70 -42.62 14.47
N LYS F 114 24.56 -42.89 13.49
CA LYS F 114 25.93 -42.39 13.55
C LYS F 114 26.00 -40.89 13.33
N ILE F 115 25.22 -40.38 12.38
CA ILE F 115 25.23 -38.95 12.11
C ILE F 115 24.71 -38.18 13.33
N CYS F 116 23.61 -38.64 13.92
CA CYS F 116 23.11 -37.99 15.13
C CYS F 116 24.10 -38.11 16.28
N ALA F 117 24.76 -39.27 16.41
CA ALA F 117 25.75 -39.43 17.47
C ALA F 117 26.86 -38.41 17.31
N ALA F 118 27.38 -38.24 16.09
CA ALA F 118 28.40 -37.24 15.83
C ALA F 118 27.90 -35.83 16.11
N PHE F 119 26.64 -35.55 15.72
CA PHE F 119 26.01 -34.26 16.02
C PHE F 119 26.01 -33.99 17.53
N VAL F 120 25.68 -35.00 18.34
CA VAL F 120 25.61 -34.80 19.78
C VAL F 120 27.02 -34.65 20.38
N ARG F 121 28.00 -35.41 19.87
CA ARG F 121 29.36 -35.27 20.36
C ARG F 121 29.94 -33.91 20.02
N GLU F 122 29.57 -33.37 18.87
CA GLU F 122 30.00 -32.02 18.49
C GLU F 122 29.45 -31.00 19.48
N ALA F 123 28.16 -31.10 19.78
CA ALA F 123 27.55 -30.24 20.79
C ALA F 123 28.32 -30.34 22.11
N ALA F 124 28.57 -31.58 22.58
CA ALA F 124 29.32 -31.76 23.81
C ALA F 124 30.63 -30.99 23.77
N THR F 125 31.38 -31.11 22.67
CA THR F 125 32.67 -30.44 22.58
C THR F 125 32.51 -28.92 22.64
N LEU F 126 31.57 -28.38 21.88
CA LEU F 126 31.39 -26.93 21.84
C LEU F 126 30.69 -26.42 23.10
N TYR F 127 29.86 -27.23 23.74
CA TYR F 127 29.28 -26.83 25.03
C TYR F 127 30.36 -26.69 26.10
N VAL F 128 31.43 -27.50 26.04
CA VAL F 128 32.60 -27.25 26.89
C VAL F 128 33.18 -25.88 26.60
N GLU F 129 33.50 -25.62 25.33
CA GLU F 129 34.09 -24.34 24.95
C GLU F 129 33.24 -23.16 25.38
N ARG F 130 31.92 -23.24 25.17
CA ARG F 130 31.04 -22.11 25.41
C ARG F 130 30.33 -22.18 26.77
N LYS F 131 30.70 -23.12 27.64
CA LYS F 131 30.22 -23.18 29.02
C LYS F 131 28.69 -23.30 29.09
N LYS F 132 28.15 -24.29 28.38
CA LYS F 132 26.72 -24.54 28.34
C LYS F 132 26.38 -25.92 28.90
N LEU F 133 27.22 -26.44 29.79
CA LEU F 133 26.99 -27.72 30.43
C LEU F 133 26.50 -27.50 31.85
N LYS F 134 25.98 -28.58 32.44
CA LYS F 134 25.50 -28.52 33.82
C LYS F 134 26.60 -27.97 34.73
N GLY F 135 26.21 -27.06 35.62
CA GLY F 135 27.16 -26.43 36.53
C GLY F 135 27.82 -25.18 35.99
N ASP F 136 27.57 -24.84 34.73
CA ASP F 136 28.16 -23.64 34.12
C ASP F 136 27.29 -22.40 34.27
N ASP F 137 26.07 -22.53 34.78
CA ASP F 137 25.15 -21.41 34.94
C ASP F 137 25.14 -20.88 36.37
C1 PGO G . -6.89 19.19 -10.84
C2 PGO G . -6.75 17.79 -10.30
C3 PGO G . -8.05 17.29 -9.70
O1 PGO G . -5.65 19.65 -11.33
O2 PGO G . -5.74 17.78 -9.31
CA CA H . -3.69 18.97 -9.95
K K I . -8.00 9.52 -21.52
N NH4 J . -4.91 24.61 -14.35
C5' FWK K . -13.51 18.43 -17.27
C4' FWK K . -12.17 18.86 -16.72
O4' FWK K . -11.73 17.88 -15.76
C3' FWK K . -11.07 18.92 -17.75
O3' FWK K . -11.03 20.21 -18.39
C2' FWK K . -9.83 18.65 -16.92
O2' FWK K . -9.35 19.88 -16.39
C1' FWK K . -10.30 17.82 -15.74
N9 FWK K . -10.01 16.37 -15.84
C8 FWK K . -10.02 15.53 -14.78
N7 FWK K . -9.80 14.25 -15.15
C5 FWK K . -9.65 14.25 -16.48
C4 FWK K . -9.80 15.65 -16.95
N3 FWK K . -9.70 15.90 -18.28
C2 FWK K . -9.46 14.91 -19.15
N1 FWK K . -9.30 13.62 -18.78
C6 FWK K . -9.38 13.22 -17.50
N6 FWK K . -9.23 11.91 -17.16
C6' FWK K . -14.51 18.64 -16.16
CO B12 L . -16.50 17.97 -16.77
N21 B12 L . -17.19 19.55 -16.12
N22 B12 L . -16.23 18.67 -18.49
N23 B12 L . -15.93 16.29 -17.28
N24 B12 L . -16.79 17.42 -15.05
C1 B12 L . -17.80 19.51 -14.79
C20 B12 L . -19.26 19.08 -14.81
C2 B12 L . -17.67 20.98 -14.31
C25 B12 L . -18.80 21.39 -13.38
C26 B12 L . -16.32 21.20 -13.62
C27 B12 L . -16.11 22.64 -13.20
O28 B12 L . -15.83 23.51 -14.01
N29 B12 L . -16.27 22.91 -11.90
C3 B12 L . -17.66 21.75 -15.64
C30 B12 L . -19.05 22.27 -16.06
C31 B12 L . -19.24 23.77 -15.82
C32 B12 L . -20.68 24.14 -16.06
O34 B12 L . -21.11 24.22 -17.21
N33 B12 L . -21.45 24.38 -15.00
C4 B12 L . -17.14 20.72 -16.60
C5 B12 L . -16.55 21.06 -17.93
C35 B12 L . -16.29 22.53 -18.16
C6 B12 L . -16.25 20.10 -18.82
C7 B12 L . -15.81 20.26 -20.28
C36 B12 L . -16.60 21.26 -21.14
C37 B12 L . -14.31 20.56 -20.24
C38 B12 L . -13.64 20.74 -21.59
O39 B12 L . -13.25 19.79 -22.24
N40 B12 L . -13.47 21.99 -22.01
C8 B12 L . -16.06 18.85 -20.81
C41 B12 L . -17.46 18.68 -21.40
C42 B12 L . -17.70 17.31 -22.03
C43 B12 L . -19.16 17.13 -22.44
O44 B12 L . -19.98 16.70 -21.65
N45 B12 L . -19.48 17.44 -23.70
C9 B12 L . -15.93 18.04 -19.56
C10 B12 L . -15.37 16.69 -19.62
C11 B12 L . -15.32 15.93 -18.54
C12 B12 L . -14.72 14.55 -18.45
C46 B12 L . -13.30 14.64 -17.90
C47 B12 L . -14.71 13.81 -19.79
C13 B12 L . -15.67 13.95 -17.42
C48 B12 L . -16.87 13.19 -18.04
C49 B12 L . -17.87 14.04 -18.85
C50 B12 L . -18.98 13.26 -19.52
O51 B12 L . -19.01 12.04 -19.50
N52 B12 L . -19.95 13.99 -20.11
C14 B12 L . -16.02 15.19 -16.62
C15 B12 L . -16.30 15.05 -15.16
C53 B12 L . -16.18 13.66 -14.61
C16 B12 L . -16.61 16.13 -14.43
C17 B12 L . -16.80 16.35 -12.94
C54 B12 L . -15.41 16.40 -12.32
C55 B12 L . -17.60 15.28 -12.17
C56 B12 L . -18.99 14.90 -12.69
C57 B12 L . -19.29 13.56 -12.03
O58 B12 L . -18.43 12.69 -12.02
N59 B12 L . -20.50 13.36 -11.49
C18 B12 L . -17.49 17.71 -12.87
C60 B12 L . -17.11 18.44 -11.58
C61 B12 L . -18.30 18.72 -10.68
O63 B12 L . -19.34 18.06 -10.74
N62 B12 L . -18.13 19.72 -9.83
C19 B12 L . -16.97 18.46 -14.07
C1P B12 L . -20.91 12.12 -10.82
C2P B12 L . -21.81 11.31 -11.73
C3P B12 L . -22.18 9.95 -11.10
O3 B12 L . -23.02 12.03 -12.00
O4 B12 L . -24.72 13.20 -13.39
O5 B12 L . -23.56 11.05 -14.30
P B12 L . -23.50 12.33 -13.49
O2 B12 L . -22.28 13.22 -14.04
C3R B12 L . -22.11 13.42 -15.43
C2R B12 L . -22.03 14.89 -15.78
O7R B12 L . -21.27 15.55 -14.76
C1R B12 L . -21.27 14.87 -17.09
O6R B12 L . -20.38 13.74 -16.98
C4R B12 L . -20.74 12.93 -15.86
C5R B12 L . -20.72 11.47 -16.28
O8R B12 L . -21.53 11.27 -17.44
N1B B12 L . -20.44 16.06 -17.32
C8B B12 L . -20.75 17.20 -17.98
C2B B12 L . -19.17 16.13 -16.91
N3B B12 L . -18.64 17.29 -17.27
C9B B12 L . -19.53 18.06 -17.93
C4B B12 L . -19.57 19.33 -18.51
C5B B12 L . -20.74 19.76 -19.14
C5M B12 L . -20.82 21.12 -19.79
C6B B12 L . -21.95 18.89 -19.17
C6M B12 L . -23.21 19.41 -19.84
C7B B12 L . -21.92 17.64 -18.58
C1 PGO M . 2.48 -17.77 15.04
C2 PGO M . 2.55 -16.40 14.40
C3 PGO M . 1.95 -15.39 15.35
O1 PGO M . 3.01 -18.73 14.15
O2 PGO M . 1.83 -16.41 13.18
CA CA N . 2.14 -18.44 11.80
K K O . 15.88 -12.25 15.37
N NH4 P . 3.96 -24.30 15.71
C5' FWK Q . 8.17 -16.74 22.13
C4' FWK Q . 7.58 -17.46 20.93
O4' FWK Q . 7.07 -16.50 20.00
C3' FWK Q . 8.63 -18.24 20.17
O3' FWK Q . 8.75 -19.56 20.70
C2' FWK Q . 8.12 -18.19 18.74
O2' FWK Q . 7.25 -19.30 18.52
C1' FWK Q . 7.29 -16.93 18.66
N9 FWK Q . 7.95 -15.77 18.02
C8 FWK Q . 7.26 -14.71 17.55
N7 FWK Q . 8.09 -13.77 17.04
C5 FWK Q . 9.34 -14.23 17.19
C4 FWK Q . 9.25 -15.54 17.85
N3 FWK Q . 10.40 -16.21 18.10
C2 FWK Q . 11.59 -15.68 17.78
N1 FWK Q . 11.75 -14.48 17.17
C6 FWK Q . 10.69 -13.71 16.86
N6 FWK Q . 10.84 -12.50 16.25
C6' FWK Q . 7.00 -16.20 22.93
CO B12 R . 7.62 -15.07 24.71
N21 B12 R . 6.32 -15.97 25.64
N22 B12 R . 8.92 -16.34 25.06
N23 B12 R . 8.77 -13.97 23.77
N24 B12 R . 6.24 -13.91 24.39
C1 B12 R . 5.06 -15.27 25.88
C20 B12 R . 5.06 -14.34 27.10
C2 B12 R . 4.06 -16.42 26.05
C25 B12 R . 2.92 -16.06 27.00
C26 B12 R . 3.50 -16.76 24.67
C27 B12 R . 2.67 -18.02 24.53
O28 B12 R . 2.35 -18.73 25.48
N29 B12 R . 2.30 -18.32 23.27
C3 B12 R . 4.95 -17.55 26.57
C30 B12 R . 4.99 -17.66 28.09
C31 B12 R . 4.23 -18.90 28.59
C32 B12 R . 4.21 -18.96 30.10
O34 B12 R . 5.21 -19.29 30.73
N33 B12 R . 3.06 -18.65 30.72
C4 B12 R . 6.30 -17.16 26.02
C5 B12 R . 7.43 -18.14 25.84
C35 B12 R . 7.07 -19.60 26.00
C6 B12 R . 8.67 -17.70 25.53
C7 B12 R . 9.97 -18.47 25.52
C36 B12 R . 10.27 -19.36 26.74
C37 B12 R . 10.03 -19.24 24.18
C38 B12 R . 11.26 -20.10 23.97
O39 B12 R . 12.24 -19.67 23.37
N40 B12 R . 11.23 -21.33 24.45
C8 B12 R . 10.98 -17.33 25.48
C41 B12 R . 11.43 -16.87 26.87
C42 B12 R . 12.55 -15.83 26.76
C43 B12 R . 12.90 -15.30 28.13
O44 B12 R . 12.27 -14.38 28.61
N45 B12 R . 13.94 -15.85 28.77
C9 B12 R . 10.16 -16.26 24.84
C10 B12 R . 10.81 -15.32 23.92
C11 B12 R . 10.12 -14.31 23.39
C12 B12 R . 10.66 -13.32 22.41
C46 B12 R . 10.26 -13.74 21.01
C47 B12 R . 12.18 -13.20 22.51
C13 B12 R . 9.84 -12.09 22.83
C48 B12 R . 10.50 -11.17 23.88
C49 B12 R . 10.83 -11.83 25.23
C50 B12 R . 11.62 -10.95 26.18
O51 B12 R . 11.93 -9.81 25.86
N52 B12 R . 11.92 -11.50 27.36
C14 B12 R . 8.58 -12.78 23.32
C15 B12 R . 7.27 -12.10 23.15
C53 B12 R . 7.27 -10.83 22.35
C16 B12 R . 6.17 -12.66 23.66
C17 B12 R . 4.71 -12.25 23.60
C54 B12 R . 4.24 -12.62 22.20
C55 B12 R . 4.37 -10.76 23.84
C56 B12 R . 4.71 -10.15 25.20
C57 B12 R . 4.66 -8.64 24.98
O58 B12 R . 5.20 -8.15 23.99
N59 B12 R . 4.03 -7.87 25.86
C18 B12 R . 4.08 -13.15 24.66
C60 B12 R . 2.61 -13.41 24.37
C61 B12 R . 1.73 -12.79 25.42
O63 B12 R . 1.97 -11.69 25.90
N62 B12 R . 0.68 -13.52 25.82
C19 B12 R . 4.91 -14.41 24.65
C1P B12 R . 3.87 -6.42 25.76
C2P B12 R . 4.95 -5.74 26.61
C3P B12 R . 4.89 -4.23 26.44
O3 B12 R . 4.76 -6.07 27.99
O4 B12 R . 5.41 -6.94 30.24
O5 B12 R . 7.23 -5.75 28.83
P B12 R . 5.98 -6.61 28.88
O2 B12 R . 6.31 -7.99 28.10
C3R B12 R . 7.54 -8.66 28.34
C2R B12 R . 7.34 -10.09 28.79
O7R B12 R . 6.24 -10.64 28.06
C1R B12 R . 8.64 -10.75 28.38
O6R B12 R . 9.11 -10.02 27.25
C4R B12 R . 8.29 -8.85 27.03
C5R B12 R . 9.14 -7.63 26.67
O8R B12 R . 10.30 -7.54 27.51
N1B B12 R . 8.47 -12.16 27.96
C8B B12 R . 8.59 -13.29 28.70
C2B B12 R . 8.18 -12.51 26.71
N3B B12 R . 8.12 -13.85 26.60
C9B B12 R . 8.34 -14.44 27.79
C4B B12 R . 8.37 -15.75 28.28
C5B B12 R . 8.66 -15.97 29.62
C5M B12 R . 8.70 -17.37 30.19
C6B B12 R . 8.91 -14.83 30.54
C6M B12 R . 9.21 -15.09 31.99
C7B B12 R . 8.87 -13.52 30.05
#